data_9EZY
#
_entry.id   9EZY
#
_cell.length_a   1.00
_cell.length_b   1.00
_cell.length_c   1.00
_cell.angle_alpha   90.00
_cell.angle_beta   90.00
_cell.angle_gamma   90.00
#
_symmetry.space_group_name_H-M   'P 1'
#
loop_
_entity.id
_entity.type
_entity.pdbx_description
1 polymer 'Helicase/UvrB N-terminal domain-containing protein'
2 polymer 'Vibrio cholerae DdmE'
3 polymer "14 nucleotide DNA guide with terminal 5' phosphate"
4 polymer 'Target DNA strand'
5 polymer 'Non-target DNA strand'
6 non-polymer 'MAGNESIUM ION'
#
loop_
_entity_poly.entity_id
_entity_poly.type
_entity_poly.pdbx_seq_one_letter_code
_entity_poly.pdbx_strand_id
1 'polypeptide(L)'
;SNAMNVSIEEFTHFDFQLVPEPSPLDLVITEPLKNHIEVNGVKSGALLPLPFQTGIGKTYTALNFLLQQMLEQVRSELKE
ENTGKKSKRLLYYVTDSVDNVVSAKADLLKLIEKQTVKGEPRFTLEQQEYLKAQIVHLPNQSEQLLQCSDAVLNDVLIGF
NLNAERDVQAEWSAISGLRRHASNPEVKISLNRQAGYFYRNLIDRLQKKQKGADRVLLSGSLLASVETLLPGEKIRNGSA
HVAFLTTSKFLKGFHNTRSRYSPLRDLSGAVLIIDEIDKQNQVILSELCKQQAQDLIWAIRTLRANFRDHQLESSPRYDK
IEDLFEPLRERLEEFGTNWNLAFAFNTEGANLNERPVRLFSDRSFTHVSSATHKLSLKSDFLRRKNLIFSDEKVEGSLIE
KHGLLTRFVNEADVIYQWFLGTMRKAVFQYWENVRGLEIEVRENRSLEGTFQEAVQSLLTHFNLQEFESAVYESFDTRGL
RQSAGGKANKLSSSKSYHHTGLKLVEVAHNQGTRDTVNCKASFLNTSPSGVLADMVDAGAVILGISATARADTVIHNFDF
KYLNERLGNKLLSLSREQKQRVNNYYHSRRNYKDNGVVLTVKYLNSRDAFLDALLEEYKPEARSSHFILNHYLGIAESEQ
AFVRSWLSKLLASIKAFISSPDNRYMLSLLNRTLDTTRQNINDFIQFCCDKWAKEFNVKTKTFFGVNADWMRLVGYDEIS
KHLNTELGKVVVFSTYASMGAGKNPDYAVNLALEGESLISVADVTYSTQLRSDIDSIYLEKPTQLLLSDDYSHTANQLCQ
FHQILSLQENGELSPKSAENWCRQQLMGMSRERSLQQYHQTSDYQSAVRKYIEQAVGRAGRTSLKRKQILLFVDSGLKEI
LAEESRDPSLFSHEYVALVNKAKSAGKSIVEDRAVRRLFNLAQRNNKDGMLSIKALVHRLHNQPASKSDIQEWQDIRTQL
LRYPTVAFQPERFNRLYLQSMTKGYYRYQGNLDGDPNSFEFFDRVPYGDMVSEEDCSLATLVQNQYVRPWFERKGFACSW
QKEANVMTPIMFTNIYKGALGEQAVEAVLTAFDFTFEEVPNSIYERFDNRVIFAGIEQPIWLDSKYWKHEGNESSEGYSS
KIALVEEEFGPSKFIYVNALGDTSKPIRYLNSCFVETSPQLAKVIEIPALIDDSNADTNRTAVQELIKWLHHS
;
A
2 'polypeptide(L)'
;SNAMVTPQLEPSSQGPLSTLIEQISIDTDWVDRSFAIYCVSYKGIDFSERPKRLVTLASETYKSGSVYCLVKGANKEACY
WVLLPKDSKLDLKDTSLAIKPSSAAELPTWQLARLLIKAIPKVLSGTMPEIKRFESEGLYYLVKSKKLPKDHSGYELTTV
EIDLAPCAALGFKQTLSMGTKTFSPLSWFTLENGEVQKKARFATRYQLDDVGKLVSKSIKGDYIKKPLYSNAKNRIQAID
ITKESYSGFQLSKVGILEQFMQDLKQAYGDSVSVKLQRIPGEKHRFVSDTIVKNHYVGLFDALKEHRLVICDLTENQDTD
AALTLLHGIEHLDINAEIAEVPIRGALNILIVGNKDTYKSDEEDPYQVYRKKYQDTVFQSCYPERLWNRQGQPNRHVVEV
LLKELLIKLEVHTRKHLIEYPSGPERCVYYMPQRPKDESSEVRDEPWPVYASKLVGDEWQYTQATQEELEDIELDLGNDK
RHVFHGFERSPVIYWPETGDYAIFIDTGIQMLPEFEAVAERLRELKEGRSQDVPIALLAQFIEENPESKVINKLRAILSE
WDDVAPLPFDEFSTIAYKSSDEKQFYDWLREQGFFLKTSIRGQSEGFFNASLGFFYNREQGMYFAGGKGSPQSKIETFSH
LYLIKHSFDALPEEVENLFDVYHLRHRLPTVTPYPFKHLREYVEMQRFRS
;
B
3 'polydeoxyribonucleotide' (DA)(DT)(DA)(DA)(DT)(DT)(DC)(DT)(DG)(DT)(DC)(DC)(DA)(DG)(DA) C
4 'polydeoxyribonucleotide'
;(DA)(DT)(DC)(DT)(DA)(DT)(DC)(DT)(DG)(DA)(DT)(DC)(DG)(DT)(DT)(DG)(DT)(DC)(DG)(DT)
(DC)(DG)(DT)(DC)(DT)(DG)(DG)(DA)(DC)(DA)(DG)(DA)(DA)(DT)(DT)(DA)(DC)(DT)(DG)(DG)
(DT)(DA)(DA)(DC)(DT)(DA)(DC)(DG)(DG)(DT)(DG)(DG)(DA)(DC)(DA)(DA)(DT)(DG)(DC)(DT)
(DA)(DC)(DC)(DT)(DT)(DA)
;
D
5 'polydeoxyribonucleotide'
;(DT)(DA)(DA)(DG)(DG)(DT)(DA)(DG)(DC)(DA)(DT)(DT)(DG)(DT)(DC)(DC)(DA)(DC)(DC)(DG)
(DT)(DA)(DG)(DT)(DT)(DA)(DC)(DC)(DA)(DG)(DT)(DT)(DT)(DT)(DT)(DT)(DT)(DT)(DT)(DT)
(DT)(DT)(DT)(DT)(DC)(DG)(DA)(DC)(DG)(DA)(DC)(DA)(DA)(DC)(DG)(DA)(DT)(DC)(DA)(DG)
(DA)(DT)(DA)(DG)(DA)(DT)
;
E
#
# COMPACT_ATOMS: atom_id res chain seq x y z
N VAL A 6 39.08 -31.95 33.66
CA VAL A 6 38.44 -31.31 32.48
C VAL A 6 39.50 -30.79 31.54
N SER A 7 39.93 -31.62 30.60
CA SER A 7 40.94 -31.25 29.64
C SER A 7 40.78 -32.10 28.39
N ILE A 8 41.47 -31.69 27.32
CA ILE A 8 41.38 -32.43 26.06
C ILE A 8 41.87 -33.85 26.23
N GLU A 9 42.67 -34.11 27.27
CA GLU A 9 43.23 -35.45 27.46
C GLU A 9 42.14 -36.48 27.73
N GLU A 10 40.97 -36.03 28.21
CA GLU A 10 39.90 -36.97 28.53
C GLU A 10 39.43 -37.74 27.30
N PHE A 11 39.68 -37.25 26.10
CA PHE A 11 39.28 -37.92 24.88
C PHE A 11 40.39 -38.75 24.25
N THR A 12 41.54 -38.87 24.91
CA THR A 12 42.63 -39.64 24.35
C THR A 12 42.21 -41.08 24.06
N HIS A 13 41.38 -41.66 24.91
CA HIS A 13 40.87 -43.02 24.72
C HIS A 13 39.51 -43.05 24.04
N PHE A 14 38.97 -41.89 23.67
CA PHE A 14 37.66 -41.83 23.05
C PHE A 14 37.73 -42.36 21.62
N ASP A 15 36.70 -43.10 21.22
CA ASP A 15 36.60 -43.65 19.87
C ASP A 15 35.82 -42.66 19.01
N PHE A 16 36.52 -41.93 18.15
CA PHE A 16 35.86 -40.93 17.31
C PHE A 16 35.15 -41.55 16.12
N GLN A 17 35.45 -42.81 15.80
CA GLN A 17 34.74 -43.51 14.74
C GLN A 17 33.44 -44.14 15.22
N LEU A 18 33.19 -44.14 16.53
CA LEU A 18 31.97 -44.69 17.09
C LEU A 18 30.89 -43.62 17.14
N VAL A 19 29.82 -43.82 16.38
CA VAL A 19 28.76 -42.80 16.26
C VAL A 19 27.41 -43.47 16.36
N PRO A 20 26.39 -42.72 16.75
CA PRO A 20 25.02 -43.24 16.69
C PRO A 20 24.62 -43.54 15.25
N GLU A 21 23.75 -44.53 15.09
CA GLU A 21 23.29 -44.91 13.76
C GLU A 21 22.69 -43.70 13.05
N PRO A 22 23.33 -43.18 12.00
CA PRO A 22 22.80 -41.98 11.35
C PRO A 22 21.39 -42.20 10.83
N SER A 23 20.54 -41.19 11.01
CA SER A 23 19.23 -41.19 10.39
C SER A 23 19.33 -40.62 8.98
N PRO A 24 18.29 -40.80 8.17
CA PRO A 24 18.34 -40.25 6.81
C PRO A 24 18.62 -38.76 6.78
N LEU A 25 18.13 -38.00 7.74
CA LEU A 25 18.40 -36.56 7.79
C LEU A 25 19.87 -36.30 8.05
N ASP A 26 20.50 -37.08 8.93
CA ASP A 26 21.93 -36.90 9.19
C ASP A 26 22.74 -37.13 7.92
N LEU A 27 22.42 -38.18 7.17
CA LEU A 27 23.11 -38.44 5.90
C LEU A 27 22.86 -37.31 4.92
N VAL A 28 21.62 -36.83 4.87
CA VAL A 28 21.28 -35.74 3.96
C VAL A 28 22.10 -34.50 4.27
N ILE A 29 22.33 -34.23 5.55
CA ILE A 29 23.17 -33.10 5.92
C ILE A 29 24.63 -33.36 5.54
N THR A 30 25.13 -34.55 5.86
CA THR A 30 26.57 -34.78 5.80
C THR A 30 27.08 -34.96 4.37
N GLU A 31 26.40 -35.76 3.54
CA GLU A 31 27.02 -36.14 2.29
C GLU A 31 27.10 -34.99 1.30
N PRO A 32 26.15 -34.05 1.27
CA PRO A 32 26.36 -32.86 0.44
C PRO A 32 27.59 -32.07 0.85
N LEU A 33 27.90 -32.02 2.14
CA LEU A 33 29.08 -31.30 2.59
C LEU A 33 30.35 -32.01 2.14
N LYS A 34 30.36 -33.35 2.19
CA LYS A 34 31.50 -34.10 1.67
C LYS A 34 31.68 -33.84 0.18
N ASN A 35 30.57 -33.85 -0.57
CA ASN A 35 30.65 -33.57 -2.00
C ASN A 35 31.18 -32.16 -2.24
N HIS A 36 30.73 -31.19 -1.45
CA HIS A 36 31.19 -29.82 -1.60
C HIS A 36 32.70 -29.72 -1.34
N ILE A 37 33.16 -30.37 -0.28
CA ILE A 37 34.59 -30.35 0.03
C ILE A 37 35.38 -31.00 -1.10
N GLU A 38 34.85 -32.07 -1.69
CA GLU A 38 35.53 -32.69 -2.82
C GLU A 38 35.55 -31.78 -4.04
N VAL A 39 34.49 -30.99 -4.22
CA VAL A 39 34.37 -30.14 -5.41
C VAL A 39 35.05 -28.80 -5.18
N ASN A 40 34.62 -28.05 -4.17
CA ASN A 40 35.15 -26.72 -3.91
C ASN A 40 36.35 -26.71 -2.97
N GLY A 41 36.70 -27.84 -2.37
CA GLY A 41 37.83 -27.90 -1.46
C GLY A 41 37.49 -27.34 -0.09
N VAL A 42 38.42 -27.56 0.84
CA VAL A 42 38.24 -27.02 2.19
C VAL A 42 38.30 -25.50 2.15
N LYS A 43 37.83 -24.87 3.23
CA LYS A 43 37.82 -23.43 3.41
C LYS A 43 37.16 -22.69 2.25
N SER A 44 36.12 -23.27 1.66
CA SER A 44 35.43 -22.61 0.55
C SER A 44 34.22 -21.83 1.03
N GLY A 45 33.42 -22.42 1.91
CA GLY A 45 32.16 -21.81 2.32
C GLY A 45 31.03 -22.28 1.44
N ALA A 46 29.84 -22.45 2.02
CA ALA A 46 28.72 -22.99 1.27
C ALA A 46 27.42 -22.62 1.97
N LEU A 47 26.33 -22.66 1.20
CA LEU A 47 24.99 -22.48 1.72
C LEU A 47 24.19 -23.74 1.39
N LEU A 48 23.63 -24.37 2.42
CA LEU A 48 22.94 -25.65 2.29
C LEU A 48 21.56 -25.54 2.92
N PRO A 49 20.57 -25.01 2.19
CA PRO A 49 19.19 -25.02 2.70
C PRO A 49 18.72 -26.45 2.95
N LEU A 50 18.04 -26.66 4.07
CA LEU A 50 17.59 -27.98 4.49
C LEU A 50 16.09 -27.94 4.79
N PRO A 51 15.24 -28.29 3.83
CA PRO A 51 13.79 -28.21 4.08
C PRO A 51 13.28 -29.32 5.00
N PHE A 52 13.79 -29.37 6.23
CA PHE A 52 13.30 -30.34 7.19
C PHE A 52 11.98 -29.87 7.78
N GLN A 53 10.98 -30.75 7.78
CA GLN A 53 9.73 -30.44 8.42
C GLN A 53 9.92 -30.36 9.93
N THR A 54 9.32 -29.36 10.55
CA THR A 54 9.44 -29.19 11.99
C THR A 54 8.77 -30.34 12.72
N GLY A 55 9.30 -30.66 13.89
CA GLY A 55 8.77 -31.76 14.68
C GLY A 55 9.44 -33.08 14.38
N ILE A 56 9.75 -33.32 13.11
CA ILE A 56 10.40 -34.58 12.72
C ILE A 56 11.91 -34.39 12.78
N GLY A 57 12.48 -34.49 13.98
CA GLY A 57 13.90 -34.61 14.17
C GLY A 57 14.77 -33.53 13.57
N LYS A 58 14.21 -32.35 13.26
CA LYS A 58 15.04 -31.30 12.67
C LYS A 58 16.00 -30.72 13.70
N THR A 59 15.49 -30.39 14.90
CA THR A 59 16.35 -29.85 15.95
C THR A 59 17.36 -30.89 16.40
N TYR A 60 16.92 -32.13 16.57
CA TYR A 60 17.84 -33.19 17.00
C TYR A 60 18.95 -33.38 15.97
N THR A 61 18.61 -33.39 14.68
CA THR A 61 19.62 -33.57 13.66
C THR A 61 20.58 -32.39 13.61
N ALA A 62 20.07 -31.16 13.73
CA ALA A 62 20.96 -30.00 13.74
C ALA A 62 21.94 -30.06 14.91
N LEU A 63 21.42 -30.37 16.10
CA LEU A 63 22.30 -30.43 17.27
C LEU A 63 23.26 -31.62 17.19
N ASN A 64 22.85 -32.72 16.60
CA ASN A 64 23.75 -33.85 16.42
C ASN A 64 24.89 -33.49 15.47
N PHE A 65 24.57 -32.77 14.38
CA PHE A 65 25.61 -32.30 13.49
C PHE A 65 26.56 -31.35 14.22
N LEU A 66 26.01 -30.46 15.05
CA LEU A 66 26.84 -29.55 15.81
C LEU A 66 27.78 -30.31 16.74
N LEU A 67 27.25 -31.34 17.41
CA LEU A 67 28.07 -32.14 18.33
C LEU A 67 29.14 -32.91 17.56
N GLN A 68 28.81 -33.41 16.37
CA GLN A 68 29.82 -34.09 15.57
C GLN A 68 30.93 -33.13 15.17
N GLN A 69 30.58 -31.88 14.84
CA GLN A 69 31.61 -30.89 14.56
C GLN A 69 32.46 -30.61 15.78
N MET A 70 31.86 -30.55 16.97
CA MET A 70 32.64 -30.39 18.19
C MET A 70 33.61 -31.54 18.38
N LEU A 71 33.14 -32.77 18.14
CA LEU A 71 34.02 -33.93 18.28
C LEU A 71 35.14 -33.90 17.25
N GLU A 72 34.84 -33.44 16.03
CA GLU A 72 35.89 -33.29 15.03
C GLU A 72 36.94 -32.28 15.48
N GLN A 73 36.49 -31.18 16.09
CA GLN A 73 37.43 -30.20 16.63
C GLN A 73 38.30 -30.84 17.71
N VAL A 74 37.70 -31.63 18.59
CA VAL A 74 38.47 -32.30 19.64
C VAL A 74 39.49 -33.24 19.02
N ARG A 75 39.08 -34.01 18.02
CA ARG A 75 39.98 -34.95 17.35
C ARG A 75 41.16 -34.22 16.71
N SER A 76 40.87 -33.11 16.03
CA SER A 76 41.95 -32.33 15.42
C SER A 76 42.89 -31.77 16.48
N GLU A 77 42.33 -31.29 17.60
CA GLU A 77 43.17 -30.78 18.68
C GLU A 77 44.09 -31.86 19.23
N LEU A 78 43.57 -33.08 19.40
CA LEU A 78 44.42 -34.17 19.88
C LEU A 78 45.49 -34.54 18.86
N LYS A 79 45.13 -34.58 17.57
CA LYS A 79 46.09 -35.01 16.56
C LYS A 79 47.22 -33.99 16.39
N GLU A 80 46.89 -32.70 16.38
CA GLU A 80 47.91 -31.67 16.20
C GLU A 80 48.95 -31.74 17.32
N ARG A 89 38.10 -23.65 15.02
CA ARG A 89 36.93 -23.40 14.19
C ARG A 89 35.72 -23.04 15.05
N LEU A 90 35.13 -21.88 14.75
CA LEU A 90 33.99 -21.40 15.51
C LEU A 90 32.69 -21.97 14.95
N LEU A 91 31.82 -22.42 15.85
CA LEU A 91 30.52 -22.98 15.50
C LEU A 91 29.45 -22.06 16.05
N TYR A 92 28.53 -21.64 15.19
CA TYR A 92 27.47 -20.72 15.56
C TYR A 92 26.11 -21.37 15.35
N TYR A 93 25.25 -21.25 16.36
CA TYR A 93 23.84 -21.57 16.23
C TYR A 93 23.04 -20.28 16.36
N VAL A 94 22.41 -19.87 15.27
CA VAL A 94 21.79 -18.55 15.17
C VAL A 94 20.31 -18.73 14.82
N THR A 95 19.47 -18.00 15.53
CA THR A 95 18.04 -17.94 15.22
C THR A 95 17.49 -16.63 15.75
N ASP A 96 16.34 -16.22 15.21
CA ASP A 96 15.82 -14.89 15.50
C ASP A 96 15.42 -14.73 16.96
N SER A 97 14.84 -15.76 17.57
CA SER A 97 14.23 -15.66 18.88
C SER A 97 15.22 -16.03 19.98
N VAL A 98 15.20 -15.28 21.08
CA VAL A 98 16.07 -15.58 22.21
C VAL A 98 15.69 -16.92 22.84
N ASP A 99 14.40 -17.12 23.09
CA ASP A 99 13.97 -18.37 23.71
C ASP A 99 14.32 -19.57 22.85
N ASN A 100 14.28 -19.42 21.53
CA ASN A 100 14.73 -20.51 20.66
C ASN A 100 16.20 -20.81 20.87
N VAL A 101 17.03 -19.77 21.01
CA VAL A 101 18.45 -19.97 21.24
C VAL A 101 18.68 -20.71 22.56
N VAL A 102 17.97 -20.28 23.61
CA VAL A 102 18.12 -20.92 24.91
C VAL A 102 17.68 -22.37 24.85
N SER A 103 16.55 -22.63 24.18
CA SER A 103 16.06 -24.00 24.06
C SER A 103 17.04 -24.87 23.29
N ALA A 104 17.63 -24.32 22.22
CA ALA A 104 18.61 -25.09 21.45
C ALA A 104 19.84 -25.41 22.28
N LYS A 105 20.33 -24.44 23.06
CA LYS A 105 21.49 -24.69 23.91
C LYS A 105 21.19 -25.74 24.96
N ALA A 106 20.01 -25.64 25.59
CA ALA A 106 19.62 -26.63 26.59
C ALA A 106 19.49 -28.01 25.97
N ASP A 107 18.94 -28.08 24.75
CA ASP A 107 18.79 -29.36 24.07
C ASP A 107 20.16 -29.94 23.71
N LEU A 108 21.12 -29.10 23.33
CA LEU A 108 22.46 -29.60 23.07
C LEU A 108 23.09 -30.16 24.33
N LEU A 109 22.91 -29.46 25.46
CA LEU A 109 23.43 -29.98 26.73
C LEU A 109 22.77 -31.31 27.07
N LYS A 110 21.46 -31.42 26.88
CA LYS A 110 20.77 -32.69 27.12
C LYS A 110 21.31 -33.78 26.21
N LEU A 111 21.55 -33.46 24.94
CA LEU A 111 22.08 -34.45 24.01
C LEU A 111 23.45 -34.93 24.45
N ILE A 112 24.31 -34.00 24.89
CA ILE A 112 25.62 -34.40 25.39
C ILE A 112 25.48 -35.31 26.60
N GLU A 113 24.57 -34.97 27.51
CA GLU A 113 24.44 -35.71 28.76
C GLU A 113 23.83 -37.09 28.55
N LYS A 114 22.91 -37.22 27.59
CA LYS A 114 22.07 -38.41 27.49
C LYS A 114 22.36 -39.29 26.28
N GLN A 115 23.17 -38.83 25.33
CA GLN A 115 23.44 -39.64 24.14
C GLN A 115 24.04 -40.98 24.54
N THR A 116 23.54 -42.06 23.94
CA THR A 116 24.04 -43.40 24.16
C THR A 116 24.29 -44.08 22.82
N VAL A 117 25.36 -44.86 22.75
CA VAL A 117 25.67 -45.65 21.57
C VAL A 117 25.85 -47.10 22.01
N LYS A 118 25.04 -47.99 21.43
CA LYS A 118 25.11 -49.41 21.75
C LYS A 118 24.97 -49.67 23.24
N GLY A 119 24.03 -48.96 23.87
CA GLY A 119 23.59 -49.28 25.21
C GLY A 119 24.41 -48.71 26.35
N GLU A 120 25.38 -47.85 26.08
CA GLU A 120 26.17 -47.23 27.14
C GLU A 120 26.33 -45.75 26.84
N PRO A 121 26.47 -44.92 27.86
CA PRO A 121 26.63 -43.48 27.62
C PRO A 121 27.83 -43.19 26.73
N ARG A 122 27.61 -42.34 25.73
CA ARG A 122 28.66 -42.04 24.77
C ARG A 122 29.83 -41.33 25.42
N PHE A 123 29.55 -40.38 26.31
CA PHE A 123 30.58 -39.54 26.93
C PHE A 123 30.65 -39.82 28.42
N THR A 124 31.87 -39.99 28.92
CA THR A 124 32.08 -40.05 30.36
C THR A 124 31.78 -38.69 30.99
N LEU A 125 31.56 -38.70 32.30
CA LEU A 125 31.24 -37.46 32.99
C LEU A 125 32.30 -36.41 32.74
N GLU A 126 33.57 -36.80 32.71
CA GLU A 126 34.63 -35.83 32.41
C GLU A 126 34.51 -35.30 30.98
N GLN A 127 34.27 -36.19 30.02
CA GLN A 127 34.08 -35.76 28.64
C GLN A 127 32.82 -34.90 28.52
N GLN A 128 31.75 -35.26 29.23
CA GLN A 128 30.54 -34.45 29.21
C GLN A 128 30.83 -33.04 29.72
N GLU A 129 31.56 -32.94 30.83
CA GLU A 129 31.89 -31.63 31.38
C GLU A 129 32.75 -30.83 30.41
N TYR A 130 33.74 -31.47 29.80
CA TYR A 130 34.59 -30.76 28.85
C TYR A 130 33.78 -30.23 27.68
N LEU A 131 32.91 -31.07 27.11
CA LEU A 131 32.11 -30.64 25.97
C LEU A 131 31.17 -29.51 26.37
N LYS A 132 30.48 -29.64 27.51
CA LYS A 132 29.58 -28.59 27.95
C LYS A 132 30.32 -27.30 28.28
N ALA A 133 31.61 -27.38 28.60
CA ALA A 133 32.39 -26.16 28.84
C ALA A 133 32.75 -25.45 27.55
N GLN A 134 32.68 -26.14 26.40
CA GLN A 134 33.02 -25.54 25.13
C GLN A 134 31.87 -24.76 24.50
N ILE A 135 30.69 -24.80 25.11
CA ILE A 135 29.49 -24.17 24.55
C ILE A 135 29.24 -22.87 25.30
N VAL A 136 28.93 -21.82 24.55
CA VAL A 136 28.73 -20.48 25.10
C VAL A 136 27.40 -19.94 24.62
N HIS A 137 26.74 -19.18 25.49
CA HIS A 137 25.52 -18.46 25.16
C HIS A 137 25.78 -16.97 25.33
N LEU A 138 25.36 -16.16 24.35
CA LEU A 138 25.68 -14.75 24.29
C LEU A 138 24.40 -13.93 24.20
N PRO A 139 23.74 -13.67 25.33
CA PRO A 139 22.53 -12.84 25.32
C PRO A 139 22.91 -11.36 25.25
N ASN A 140 21.88 -10.52 25.20
CA ASN A 140 22.11 -9.08 25.22
C ASN A 140 22.83 -8.68 26.50
N GLN A 141 23.38 -7.46 26.49
CA GLN A 141 24.24 -7.04 27.59
C GLN A 141 23.47 -6.93 28.90
N SER A 142 22.23 -6.44 28.87
CA SER A 142 21.46 -6.31 30.10
C SER A 142 21.23 -7.67 30.75
N GLU A 143 20.78 -8.64 29.97
CA GLU A 143 20.58 -9.99 30.51
C GLU A 143 21.91 -10.62 30.91
N GLN A 144 22.98 -10.35 30.17
CA GLN A 144 24.29 -10.88 30.54
C GLN A 144 24.71 -10.37 31.92
N LEU A 145 24.48 -9.09 32.19
CA LEU A 145 24.80 -8.56 33.51
C LEU A 145 23.89 -9.15 34.57
N LEU A 146 22.58 -9.14 34.33
CA LEU A 146 21.63 -9.61 35.35
C LEU A 146 21.78 -11.09 35.64
N GLN A 147 22.39 -11.86 34.74
CA GLN A 147 22.63 -13.27 35.01
C GLN A 147 23.81 -13.47 35.95
N CYS A 148 24.69 -12.49 36.06
CA CYS A 148 25.88 -12.62 36.90
C CYS A 148 25.53 -12.43 38.36
N SER A 149 26.06 -13.32 39.21
CA SER A 149 25.85 -13.19 40.64
C SER A 149 26.63 -12.01 41.19
N ASP A 150 26.18 -11.50 42.35
CA ASP A 150 26.88 -10.39 42.97
C ASP A 150 28.34 -10.74 43.27
N ALA A 151 28.61 -12.01 43.58
CA ALA A 151 29.98 -12.41 43.83
C ALA A 151 30.85 -12.20 42.60
N VAL A 152 30.35 -12.55 41.42
CA VAL A 152 31.14 -12.41 40.21
C VAL A 152 31.43 -10.94 39.94
N LEU A 153 30.43 -10.07 40.06
CA LEU A 153 30.66 -8.65 39.82
C LEU A 153 31.62 -8.06 40.83
N ASN A 154 31.50 -8.44 42.11
CA ASN A 154 32.42 -7.95 43.11
C ASN A 154 33.84 -8.41 42.82
N ASP A 155 34.00 -9.67 42.42
CA ASP A 155 35.32 -10.19 42.08
C ASP A 155 35.91 -9.43 40.90
N VAL A 156 35.10 -9.18 39.87
CA VAL A 156 35.60 -8.45 38.70
C VAL A 156 36.02 -7.04 39.10
N LEU A 157 35.18 -6.35 39.88
CA LEU A 157 35.50 -4.99 40.27
C LEU A 157 36.77 -4.93 41.12
N ILE A 158 36.92 -5.87 42.05
CA ILE A 158 38.09 -5.85 42.92
C ILE A 158 39.34 -6.21 42.14
N GLY A 159 39.25 -7.22 41.26
CA GLY A 159 40.42 -7.64 40.51
C GLY A 159 40.98 -6.55 39.62
N PHE A 160 40.10 -5.77 38.99
CA PHE A 160 40.51 -4.63 38.20
C PHE A 160 40.62 -3.35 39.02
N ASN A 161 40.63 -3.47 40.35
CA ASN A 161 40.71 -2.33 41.26
C ASN A 161 39.76 -1.21 40.85
N LEU A 162 38.65 -1.57 40.20
CA LEU A 162 37.68 -0.60 39.75
C LEU A 162 36.65 -0.24 40.81
N ASN A 163 36.57 -1.01 41.90
CA ASN A 163 35.65 -0.68 42.98
C ASN A 163 36.01 0.64 43.64
N ALA A 164 37.26 1.08 43.55
CA ALA A 164 37.64 2.38 44.08
C ALA A 164 36.96 3.52 43.35
N GLU A 165 36.43 3.27 42.16
CA GLU A 165 35.69 4.27 41.40
C GLU A 165 34.28 4.32 41.97
N ARG A 166 33.92 5.47 42.57
CA ARG A 166 32.68 5.55 43.32
C ARG A 166 31.45 5.46 42.41
N ASP A 167 31.52 6.01 41.19
CA ASP A 167 30.38 5.91 40.30
C ASP A 167 30.04 4.47 39.96
N VAL A 168 31.04 3.68 39.58
CA VAL A 168 30.80 2.29 39.22
C VAL A 168 30.24 1.52 40.40
N GLN A 169 30.85 1.70 41.58
CA GLN A 169 30.40 0.97 42.76
C GLN A 169 28.98 1.35 43.13
N ALA A 170 28.65 2.65 43.09
CA ALA A 170 27.31 3.09 43.44
C ALA A 170 26.28 2.52 42.46
N GLU A 171 26.58 2.57 41.16
CA GLU A 171 25.65 2.06 40.18
C GLU A 171 25.46 0.55 40.34
N TRP A 172 26.54 -0.18 40.60
CA TRP A 172 26.42 -1.62 40.80
C TRP A 172 25.62 -1.94 42.05
N SER A 173 25.81 -1.16 43.12
CA SER A 173 25.02 -1.38 44.32
C SER A 173 23.54 -1.12 44.05
N ALA A 174 23.22 -0.08 43.29
CA ALA A 174 21.83 0.18 42.93
C ALA A 174 21.26 -0.98 42.12
N ILE A 175 22.03 -1.48 41.15
CA ILE A 175 21.56 -2.60 40.34
C ILE A 175 21.31 -3.82 41.22
N SER A 176 22.25 -4.11 42.12
CA SER A 176 22.10 -5.28 42.99
C SER A 176 20.86 -5.14 43.87
N GLY A 177 20.64 -3.96 44.43
CA GLY A 177 19.46 -3.72 45.23
C GLY A 177 18.18 -3.92 44.45
N LEU A 178 18.14 -3.36 43.23
CA LEU A 178 16.94 -3.47 42.41
C LEU A 178 16.67 -4.92 42.01
N ARG A 179 17.73 -5.67 41.71
CA ARG A 179 17.55 -7.03 41.18
C ARG A 179 16.83 -7.93 42.18
N ARG A 180 16.92 -7.63 43.48
CA ARG A 180 16.38 -8.50 44.50
C ARG A 180 14.86 -8.39 44.64
N HIS A 181 14.26 -7.31 44.16
CA HIS A 181 12.82 -7.13 44.32
C HIS A 181 12.14 -6.56 43.08
N ALA A 182 12.81 -6.48 41.94
CA ALA A 182 12.21 -5.88 40.75
C ALA A 182 11.23 -6.84 40.08
N SER A 183 10.12 -7.14 40.75
CA SER A 183 9.11 -8.01 40.17
C SER A 183 8.09 -7.25 39.33
N ASN A 184 7.87 -5.97 39.64
CA ASN A 184 6.93 -5.17 38.87
C ASN A 184 7.44 -5.01 37.44
N PRO A 185 6.61 -5.27 36.41
CA PRO A 185 7.12 -5.17 35.03
C PRO A 185 7.76 -3.85 34.69
N GLU A 186 7.20 -2.72 35.14
CA GLU A 186 7.82 -1.43 34.88
C GLU A 186 9.19 -1.32 35.56
N VAL A 187 9.26 -1.74 36.83
CA VAL A 187 10.55 -1.76 37.52
C VAL A 187 11.52 -2.69 36.81
N LYS A 188 11.01 -3.81 36.28
CA LYS A 188 11.87 -4.73 35.55
C LYS A 188 12.43 -4.09 34.28
N ILE A 189 11.60 -3.33 33.56
CA ILE A 189 12.07 -2.65 32.37
C ILE A 189 13.14 -1.61 32.72
N SER A 190 12.89 -0.83 33.77
CA SER A 190 13.87 0.16 34.20
C SER A 190 15.18 -0.52 34.61
N LEU A 191 15.07 -1.64 35.33
CA LEU A 191 16.26 -2.39 35.72
C LEU A 191 17.02 -2.91 34.51
N ASN A 192 16.30 -3.39 33.49
CA ASN A 192 16.95 -3.87 32.29
C ASN A 192 17.73 -2.75 31.61
N ARG A 193 17.12 -1.56 31.49
CA ARG A 193 17.81 -0.44 30.86
C ARG A 193 19.05 -0.05 31.66
N GLN A 194 18.91 0.06 32.98
CA GLN A 194 20.04 0.43 33.82
C GLN A 194 21.15 -0.61 33.74
N ALA A 195 20.79 -1.89 33.74
CA ALA A 195 21.78 -2.95 33.66
C ALA A 195 22.51 -2.90 32.32
N GLY A 196 21.78 -2.65 31.23
CA GLY A 196 22.45 -2.54 29.94
C GLY A 196 23.45 -1.41 29.91
N TYR A 197 23.05 -0.23 30.42
CA TYR A 197 23.96 0.91 30.42
C TYR A 197 25.17 0.64 31.32
N PHE A 198 24.94 0.02 32.49
CA PHE A 198 26.05 -0.28 33.39
C PHE A 198 27.01 -1.28 32.76
N TYR A 199 26.48 -2.29 32.08
CA TYR A 199 27.33 -3.25 31.40
C TYR A 199 28.16 -2.56 30.33
N ARG A 200 27.54 -1.67 29.57
CA ARG A 200 28.28 -0.91 28.56
C ARG A 200 29.44 -0.16 29.19
N ASN A 201 29.15 0.61 30.25
CA ASN A 201 30.20 1.40 30.89
C ASN A 201 31.30 0.53 31.47
N LEU A 202 30.91 -0.55 32.16
CA LEU A 202 31.90 -1.41 32.81
C LEU A 202 32.79 -2.09 31.78
N ILE A 203 32.21 -2.58 30.68
CA ILE A 203 33.01 -3.22 29.66
C ILE A 203 33.92 -2.19 28.99
N ASP A 204 33.44 -0.96 28.78
CA ASP A 204 34.32 0.08 28.26
C ASP A 204 35.53 0.27 29.16
N ARG A 205 35.29 0.36 30.48
CA ARG A 205 36.39 0.56 31.41
C ARG A 205 37.35 -0.62 31.40
N LEU A 206 36.81 -1.84 31.38
CA LEU A 206 37.66 -3.03 31.37
C LEU A 206 38.52 -3.07 30.11
N GLN A 207 37.92 -2.76 28.95
CA GLN A 207 38.68 -2.78 27.70
C GLN A 207 39.76 -1.71 27.71
N LYS A 208 39.44 -0.52 28.23
CA LYS A 208 40.45 0.53 28.34
C LYS A 208 41.60 0.08 29.22
N LYS A 209 41.29 -0.55 30.36
CA LYS A 209 42.34 -1.01 31.25
C LYS A 209 43.21 -2.08 30.59
N GLN A 210 42.58 -3.01 29.87
CA GLN A 210 43.33 -4.08 29.22
C GLN A 210 44.15 -3.60 28.04
N LYS A 211 43.74 -2.50 27.39
CA LYS A 211 44.49 -2.00 26.25
C LYS A 211 45.81 -1.37 26.67
N GLY A 212 45.86 -0.76 27.85
CA GLY A 212 47.02 -0.01 28.26
C GLY A 212 48.12 -0.88 28.85
N ALA A 213 49.17 -0.22 29.32
CA ALA A 213 50.31 -0.91 29.92
C ALA A 213 49.95 -1.56 31.25
N ASP A 214 48.83 -1.18 31.86
CA ASP A 214 48.38 -1.75 33.12
C ASP A 214 47.53 -3.00 32.92
N ARG A 215 47.71 -3.71 31.82
CA ARG A 215 46.91 -4.88 31.52
C ARG A 215 46.92 -5.85 32.70
N VAL A 216 45.72 -6.18 33.19
CA VAL A 216 45.60 -7.07 34.33
C VAL A 216 45.76 -8.51 33.87
N LEU A 217 46.61 -9.26 34.56
CA LEU A 217 46.75 -10.68 34.28
C LEU A 217 45.56 -11.43 34.86
N LEU A 218 44.91 -12.22 34.03
CA LEU A 218 43.68 -12.92 34.41
C LEU A 218 43.98 -14.39 34.66
N SER A 219 43.59 -14.89 35.83
CA SER A 219 43.79 -16.29 36.18
C SER A 219 42.95 -16.59 37.42
N GLY A 220 42.77 -17.90 37.67
CA GLY A 220 42.06 -18.32 38.85
C GLY A 220 40.64 -17.78 38.90
N SER A 221 40.23 -17.33 40.09
CA SER A 221 38.86 -16.87 40.27
C SER A 221 38.55 -15.66 39.40
N LEU A 222 39.50 -14.75 39.23
CA LEU A 222 39.26 -13.56 38.40
C LEU A 222 38.95 -13.95 36.97
N LEU A 223 39.70 -14.91 36.42
CA LEU A 223 39.45 -15.34 35.05
C LEU A 223 38.06 -15.93 34.91
N ALA A 224 37.66 -16.78 35.86
CA ALA A 224 36.34 -17.38 35.81
C ALA A 224 35.24 -16.32 35.91
N SER A 225 35.43 -15.34 36.80
CA SER A 225 34.44 -14.29 36.95
C SER A 225 34.32 -13.47 35.67
N VAL A 226 35.45 -13.11 35.07
CA VAL A 226 35.41 -12.33 33.83
C VAL A 226 34.73 -13.13 32.73
N GLU A 227 35.08 -14.42 32.61
CA GLU A 227 34.46 -15.26 31.59
C GLU A 227 32.95 -15.40 31.81
N THR A 228 32.52 -15.48 33.06
CA THR A 228 31.09 -15.47 33.34
C THR A 228 30.46 -14.15 32.94
N LEU A 229 31.18 -13.05 33.14
CA LEU A 229 30.67 -11.74 32.72
C LEU A 229 30.79 -11.57 31.20
N LEU A 230 31.85 -12.12 30.61
CA LEU A 230 32.16 -11.93 29.19
C LEU A 230 32.41 -13.29 28.54
N PRO A 231 31.36 -14.00 28.11
CA PRO A 231 31.58 -15.24 27.36
C PRO A 231 32.40 -15.02 26.10
N GLY A 232 32.31 -13.84 25.51
CA GLY A 232 33.20 -13.49 24.41
C GLY A 232 34.66 -13.61 24.78
N GLU A 233 34.99 -13.46 26.07
CA GLU A 233 36.35 -13.72 26.52
C GLU A 233 36.71 -15.20 26.38
N LYS A 234 35.79 -16.10 26.73
CA LYS A 234 36.02 -17.51 26.48
C LYS A 234 36.18 -17.79 24.99
N ILE A 235 35.39 -17.15 24.15
CA ILE A 235 35.57 -17.31 22.71
C ILE A 235 36.96 -16.83 22.29
N ARG A 236 37.40 -15.70 22.85
CA ARG A 236 38.65 -15.09 22.44
C ARG A 236 39.85 -15.94 22.82
N ASN A 237 39.90 -16.39 24.07
CA ASN A 237 41.06 -17.10 24.60
C ASN A 237 41.04 -18.59 24.32
N GLY A 238 40.16 -19.05 23.42
CA GLY A 238 40.16 -20.44 23.02
C GLY A 238 39.50 -21.40 23.97
N SER A 239 38.90 -20.91 25.05
CA SER A 239 38.22 -21.80 25.99
C SER A 239 36.91 -22.36 25.45
N ALA A 240 36.31 -21.70 24.46
CA ALA A 240 35.07 -22.18 23.86
C ALA A 240 35.06 -21.78 22.39
N HIS A 241 34.35 -22.58 21.59
CA HIS A 241 34.27 -22.31 20.16
C HIS A 241 32.85 -22.51 19.62
N VAL A 242 31.91 -22.86 20.48
CA VAL A 242 30.51 -22.99 20.10
C VAL A 242 29.72 -21.87 20.78
N ALA A 243 29.00 -21.09 19.98
CA ALA A 243 28.28 -19.92 20.46
C ALA A 243 26.81 -20.04 20.07
N PHE A 244 25.93 -19.84 21.05
CA PHE A 244 24.49 -19.80 20.83
C PHE A 244 24.03 -18.36 21.04
N LEU A 245 23.56 -17.73 19.96
CA LEU A 245 23.17 -16.33 20.02
C LEU A 245 22.15 -16.07 18.92
N THR A 246 21.43 -14.96 19.08
CA THR A 246 20.42 -14.58 18.10
C THR A 246 21.08 -13.93 16.89
N THR A 247 20.29 -13.79 15.82
CA THR A 247 20.78 -13.12 14.62
C THR A 247 21.13 -11.67 14.91
N SER A 248 20.33 -11.00 15.73
CA SER A 248 20.62 -9.61 16.08
C SER A 248 21.96 -9.51 16.79
N LYS A 249 22.21 -10.38 17.77
CA LYS A 249 23.50 -10.38 18.44
C LYS A 249 24.62 -10.76 17.49
N PHE A 250 24.36 -11.71 16.59
CA PHE A 250 25.38 -12.12 15.63
C PHE A 250 25.81 -10.95 14.75
N LEU A 251 24.85 -10.15 14.28
CA LEU A 251 25.19 -8.98 13.47
C LEU A 251 25.85 -7.89 14.32
N LYS A 252 25.36 -7.69 15.54
CA LYS A 252 25.91 -6.67 16.41
C LYS A 252 27.32 -6.98 16.89
N GLY A 253 27.64 -8.26 17.09
CA GLY A 253 28.89 -8.64 17.69
C GLY A 253 28.79 -8.67 19.20
N PHE A 254 29.84 -9.20 19.83
CA PHE A 254 29.85 -9.35 21.27
C PHE A 254 31.22 -8.94 21.81
N HIS A 255 31.24 -8.52 23.06
CA HIS A 255 32.44 -7.99 23.68
C HIS A 255 33.31 -9.08 24.28
N ASN A 256 34.61 -8.83 24.29
CA ASN A 256 35.57 -9.56 25.11
C ASN A 256 36.38 -8.53 25.90
N THR A 257 37.39 -9.02 26.64
CA THR A 257 38.16 -8.12 27.48
C THR A 257 38.95 -7.09 26.67
N ARG A 258 39.16 -7.31 25.38
CA ARG A 258 39.96 -6.44 24.55
C ARG A 258 39.12 -5.46 23.72
N SER A 259 38.09 -5.94 23.06
CA SER A 259 37.27 -5.09 22.20
C SER A 259 36.02 -5.86 21.80
N ARG A 260 35.13 -5.18 21.07
CA ARG A 260 33.95 -5.84 20.55
C ARG A 260 34.32 -6.74 19.38
N TYR A 261 33.79 -7.96 19.37
CA TYR A 261 34.09 -8.94 18.34
C TYR A 261 32.89 -9.07 17.41
N SER A 262 33.13 -8.88 16.11
CA SER A 262 32.10 -9.00 15.10
C SER A 262 32.32 -10.29 14.32
N PRO A 263 31.45 -11.29 14.45
CA PRO A 263 31.68 -12.54 13.69
C PRO A 263 31.76 -12.33 12.19
N LEU A 264 31.03 -11.35 11.65
CA LEU A 264 30.99 -11.15 10.21
C LEU A 264 32.39 -10.92 9.64
N ARG A 265 33.23 -10.19 10.38
CA ARG A 265 34.57 -9.89 9.89
C ARG A 265 35.51 -11.09 9.94
N ASP A 266 35.12 -12.18 10.61
CA ASP A 266 36.00 -13.32 10.81
C ASP A 266 35.32 -14.64 10.51
N LEU A 267 34.63 -14.74 9.37
CA LEU A 267 33.87 -15.93 9.05
C LEU A 267 34.68 -17.01 8.34
N SER A 268 35.97 -16.77 8.10
CA SER A 268 36.79 -17.76 7.41
C SER A 268 36.81 -19.09 8.17
N GLY A 269 36.20 -20.11 7.59
CA GLY A 269 36.19 -21.44 8.19
C GLY A 269 35.11 -21.68 9.21
N ALA A 270 34.33 -20.67 9.56
CA ALA A 270 33.29 -20.85 10.57
C ALA A 270 32.10 -21.60 10.01
N VAL A 271 31.54 -22.48 10.84
CA VAL A 271 30.30 -23.19 10.52
C VAL A 271 29.17 -22.46 11.24
N LEU A 272 28.09 -22.17 10.51
CA LEU A 272 27.03 -21.29 10.99
C LEU A 272 25.69 -21.97 10.75
N ILE A 273 25.13 -22.56 11.80
CA ILE A 273 23.82 -23.20 11.70
C ILE A 273 22.75 -22.15 11.98
N ILE A 274 21.92 -21.87 10.97
CA ILE A 274 20.86 -20.88 11.08
C ILE A 274 19.53 -21.62 11.03
N ASP A 275 18.76 -21.50 12.10
CA ASP A 275 17.43 -22.10 12.19
C ASP A 275 16.41 -21.07 11.71
N GLU A 276 15.42 -21.53 10.95
CA GLU A 276 14.48 -20.62 10.29
C GLU A 276 15.22 -19.64 9.40
N ILE A 277 15.92 -20.19 8.40
CA ILE A 277 16.82 -19.39 7.57
C ILE A 277 16.04 -18.29 6.85
N ASP A 278 14.87 -18.65 6.30
CA ASP A 278 14.10 -17.67 5.54
C ASP A 278 13.67 -16.50 6.40
N LYS A 279 13.43 -16.74 7.70
CA LYS A 279 13.01 -15.65 8.58
C LYS A 279 14.14 -14.65 8.80
N GLN A 280 15.39 -15.07 8.67
CA GLN A 280 16.52 -14.18 8.95
C GLN A 280 16.64 -13.07 7.91
N ASN A 281 16.01 -13.22 6.75
CA ASN A 281 16.01 -12.14 5.77
C ASN A 281 15.43 -10.86 6.37
N GLN A 282 14.27 -10.98 7.02
CA GLN A 282 13.63 -9.82 7.63
C GLN A 282 14.48 -9.25 8.75
N VAL A 283 15.11 -10.10 9.55
CA VAL A 283 15.94 -9.62 10.65
C VAL A 283 17.13 -8.84 10.11
N ILE A 284 17.80 -9.37 9.09
CA ILE A 284 18.95 -8.68 8.51
C ILE A 284 18.51 -7.38 7.87
N LEU A 285 17.34 -7.37 7.22
CA LEU A 285 16.84 -6.14 6.64
C LEU A 285 16.57 -5.10 7.72
N SER A 286 15.97 -5.51 8.84
CA SER A 286 15.72 -4.58 9.92
C SER A 286 17.02 -4.01 10.47
N GLU A 287 18.04 -4.86 10.62
CA GLU A 287 19.34 -4.36 11.08
C GLU A 287 19.93 -3.38 10.08
N LEU A 288 19.83 -3.68 8.78
CA LEU A 288 20.41 -2.81 7.77
C LEU A 288 19.71 -1.45 7.72
N CYS A 289 18.38 -1.44 7.88
CA CYS A 289 17.63 -0.20 7.73
C CYS A 289 17.84 0.79 8.87
N LYS A 290 18.58 0.42 9.93
CA LYS A 290 18.71 1.29 11.08
C LYS A 290 19.77 2.38 10.90
N GLN A 291 20.64 2.27 9.89
CA GLN A 291 21.81 3.14 9.84
C GLN A 291 21.42 4.59 9.54
N GLN A 292 22.13 5.51 10.18
CA GLN A 292 21.74 6.91 10.29
C GLN A 292 21.86 7.69 8.98
N ALA A 293 21.09 8.77 8.87
CA ALA A 293 21.14 9.61 7.67
C ALA A 293 22.26 10.65 7.81
N GLN A 294 23.04 10.80 6.75
CA GLN A 294 24.21 11.65 6.75
C GLN A 294 23.98 12.85 5.84
N ASP A 295 24.40 14.03 6.30
CA ASP A 295 24.32 15.24 5.48
C ASP A 295 25.47 15.23 4.49
N LEU A 296 25.16 15.01 3.21
CA LEU A 296 26.20 14.85 2.21
C LEU A 296 27.03 16.13 2.04
N ILE A 297 26.37 17.30 2.05
CA ILE A 297 27.11 18.54 1.85
C ILE A 297 28.18 18.69 2.92
N TRP A 298 27.79 18.53 4.19
CA TRP A 298 28.74 18.63 5.28
C TRP A 298 29.82 17.55 5.17
N ALA A 299 29.41 16.33 4.80
CA ALA A 299 30.37 15.24 4.71
C ALA A 299 31.47 15.55 3.70
N ILE A 300 31.07 15.97 2.49
CA ILE A 300 32.06 16.25 1.46
C ILE A 300 32.89 17.48 1.82
N ARG A 301 32.26 18.51 2.40
CA ARG A 301 33.02 19.69 2.80
C ARG A 301 34.10 19.31 3.82
N THR A 302 33.71 18.53 4.84
CA THR A 302 34.67 18.09 5.85
C THR A 302 35.77 17.25 5.23
N LEU A 303 35.40 16.31 4.35
CA LEU A 303 36.40 15.45 3.73
C LEU A 303 37.42 16.27 2.96
N ARG A 304 36.95 17.19 2.11
CA ARG A 304 37.87 17.98 1.31
C ARG A 304 38.75 18.86 2.19
N ALA A 305 38.15 19.54 3.17
CA ALA A 305 38.93 20.42 4.03
C ALA A 305 39.99 19.66 4.80
N ASN A 306 39.63 18.51 5.37
CA ASN A 306 40.56 17.78 6.22
C ASN A 306 41.61 17.06 5.38
N PHE A 307 41.28 16.66 4.15
CA PHE A 307 42.29 16.08 3.29
C PHE A 307 43.27 17.13 2.80
N ARG A 308 42.82 18.37 2.60
CA ARG A 308 43.74 19.46 2.35
C ARG A 308 44.61 19.73 3.58
N ASP A 309 44.02 19.68 4.78
CA ASP A 309 44.75 20.06 5.98
C ASP A 309 45.87 19.06 6.29
N HIS A 310 45.54 17.76 6.31
CA HIS A 310 46.47 16.72 6.71
C HIS A 310 46.97 16.00 5.46
N GLN A 311 48.29 15.83 5.36
CA GLN A 311 48.91 15.42 4.11
C GLN A 311 49.62 14.08 4.18
N LEU A 312 50.55 13.88 5.12
CA LEU A 312 51.36 12.67 5.10
C LEU A 312 52.07 12.49 6.44
N GLU A 313 52.63 11.29 6.61
CA GLU A 313 53.52 10.98 7.72
C GLU A 313 54.47 9.89 7.26
N SER A 314 55.77 10.11 7.44
CA SER A 314 56.80 9.16 7.01
C SER A 314 57.11 8.16 8.12
N SER A 315 56.21 7.18 8.27
CA SER A 315 56.38 6.12 9.24
C SER A 315 56.13 4.77 8.58
N PRO A 316 56.80 3.71 9.05
CA PRO A 316 56.58 2.38 8.44
C PRO A 316 55.14 1.90 8.51
N ARG A 317 54.41 2.22 9.58
CA ARG A 317 53.06 1.69 9.74
C ARG A 317 52.15 2.10 8.59
N TYR A 318 52.32 3.31 8.07
CA TYR A 318 51.43 3.87 7.07
C TYR A 318 51.93 3.66 5.65
N ASP A 319 52.90 2.77 5.45
CA ASP A 319 53.36 2.46 4.10
C ASP A 319 52.21 1.87 3.29
N LYS A 320 52.15 2.25 2.02
CA LYS A 320 51.12 1.82 1.08
C LYS A 320 49.74 2.36 1.41
N ILE A 321 49.64 3.38 2.25
CA ILE A 321 48.36 3.95 2.64
C ILE A 321 48.03 5.20 1.87
N GLU A 322 49.02 6.10 1.70
CA GLU A 322 48.75 7.38 1.06
C GLU A 322 48.33 7.21 -0.40
N ASP A 323 48.87 6.21 -1.08
CA ASP A 323 48.46 5.95 -2.46
C ASP A 323 47.01 5.53 -2.57
N LEU A 324 46.46 4.90 -1.53
CA LEU A 324 45.05 4.55 -1.54
C LEU A 324 44.17 5.81 -1.58
N PHE A 325 44.56 6.84 -0.85
CA PHE A 325 43.76 8.06 -0.75
C PHE A 325 44.10 9.10 -1.80
N GLU A 326 45.24 8.99 -2.47
CA GLU A 326 45.58 9.97 -3.50
C GLU A 326 44.49 10.13 -4.54
N PRO A 327 43.92 9.07 -5.12
CA PRO A 327 42.78 9.28 -6.02
C PRO A 327 41.61 9.97 -5.34
N LEU A 328 41.36 9.65 -4.07
CA LEU A 328 40.29 10.33 -3.35
C LEU A 328 40.59 11.80 -3.15
N ARG A 329 41.85 12.15 -2.85
CA ARG A 329 42.22 13.56 -2.80
C ARG A 329 41.95 14.25 -4.12
N GLU A 330 42.39 13.63 -5.22
CA GLU A 330 42.21 14.22 -6.54
C GLU A 330 40.74 14.48 -6.82
N ARG A 331 39.90 13.46 -6.62
CA ARG A 331 38.49 13.60 -6.95
C ARG A 331 37.78 14.53 -5.99
N LEU A 332 38.19 14.57 -4.72
CA LEU A 332 37.59 15.53 -3.79
C LEU A 332 37.87 16.96 -4.23
N GLU A 333 39.12 17.25 -4.59
CA GLU A 333 39.45 18.59 -5.08
C GLU A 333 38.69 18.91 -6.35
N GLU A 334 38.62 17.95 -7.28
CA GLU A 334 37.91 18.19 -8.54
C GLU A 334 36.44 18.46 -8.28
N PHE A 335 35.81 17.67 -7.41
CA PHE A 335 34.40 17.87 -7.11
C PHE A 335 34.16 19.21 -6.43
N GLY A 336 35.04 19.59 -5.50
CA GLY A 336 34.89 20.88 -4.84
C GLY A 336 35.02 22.04 -5.81
N THR A 337 35.98 21.95 -6.73
CA THR A 337 36.15 23.03 -7.71
C THR A 337 34.97 23.09 -8.68
N ASN A 338 34.55 21.93 -9.20
CA ASN A 338 33.50 21.91 -10.21
C ASN A 338 32.18 22.44 -9.67
N TRP A 339 31.82 22.07 -8.43
CA TRP A 339 30.55 22.48 -7.84
C TRP A 339 30.71 23.63 -6.85
N ASN A 340 31.92 24.17 -6.71
CA ASN A 340 32.17 25.29 -5.81
C ASN A 340 31.60 25.02 -4.42
N LEU A 341 32.13 23.97 -3.79
CA LEU A 341 31.63 23.56 -2.48
C LEU A 341 31.88 24.61 -1.41
N ALA A 342 32.82 25.54 -1.65
CA ALA A 342 33.11 26.57 -0.66
C ALA A 342 31.90 27.46 -0.41
N PHE A 343 31.01 27.62 -1.39
CA PHE A 343 29.87 28.51 -1.27
C PHE A 343 28.75 27.84 -0.48
N ALA A 344 27.94 28.67 0.18
CA ALA A 344 26.78 28.17 0.90
C ALA A 344 25.69 27.76 -0.08
N PHE A 345 24.94 26.72 0.28
CA PHE A 345 23.87 26.19 -0.54
C PHE A 345 22.53 26.72 -0.05
N ASN A 346 21.73 27.25 -0.97
CA ASN A 346 20.42 27.79 -0.61
C ASN A 346 19.47 27.61 -1.79
N THR A 347 18.18 27.70 -1.51
CA THR A 347 17.16 27.56 -2.53
C THR A 347 17.16 28.78 -3.46
N PRO A 356 9.83 20.03 1.26
CA PRO A 356 11.16 19.47 1.04
C PRO A 356 11.25 18.68 -0.26
N VAL A 357 12.47 18.50 -0.76
CA VAL A 357 12.72 17.77 -2.00
C VAL A 357 13.25 16.39 -1.64
N ARG A 358 12.62 15.36 -2.21
CA ARG A 358 13.00 13.97 -1.97
C ARG A 358 13.53 13.36 -3.26
N LEU A 359 14.75 12.83 -3.20
CA LEU A 359 15.37 12.15 -4.33
C LEU A 359 15.65 10.71 -3.95
N PHE A 360 15.26 9.78 -4.83
CA PHE A 360 15.49 8.36 -4.62
C PHE A 360 16.27 7.81 -5.81
N SER A 361 17.20 6.90 -5.52
CA SER A 361 18.00 6.28 -6.57
C SER A 361 18.50 4.94 -6.09
N ASP A 362 18.41 3.93 -6.96
CA ASP A 362 19.04 2.64 -6.71
C ASP A 362 20.48 2.60 -7.19
N ARG A 363 21.04 3.76 -7.52
CA ARG A 363 22.42 3.88 -7.97
C ARG A 363 22.60 3.35 -9.39
N SER A 364 21.53 2.84 -10.00
CA SER A 364 21.71 2.20 -11.33
C SER A 364 20.40 2.09 -12.10
N PHE A 365 20.08 3.05 -12.98
CA PHE A 365 18.90 2.97 -13.89
C PHE A 365 17.59 3.40 -13.22
N THR A 366 17.57 3.62 -11.91
CA THR A 366 16.32 4.14 -11.30
C THR A 366 16.64 5.48 -10.62
N HIS A 367 15.99 6.56 -11.05
CA HIS A 367 16.27 7.91 -10.51
C HIS A 367 14.96 8.68 -10.39
N VAL A 368 14.32 8.64 -9.20
CA VAL A 368 13.04 9.29 -9.02
C VAL A 368 13.22 10.48 -8.10
N SER A 369 12.44 11.53 -8.37
CA SER A 369 12.48 12.75 -7.59
C SER A 369 11.06 13.20 -7.28
N SER A 370 10.87 13.79 -6.10
CA SER A 370 9.56 14.31 -5.72
C SER A 370 9.23 15.61 -6.44
N ALA A 371 10.23 16.41 -6.79
CA ALA A 371 9.98 17.66 -7.47
C ALA A 371 9.44 17.41 -8.87
N THR A 372 8.48 18.25 -9.28
CA THR A 372 7.92 18.11 -10.62
C THR A 372 8.87 18.66 -11.69
N HIS A 373 9.66 19.67 -11.34
CA HIS A 373 10.62 20.27 -12.26
C HIS A 373 12.03 19.90 -11.82
N LYS A 374 12.84 19.43 -12.78
CA LYS A 374 14.22 19.08 -12.48
C LYS A 374 14.94 20.26 -11.85
N LEU A 375 15.33 20.11 -10.59
CA LEU A 375 16.04 21.18 -9.90
C LEU A 375 17.48 21.23 -10.37
N SER A 376 18.01 22.45 -10.48
CA SER A 376 19.36 22.68 -10.97
C SER A 376 20.12 23.54 -9.98
N LEU A 377 21.44 23.47 -10.05
CA LEU A 377 22.33 24.19 -9.16
C LEU A 377 23.15 25.19 -9.95
N LYS A 378 23.13 26.45 -9.50
CA LYS A 378 23.93 27.51 -10.10
C LYS A 378 24.71 28.22 -9.01
N SER A 379 25.89 28.72 -9.37
CA SER A 379 26.78 29.38 -8.44
C SER A 379 26.78 30.88 -8.70
N ASP A 380 26.59 31.65 -7.63
CA ASP A 380 26.67 33.11 -7.66
C ASP A 380 27.91 33.51 -6.88
N PHE A 381 28.93 34.01 -7.58
CA PHE A 381 30.19 34.31 -6.93
C PHE A 381 30.10 35.57 -6.08
N LEU A 382 29.42 36.61 -6.58
CA LEU A 382 29.25 37.82 -5.78
C LEU A 382 28.45 37.54 -4.52
N ARG A 383 27.37 36.77 -4.63
CA ARG A 383 26.64 36.32 -3.45
C ARG A 383 27.42 35.30 -2.64
N ARG A 384 28.41 34.64 -3.25
CA ARG A 384 29.15 33.57 -2.59
C ARG A 384 28.21 32.44 -2.15
N LYS A 385 27.30 32.07 -3.03
CA LYS A 385 26.28 31.07 -2.72
C LYS A 385 26.04 30.17 -3.92
N ASN A 386 25.55 28.97 -3.64
CA ASN A 386 25.05 28.06 -4.65
C ASN A 386 23.53 27.99 -4.52
N LEU A 387 22.82 28.22 -5.62
CA LEU A 387 21.38 28.41 -5.60
C LEU A 387 20.71 27.20 -6.25
N ILE A 388 19.74 26.62 -5.54
CA ILE A 388 18.93 25.53 -6.07
C ILE A 388 17.65 26.12 -6.65
N PHE A 389 17.39 25.86 -7.93
CA PHE A 389 16.28 26.46 -8.63
C PHE A 389 15.76 25.50 -9.67
N SER A 390 14.53 25.74 -10.11
CA SER A 390 13.90 24.90 -11.13
C SER A 390 14.49 25.18 -12.51
N GLY A 403 24.08 22.40 -13.96
CA GLY A 403 24.34 21.30 -13.05
C GLY A 403 23.09 20.85 -12.31
N LEU A 404 22.60 19.67 -12.65
CA LEU A 404 21.41 19.13 -12.01
C LEU A 404 21.69 18.81 -10.54
N LEU A 405 20.65 18.95 -9.72
CA LEU A 405 20.78 18.60 -8.31
C LEU A 405 21.05 17.11 -8.15
N THR A 406 20.40 16.28 -8.96
CA THR A 406 20.61 14.83 -8.88
C THR A 406 22.07 14.47 -9.12
N ARG A 407 22.70 15.12 -10.11
CA ARG A 407 24.10 14.85 -10.38
C ARG A 407 24.98 15.22 -9.19
N PHE A 408 24.66 16.32 -8.52
CA PHE A 408 25.44 16.75 -7.37
C PHE A 408 25.39 15.71 -6.26
N VAL A 409 24.19 15.30 -5.86
CA VAL A 409 24.06 14.32 -4.78
C VAL A 409 24.61 12.98 -5.21
N ASN A 410 24.38 12.57 -6.46
CA ASN A 410 24.90 11.30 -6.93
C ASN A 410 26.42 11.28 -6.88
N GLU A 411 27.05 12.35 -7.33
CA GLU A 411 28.51 12.43 -7.25
C GLU A 411 28.98 12.45 -5.80
N ALA A 412 28.30 13.22 -4.94
CA ALA A 412 28.69 13.28 -3.54
C ALA A 412 28.56 11.91 -2.88
N ASP A 413 27.46 11.20 -3.16
CA ASP A 413 27.27 9.88 -2.59
C ASP A 413 28.38 8.93 -3.04
N VAL A 414 28.72 8.96 -4.33
CA VAL A 414 29.79 8.09 -4.83
C VAL A 414 31.09 8.38 -4.10
N ILE A 415 31.41 9.66 -3.92
CA ILE A 415 32.62 10.02 -3.18
C ILE A 415 32.52 9.55 -1.74
N TYR A 416 31.35 9.75 -1.11
CA TYR A 416 31.20 9.35 0.28
C TYR A 416 31.37 7.85 0.44
N GLN A 417 30.73 7.06 -0.43
CA GLN A 417 30.96 5.62 -0.41
C GLN A 417 32.39 5.27 -0.76
N TRP A 418 32.98 6.02 -1.70
CA TRP A 418 34.38 5.79 -2.06
C TRP A 418 35.29 6.01 -0.85
N PHE A 419 35.05 7.06 -0.07
CA PHE A 419 35.85 7.30 1.12
C PHE A 419 35.73 6.15 2.10
N LEU A 420 34.50 5.69 2.36
CA LEU A 420 34.31 4.58 3.29
C LEU A 420 34.97 3.31 2.77
N GLY A 421 34.83 3.04 1.48
CA GLY A 421 35.50 1.87 0.90
C GLY A 421 37.00 1.95 1.05
N THR A 422 37.57 3.14 0.86
CA THR A 422 39.01 3.31 1.04
C THR A 422 39.43 3.04 2.48
N MET A 423 38.63 3.52 3.45
CA MET A 423 38.92 3.21 4.84
C MET A 423 39.01 1.72 5.06
N ARG A 424 38.08 0.96 4.48
CA ARG A 424 38.12 -0.50 4.62
C ARG A 424 39.44 -1.05 4.09
N LYS A 425 39.86 -0.60 2.90
CA LYS A 425 41.14 -1.02 2.36
C LYS A 425 42.30 -0.53 3.23
N ALA A 426 42.23 0.72 3.67
CA ALA A 426 43.31 1.26 4.50
C ALA A 426 43.43 0.49 5.81
N VAL A 427 42.31 0.16 6.44
CA VAL A 427 42.35 -0.60 7.68
C VAL A 427 42.99 -1.96 7.46
N PHE A 428 42.62 -2.63 6.36
CA PHE A 428 43.22 -3.92 6.06
C PHE A 428 44.72 -3.78 5.84
N GLN A 429 45.14 -2.78 5.07
CA GLN A 429 46.56 -2.57 4.83
C GLN A 429 47.29 -2.23 6.13
N TYR A 430 46.68 -1.41 6.98
CA TYR A 430 47.30 -1.07 8.26
C TYR A 430 47.61 -2.33 9.07
N TRP A 431 46.75 -3.35 8.95
CA TRP A 431 47.03 -4.62 9.60
C TRP A 431 48.27 -5.28 9.01
N GLU A 432 48.32 -5.40 7.68
CA GLU A 432 49.45 -6.07 7.05
C GLU A 432 50.76 -5.37 7.40
N ASN A 433 50.74 -4.05 7.53
CA ASN A 433 51.92 -3.33 7.98
C ASN A 433 52.27 -3.71 9.41
N VAL A 434 51.27 -3.74 10.30
CA VAL A 434 51.53 -4.09 11.69
C VAL A 434 51.89 -5.57 11.81
N ARG A 435 51.19 -6.43 11.09
CA ARG A 435 51.47 -7.87 11.14
C ARG A 435 52.86 -8.16 10.58
N LEU A 447 42.13 -9.31 13.81
CA LEU A 447 41.47 -8.37 12.91
C LEU A 447 40.32 -7.67 13.62
N GLU A 448 40.29 -7.76 14.95
CA GLU A 448 39.18 -7.23 15.74
C GLU A 448 39.61 -6.05 16.59
N GLY A 449 40.53 -6.23 17.53
CA GLY A 449 41.05 -5.10 18.27
C GLY A 449 41.99 -4.27 17.43
N THR A 450 42.85 -4.95 16.67
CA THR A 450 43.69 -4.25 15.70
C THR A 450 42.86 -3.50 14.67
N PHE A 451 41.67 -4.00 14.33
CA PHE A 451 40.82 -3.31 13.36
C PHE A 451 40.37 -1.96 13.89
N GLN A 452 39.83 -1.94 15.11
CA GLN A 452 39.42 -0.67 15.70
C GLN A 452 40.62 0.24 15.94
N GLU A 453 41.75 -0.34 16.35
CA GLU A 453 42.97 0.45 16.51
C GLU A 453 43.35 1.12 15.19
N ALA A 454 43.29 0.37 14.09
CA ALA A 454 43.63 0.92 12.78
C ALA A 454 42.67 2.02 12.37
N VAL A 455 41.37 1.79 12.60
CA VAL A 455 40.38 2.81 12.25
C VAL A 455 40.67 4.10 13.01
N GLN A 456 40.87 3.98 14.32
CA GLN A 456 41.13 5.16 15.14
C GLN A 456 42.41 5.86 14.69
N SER A 457 43.47 5.09 14.47
CA SER A 457 44.75 5.68 14.08
C SER A 457 44.64 6.40 12.75
N LEU A 458 44.01 5.77 11.76
CA LEU A 458 43.87 6.40 10.45
C LEU A 458 43.03 7.66 10.52
N LEU A 459 41.91 7.62 11.25
CA LEU A 459 41.07 8.80 11.35
C LEU A 459 41.78 9.94 12.08
N THR A 460 42.53 9.62 13.13
CA THR A 460 43.31 10.66 13.81
C THR A 460 44.40 11.22 12.90
N HIS A 461 45.06 10.34 12.13
CA HIS A 461 46.12 10.77 11.24
C HIS A 461 45.59 11.71 10.17
N PHE A 462 44.41 11.40 9.62
CA PHE A 462 43.76 12.26 8.63
C PHE A 462 42.85 13.31 9.25
N ASN A 463 42.68 13.29 10.57
CA ASN A 463 41.81 14.25 11.27
C ASN A 463 40.38 14.16 10.72
N LEU A 464 39.80 12.97 10.82
CA LEU A 464 38.45 12.70 10.36
C LEU A 464 37.67 11.95 11.43
N GLN A 465 37.76 12.40 12.69
CA GLN A 465 37.12 11.68 13.78
C GLN A 465 35.61 11.67 13.66
N GLU A 466 35.04 12.66 12.96
CA GLU A 466 33.60 12.74 12.83
C GLU A 466 33.02 11.58 12.04
N PHE A 467 33.83 10.90 11.24
CA PHE A 467 33.37 9.78 10.42
C PHE A 467 33.64 8.43 11.06
N GLU A 468 34.06 8.41 12.33
CA GLU A 468 34.44 7.14 12.95
C GLU A 468 33.26 6.19 13.05
N SER A 469 32.09 6.69 13.46
CA SER A 469 30.91 5.84 13.51
C SER A 469 30.55 5.35 12.12
N ALA A 470 30.40 6.29 11.17
CA ALA A 470 30.07 5.89 9.81
C ALA A 470 30.99 4.77 9.33
N VAL A 471 32.28 4.88 9.64
CA VAL A 471 33.24 3.87 9.22
C VAL A 471 32.97 2.55 9.92
N TYR A 472 32.70 2.58 11.23
CA TYR A 472 32.48 1.33 11.95
C TYR A 472 31.26 0.59 11.43
N GLU A 473 30.10 1.26 11.37
CA GLU A 473 28.90 0.60 10.86
C GLU A 473 28.98 0.34 9.35
N SER A 474 29.90 0.97 8.63
CA SER A 474 30.12 0.58 7.24
C SER A 474 30.93 -0.71 7.17
N PHE A 475 31.98 -0.81 7.97
CA PHE A 475 32.84 -1.98 7.94
C PHE A 475 32.14 -3.21 8.49
N ASP A 476 31.25 -3.04 9.46
CA ASP A 476 30.60 -4.20 10.07
C ASP A 476 29.87 -5.02 9.03
N THR A 477 28.99 -4.40 8.26
CA THR A 477 28.22 -5.12 7.24
C THR A 477 28.85 -4.97 5.86
N ARG A 478 28.97 -3.74 5.37
CA ARG A 478 29.50 -3.53 4.02
C ARG A 478 30.97 -3.93 3.94
N GLY A 479 31.71 -3.79 5.04
CA GLY A 479 33.10 -4.21 5.05
C GLY A 479 33.32 -5.68 4.77
N LEU A 480 32.29 -6.51 4.93
CA LEU A 480 32.36 -7.91 4.56
C LEU A 480 32.26 -8.11 3.05
N ARG A 481 31.97 -7.06 2.29
CA ARG A 481 31.81 -7.18 0.85
C ARG A 481 33.00 -7.90 0.23
N GLN A 482 32.75 -9.07 -0.35
CA GLN A 482 33.76 -9.75 -1.15
C GLN A 482 33.66 -9.34 -2.61
N SER A 483 32.48 -8.93 -3.06
CA SER A 483 32.30 -8.43 -4.41
C SER A 483 32.68 -6.94 -4.46
N ALA A 484 33.87 -6.61 -3.97
CA ALA A 484 34.35 -5.23 -4.07
C ALA A 484 34.76 -4.91 -5.50
N GLY A 485 35.70 -5.67 -6.05
CA GLY A 485 35.98 -5.60 -7.48
C GLY A 485 34.94 -6.32 -8.32
N GLY A 486 34.03 -7.07 -7.68
CA GLY A 486 32.95 -7.71 -8.40
C GLY A 486 31.90 -6.75 -8.92
N LYS A 487 31.80 -5.56 -8.32
CA LYS A 487 30.94 -4.51 -8.86
C LYS A 487 31.49 -3.16 -8.43
N ALA A 488 31.94 -2.37 -9.41
CA ALA A 488 32.16 -0.95 -9.24
C ALA A 488 31.02 -0.12 -9.82
N ASN A 489 29.87 -0.75 -10.02
CA ASN A 489 28.74 -0.13 -10.72
C ASN A 489 29.07 0.00 -12.21
N LYS A 490 30.09 -0.71 -12.67
CA LYS A 490 30.43 -0.73 -14.07
C LYS A 490 29.64 -1.82 -14.80
N LEU A 491 29.38 -1.59 -16.08
CA LEU A 491 28.75 -2.62 -16.89
C LEU A 491 29.66 -3.84 -17.05
N SER A 492 30.97 -3.63 -17.02
CA SER A 492 31.92 -4.74 -17.15
C SER A 492 31.93 -5.64 -15.92
N SER A 493 31.29 -5.23 -14.83
CA SER A 493 31.23 -6.03 -13.62
C SER A 493 29.90 -6.79 -13.58
N SER A 494 29.68 -7.52 -12.49
CA SER A 494 28.44 -8.25 -12.27
C SER A 494 27.48 -7.35 -11.50
N LYS A 495 26.47 -6.84 -12.19
CA LYS A 495 25.56 -5.85 -11.62
C LYS A 495 24.35 -6.54 -11.01
N SER A 496 23.97 -6.10 -9.82
CA SER A 496 22.76 -6.57 -9.16
C SER A 496 22.41 -5.59 -8.05
N TYR A 497 21.11 -5.50 -7.76
CA TYR A 497 20.67 -4.63 -6.68
C TYR A 497 21.20 -5.12 -5.33
N HIS A 498 21.28 -6.44 -5.16
CA HIS A 498 21.55 -7.00 -3.83
C HIS A 498 22.91 -6.62 -3.29
N HIS A 499 23.87 -6.28 -4.15
CA HIS A 499 25.15 -5.74 -3.70
C HIS A 499 25.37 -4.33 -4.24
N THR A 500 24.28 -3.63 -4.50
CA THR A 500 24.30 -2.21 -4.86
C THR A 500 23.45 -1.37 -3.92
N GLY A 501 22.33 -1.88 -3.46
CA GLY A 501 21.52 -1.16 -2.49
C GLY A 501 20.79 0.00 -3.14
N LEU A 502 20.43 0.98 -2.32
CA LEU A 502 19.63 2.12 -2.76
C LEU A 502 20.00 3.33 -1.92
N LYS A 503 19.65 4.51 -2.44
CA LYS A 503 19.92 5.77 -1.78
C LYS A 503 18.64 6.60 -1.73
N LEU A 504 18.44 7.29 -0.62
CA LEU A 504 17.29 8.18 -0.43
C LEU A 504 17.79 9.45 0.22
N VAL A 505 17.54 10.59 -0.44
CA VAL A 505 18.08 11.88 -0.03
C VAL A 505 16.94 12.85 0.19
N GLU A 506 16.96 13.55 1.33
CA GLU A 506 16.02 14.61 1.64
C GLU A 506 16.75 15.95 1.64
N VAL A 507 16.25 16.90 0.87
CA VAL A 507 16.81 18.24 0.80
C VAL A 507 15.83 19.18 1.49
N ALA A 508 16.30 19.89 2.51
CA ALA A 508 15.44 20.78 3.28
C ALA A 508 16.29 21.89 3.90
N HIS A 509 15.61 22.96 4.29
CA HIS A 509 16.30 24.08 4.90
C HIS A 509 16.90 23.67 6.23
N ASN A 510 18.13 24.12 6.47
CA ASN A 510 18.85 23.75 7.69
C ASN A 510 18.14 24.31 8.92
N GLN A 511 18.02 23.48 9.95
CA GLN A 511 17.40 23.91 11.19
C GLN A 511 18.29 24.94 11.89
N GLY A 512 17.67 25.96 12.45
CA GLY A 512 18.40 27.04 13.10
C GLY A 512 18.96 28.08 12.15
N THR A 513 19.11 27.76 10.87
CA THR A 513 19.59 28.72 9.88
C THR A 513 18.91 28.38 8.56
N ARG A 514 17.78 29.05 8.30
CA ARG A 514 17.00 28.78 7.10
C ARG A 514 17.66 29.29 5.83
N ASP A 515 18.74 30.08 5.95
CA ASP A 515 19.44 30.57 4.78
C ASP A 515 20.17 29.46 4.02
N THR A 516 20.27 28.27 4.59
CA THR A 516 20.98 27.17 3.94
C THR A 516 20.14 25.91 4.00
N VAL A 517 20.48 24.95 3.15
CA VAL A 517 19.82 23.67 3.08
C VAL A 517 20.82 22.58 3.44
N ASN A 518 20.28 21.42 3.83
CA ASN A 518 21.08 20.24 4.13
C ASN A 518 20.53 19.05 3.38
N CYS A 519 21.43 18.25 2.80
CA CYS A 519 21.08 17.08 2.02
C CYS A 519 21.32 15.84 2.89
N LYS A 520 20.31 15.48 3.67
CA LYS A 520 20.38 14.32 4.55
C LYS A 520 20.10 13.06 3.73
N ALA A 521 21.09 12.19 3.62
CA ALA A 521 21.00 11.01 2.76
C ALA A 521 21.05 9.75 3.61
N SER A 522 20.10 8.85 3.36
CA SER A 522 20.10 7.51 3.92
C SER A 522 20.10 6.51 2.79
N PHE A 523 20.76 5.37 3.02
CA PHE A 523 21.05 4.46 1.92
C PHE A 523 21.22 3.04 2.47
N LEU A 524 21.10 2.07 1.56
CA LEU A 524 21.54 0.71 1.79
C LEU A 524 22.68 0.41 0.83
N ASN A 525 23.68 -0.32 1.31
CA ASN A 525 24.78 -0.75 0.45
C ASN A 525 24.66 -2.20 0.03
N THR A 526 23.81 -2.98 0.70
CA THR A 526 23.55 -4.37 0.33
C THR A 526 22.15 -4.73 0.82
N SER A 527 21.65 -5.84 0.31
CA SER A 527 20.42 -6.43 0.79
C SER A 527 20.73 -7.66 1.63
N PRO A 528 19.75 -8.20 2.34
CA PRO A 528 20.02 -9.40 3.14
C PRO A 528 20.60 -10.54 2.33
N SER A 529 20.15 -10.71 1.09
CA SER A 529 20.75 -11.70 0.20
C SER A 529 22.20 -11.37 -0.07
N GLY A 530 22.53 -10.10 -0.26
CA GLY A 530 23.92 -9.71 -0.42
C GLY A 530 24.75 -10.05 0.80
N VAL A 531 24.20 -9.81 1.99
CA VAL A 531 24.92 -10.14 3.22
C VAL A 531 25.17 -11.63 3.31
N LEU A 532 24.15 -12.43 3.01
CA LEU A 532 24.31 -13.88 3.06
C LEU A 532 25.35 -14.35 2.04
N ALA A 533 25.31 -13.79 0.83
CA ALA A 533 26.28 -14.18 -0.20
C ALA A 533 27.70 -13.79 0.22
N ASP A 534 27.85 -12.63 0.86
CA ASP A 534 29.17 -12.23 1.34
C ASP A 534 29.64 -13.13 2.47
N MET A 535 28.72 -13.55 3.35
CA MET A 535 29.09 -14.47 4.41
C MET A 535 29.58 -15.78 3.83
N VAL A 536 28.88 -16.29 2.81
CA VAL A 536 29.31 -17.54 2.18
C VAL A 536 30.61 -17.35 1.42
N ASP A 537 30.83 -16.18 0.83
CA ASP A 537 32.05 -15.93 0.09
C ASP A 537 33.25 -15.75 1.03
N ALA A 538 33.00 -15.29 2.26
CA ALA A 538 34.07 -15.14 3.23
C ALA A 538 34.58 -16.48 3.74
N GLY A 539 33.89 -17.57 3.45
CA GLY A 539 34.31 -18.90 3.87
C GLY A 539 33.39 -19.58 4.85
N ALA A 540 32.27 -18.97 5.21
CA ALA A 540 31.36 -19.59 6.16
C ALA A 540 30.59 -20.72 5.51
N VAL A 541 30.36 -21.79 6.27
CA VAL A 541 29.50 -22.88 5.86
C VAL A 541 28.19 -22.71 6.61
N ILE A 542 27.11 -22.45 5.87
CA ILE A 542 25.83 -22.07 6.45
C ILE A 542 24.84 -23.19 6.20
N LEU A 543 24.21 -23.66 7.27
CA LEU A 543 23.14 -24.64 7.19
C LEU A 543 21.81 -23.93 7.44
N GLY A 544 21.07 -23.67 6.39
CA GLY A 544 19.76 -23.06 6.53
C GLY A 544 18.70 -24.11 6.76
N ILE A 545 18.34 -24.32 8.02
CA ILE A 545 17.40 -25.38 8.39
C ILE A 545 16.03 -24.75 8.54
N SER A 546 15.16 -24.99 7.56
CA SER A 546 13.79 -24.48 7.62
C SER A 546 12.94 -25.10 6.53
N ALA A 547 11.79 -25.66 6.91
CA ALA A 547 10.77 -25.97 5.92
C ALA A 547 10.35 -24.68 5.23
N THR A 548 10.29 -24.72 3.91
CA THR A 548 10.11 -23.55 3.06
C THR A 548 11.34 -22.66 3.01
N ALA A 549 12.54 -23.24 3.16
CA ALA A 549 13.76 -22.45 3.03
C ALA A 549 13.97 -21.95 1.62
N ARG A 550 13.25 -22.51 0.64
CA ARG A 550 13.31 -22.09 -0.75
C ARG A 550 11.93 -21.63 -1.23
N ALA A 551 11.30 -20.76 -0.44
CA ALA A 551 9.89 -20.43 -0.66
C ALA A 551 9.64 -19.75 -2.00
N ASP A 552 10.69 -19.25 -2.66
CA ASP A 552 10.55 -18.57 -3.94
C ASP A 552 9.83 -17.24 -3.78
N THR A 553 10.25 -16.48 -2.78
CA THR A 553 9.78 -15.12 -2.55
C THR A 553 10.93 -14.27 -2.06
N VAL A 554 11.18 -13.15 -2.74
CA VAL A 554 12.28 -12.27 -2.37
C VAL A 554 11.90 -11.30 -1.25
N ILE A 555 10.62 -11.21 -0.90
CA ILE A 555 10.20 -10.35 0.20
C ILE A 555 10.32 -11.08 1.53
N HIS A 556 9.88 -12.33 1.59
CA HIS A 556 9.88 -13.11 2.82
C HIS A 556 10.94 -14.20 2.82
N ASN A 557 11.94 -14.10 1.94
CA ASN A 557 13.03 -15.06 1.89
C ASN A 557 14.15 -14.45 1.07
N PHE A 558 15.35 -15.02 1.21
CA PHE A 558 16.47 -14.57 0.42
C PHE A 558 16.22 -14.84 -1.06
N ASP A 559 16.74 -13.96 -1.90
CA ASP A 559 16.62 -14.12 -3.35
C ASP A 559 17.55 -15.25 -3.77
N PHE A 560 16.99 -16.45 -3.91
CA PHE A 560 17.80 -17.62 -4.25
C PHE A 560 18.20 -17.67 -5.71
N LYS A 561 17.50 -16.94 -6.59
CA LYS A 561 18.01 -16.75 -7.94
C LYS A 561 19.32 -15.97 -7.92
N TYR A 562 19.33 -14.85 -7.18
CA TYR A 562 20.56 -14.08 -7.03
C TYR A 562 21.63 -14.90 -6.34
N LEU A 563 21.26 -15.62 -5.28
CA LEU A 563 22.25 -16.42 -4.56
C LEU A 563 22.84 -17.49 -5.47
N ASN A 564 22.01 -18.14 -6.28
CA ASN A 564 22.53 -19.11 -7.23
C ASN A 564 23.50 -18.45 -8.20
N GLU A 565 23.08 -17.37 -8.85
CA GLU A 565 23.96 -16.69 -9.80
C GLU A 565 25.26 -16.25 -9.14
N ARG A 566 25.20 -15.92 -7.85
CA ARG A 566 26.34 -15.30 -7.17
C ARG A 566 27.29 -16.35 -6.61
N LEU A 567 26.78 -17.54 -6.30
CA LEU A 567 27.57 -18.54 -5.60
C LEU A 567 27.92 -19.75 -6.47
N GLY A 568 27.10 -20.13 -7.43
CA GLY A 568 27.39 -21.28 -8.25
C GLY A 568 27.40 -22.57 -7.46
N ASN A 569 28.51 -23.30 -7.51
CA ASN A 569 28.61 -24.58 -6.81
C ASN A 569 28.54 -24.42 -5.29
N LYS A 570 28.83 -23.23 -4.76
CA LYS A 570 28.81 -23.05 -3.32
C LYS A 570 27.40 -23.12 -2.75
N LEU A 571 26.36 -22.92 -3.57
CA LEU A 571 24.99 -23.08 -3.12
C LEU A 571 24.60 -24.55 -3.28
N LEU A 572 24.65 -25.30 -2.18
CA LEU A 572 24.41 -26.73 -2.22
C LEU A 572 22.92 -27.03 -2.26
N SER A 573 22.61 -28.20 -2.82
CA SER A 573 21.22 -28.63 -2.96
C SER A 573 21.14 -30.13 -2.76
N LEU A 574 19.96 -30.60 -2.40
CA LEU A 574 19.73 -32.03 -2.21
C LEU A 574 19.32 -32.67 -3.53
N SER A 575 20.02 -33.74 -3.90
CA SER A 575 19.67 -34.46 -5.10
C SER A 575 18.27 -35.06 -4.98
N ARG A 576 17.75 -35.56 -6.09
CA ARG A 576 16.43 -36.19 -6.07
C ARG A 576 16.43 -37.40 -5.16
N GLU A 577 17.52 -38.16 -5.14
CA GLU A 577 17.60 -39.33 -4.27
C GLU A 577 17.58 -38.93 -2.79
N GLN A 578 18.31 -37.88 -2.44
CA GLN A 578 18.31 -37.43 -1.05
C GLN A 578 16.94 -36.92 -0.63
N LYS A 579 16.29 -36.17 -1.51
CA LYS A 579 14.93 -35.70 -1.19
C LYS A 579 13.97 -36.86 -1.07
N GLN A 580 14.12 -37.88 -1.90
CA GLN A 580 13.28 -39.06 -1.78
C GLN A 580 13.53 -39.79 -0.46
N ARG A 581 14.79 -39.86 -0.03
CA ARG A 581 15.09 -40.46 1.26
C ARG A 581 14.44 -39.67 2.39
N VAL A 582 14.51 -38.35 2.33
CA VAL A 582 13.86 -37.52 3.35
C VAL A 582 12.36 -37.74 3.35
N ASN A 583 11.77 -37.83 2.15
CA ASN A 583 10.33 -38.06 2.05
C ASN A 583 9.95 -39.42 2.63
N ASN A 584 10.75 -40.44 2.36
CA ASN A 584 10.48 -41.76 2.92
C ASN A 584 10.58 -41.73 4.43
N TYR A 585 11.58 -41.04 4.97
CA TYR A 585 11.71 -40.93 6.43
C TYR A 585 10.48 -40.23 7.02
N TYR A 586 10.04 -39.14 6.40
CA TYR A 586 8.88 -38.42 6.88
C TYR A 586 7.63 -39.30 6.85
N HIS A 587 7.45 -40.04 5.76
CA HIS A 587 6.29 -40.93 5.66
C HIS A 587 6.35 -42.02 6.71
N SER A 588 7.54 -42.57 6.97
CA SER A 588 7.67 -43.57 8.03
C SER A 588 7.28 -42.97 9.38
N ARG A 589 7.69 -41.73 9.63
CA ARG A 589 7.34 -41.06 10.88
C ARG A 589 5.90 -40.55 10.91
N ARG A 590 5.27 -40.37 9.76
CA ARG A 590 3.94 -39.77 9.67
C ARG A 590 3.06 -40.57 8.70
N ASN A 591 3.05 -41.90 8.89
CA ASN A 591 2.34 -42.80 7.98
C ASN A 591 0.82 -42.66 8.19
N TYR A 592 0.28 -41.60 7.59
CA TYR A 592 -1.16 -41.34 7.74
C TYR A 592 -2.00 -42.42 7.06
N LYS A 593 -1.70 -42.72 5.81
CA LYS A 593 -2.61 -43.55 5.01
C LYS A 593 -2.74 -44.96 5.58
N ASP A 594 -1.63 -45.57 6.00
CA ASP A 594 -1.68 -46.93 6.51
C ASP A 594 -2.45 -47.01 7.81
N ASN A 595 -2.49 -45.94 8.59
CA ASN A 595 -3.18 -45.92 9.88
C ASN A 595 -4.58 -45.35 9.80
N GLY A 596 -5.07 -45.02 8.60
CA GLY A 596 -6.45 -44.60 8.44
C GLY A 596 -6.76 -43.20 8.89
N VAL A 597 -5.75 -42.33 8.96
CA VAL A 597 -6.01 -40.93 9.32
C VAL A 597 -6.49 -40.19 8.07
N VAL A 598 -7.63 -39.53 8.17
CA VAL A 598 -8.26 -38.86 7.04
C VAL A 598 -8.15 -37.35 7.25
N LEU A 599 -7.59 -36.66 6.26
CA LEU A 599 -7.46 -35.21 6.30
C LEU A 599 -8.63 -34.61 5.52
N THR A 600 -9.57 -34.00 6.24
CA THR A 600 -10.78 -33.44 5.65
C THR A 600 -10.60 -31.93 5.51
N VAL A 601 -10.46 -31.47 4.26
CA VAL A 601 -10.27 -30.07 3.95
C VAL A 601 -11.60 -29.49 3.49
N LYS A 602 -11.93 -28.31 4.01
CA LYS A 602 -13.20 -27.65 3.71
C LYS A 602 -12.93 -26.16 3.50
N TYR A 603 -13.08 -25.70 2.26
CA TYR A 603 -12.94 -24.28 1.96
C TYR A 603 -14.27 -23.58 2.22
N LEU A 604 -14.23 -22.45 2.92
CA LEU A 604 -15.41 -21.79 3.42
C LEU A 604 -15.57 -20.43 2.77
N ASN A 605 -16.78 -20.14 2.29
CA ASN A 605 -17.12 -18.83 1.78
C ASN A 605 -17.83 -18.01 2.86
N SER A 606 -17.95 -16.71 2.62
CA SER A 606 -18.72 -15.87 3.51
C SER A 606 -20.17 -16.34 3.55
N ARG A 607 -20.72 -16.47 4.75
CA ARG A 607 -22.08 -16.96 4.97
C ARG A 607 -22.87 -15.85 5.66
N ASP A 608 -23.54 -15.02 4.87
CA ASP A 608 -24.22 -13.85 5.42
C ASP A 608 -25.49 -14.23 6.17
N ALA A 609 -26.28 -15.15 5.63
CA ALA A 609 -27.51 -15.55 6.31
C ALA A 609 -27.22 -16.28 7.61
N PHE A 610 -26.19 -17.13 7.62
CA PHE A 610 -25.82 -17.86 8.84
C PHE A 610 -25.40 -16.89 9.94
N LEU A 611 -24.54 -15.92 9.60
CA LEU A 611 -24.14 -14.91 10.57
C LEU A 611 -25.32 -14.05 10.99
N ASP A 612 -26.23 -13.75 10.07
CA ASP A 612 -27.41 -12.96 10.41
C ASP A 612 -28.26 -13.67 11.44
N ALA A 613 -28.49 -14.97 11.23
CA ALA A 613 -29.27 -15.74 12.20
C ALA A 613 -28.57 -15.78 13.55
N LEU A 614 -27.25 -15.99 13.55
CA LEU A 614 -26.52 -16.01 14.82
C LEU A 614 -26.63 -14.67 15.53
N LEU A 615 -26.49 -13.57 14.79
CA LEU A 615 -26.57 -12.25 15.38
C LEU A 615 -27.98 -11.98 15.93
N GLU A 616 -29.00 -12.40 15.19
CA GLU A 616 -30.37 -12.18 15.64
C GLU A 616 -30.71 -13.01 16.86
N GLU A 617 -30.11 -14.19 17.04
CA GLU A 617 -30.27 -14.94 18.28
C GLU A 617 -29.54 -14.29 19.45
N TYR A 618 -28.34 -13.76 19.21
CA TYR A 618 -27.63 -12.96 20.20
C TYR A 618 -28.33 -11.62 20.31
N LYS A 619 -28.78 -11.25 21.51
CA LYS A 619 -29.69 -10.13 21.65
C LYS A 619 -30.96 -10.43 20.84
N PRO A 620 -31.73 -11.43 21.25
CA PRO A 620 -32.93 -11.80 20.47
C PRO A 620 -33.95 -10.68 20.41
N GLU A 621 -34.00 -9.86 21.46
CA GLU A 621 -34.97 -8.75 21.54
C GLU A 621 -34.41 -7.52 20.81
N ALA A 622 -33.99 -7.75 19.57
CA ALA A 622 -33.50 -6.69 18.70
C ALA A 622 -34.19 -6.83 17.34
N ARG A 623 -33.81 -5.97 16.39
CA ARG A 623 -34.52 -5.93 15.11
C ARG A 623 -33.62 -6.33 13.95
N SER A 624 -32.48 -5.66 13.78
CA SER A 624 -31.67 -5.77 12.58
C SER A 624 -30.32 -6.36 12.93
N SER A 625 -29.87 -7.34 12.15
CA SER A 625 -28.53 -7.89 12.33
C SER A 625 -27.47 -6.84 12.05
N HIS A 626 -27.71 -5.95 11.09
CA HIS A 626 -26.76 -4.87 10.84
C HIS A 626 -26.61 -3.98 12.07
N PHE A 627 -27.73 -3.63 12.70
CA PHE A 627 -27.67 -2.82 13.92
C PHE A 627 -26.95 -3.57 15.04
N ILE A 628 -27.23 -4.87 15.19
CA ILE A 628 -26.59 -5.66 16.24
C ILE A 628 -25.08 -5.66 16.04
N LEU A 629 -24.64 -5.89 14.80
CA LEU A 629 -23.21 -5.87 14.51
C LEU A 629 -22.61 -4.50 14.77
N ASN A 630 -23.32 -3.44 14.35
CA ASN A 630 -22.79 -2.09 14.50
C ASN A 630 -22.82 -1.63 15.95
N HIS A 631 -23.93 -1.86 16.64
CA HIS A 631 -24.11 -1.26 17.96
C HIS A 631 -23.49 -2.12 19.05
N TYR A 632 -23.80 -3.42 19.06
CA TYR A 632 -23.38 -4.28 20.17
C TYR A 632 -21.98 -4.84 19.95
N LEU A 633 -21.65 -5.26 18.72
CA LEU A 633 -20.30 -5.69 18.41
C LEU A 633 -19.37 -4.52 18.12
N GLY A 634 -19.89 -3.30 18.04
CA GLY A 634 -19.06 -2.13 17.90
C GLY A 634 -18.25 -2.07 16.62
N ILE A 635 -18.85 -2.38 15.48
CA ILE A 635 -18.15 -2.38 14.21
C ILE A 635 -18.65 -1.21 13.37
N ALA A 636 -17.73 -0.36 12.93
CA ALA A 636 -18.08 0.79 12.12
C ALA A 636 -18.51 0.34 10.72
N GLU A 637 -19.19 1.25 10.01
CA GLU A 637 -19.70 0.92 8.69
C GLU A 637 -18.57 0.67 7.70
N SER A 638 -17.47 1.42 7.81
CA SER A 638 -16.36 1.25 6.88
C SER A 638 -15.77 -0.15 6.92
N GLU A 639 -15.90 -0.86 8.05
CA GLU A 639 -15.38 -2.21 8.19
C GLU A 639 -16.47 -3.27 8.33
N GLN A 640 -17.74 -2.89 8.19
CA GLN A 640 -18.83 -3.82 8.46
C GLN A 640 -18.80 -5.00 7.50
N ALA A 641 -18.61 -4.74 6.20
CA ALA A 641 -18.62 -5.81 5.22
C ALA A 641 -17.46 -6.79 5.45
N PHE A 642 -16.27 -6.28 5.74
CA PHE A 642 -15.12 -7.15 5.97
C PHE A 642 -15.31 -7.97 7.23
N VAL A 643 -15.79 -7.35 8.30
CA VAL A 643 -16.01 -8.07 9.54
C VAL A 643 -17.05 -9.15 9.34
N ARG A 644 -18.14 -8.83 8.65
CA ARG A 644 -19.15 -9.85 8.38
C ARG A 644 -18.52 -11.07 7.73
N SER A 645 -17.72 -10.88 6.68
CA SER A 645 -17.15 -12.00 5.96
C SER A 645 -16.24 -12.84 6.84
N TRP A 646 -15.25 -12.21 7.49
CA TRP A 646 -14.29 -13.05 8.21
C TRP A 646 -14.89 -13.64 9.47
N LEU A 647 -15.77 -12.92 10.16
CA LEU A 647 -16.46 -13.49 11.32
C LEU A 647 -17.35 -14.65 10.90
N SER A 648 -18.05 -14.53 9.77
CA SER A 648 -18.91 -15.62 9.32
C SER A 648 -18.08 -16.86 8.98
N LYS A 649 -16.94 -16.67 8.30
CA LYS A 649 -16.08 -17.82 8.00
C LYS A 649 -15.60 -18.48 9.28
N LEU A 650 -15.14 -17.68 10.25
CA LEU A 650 -14.65 -18.24 11.51
C LEU A 650 -15.75 -19.01 12.22
N LEU A 651 -16.96 -18.45 12.27
CA LEU A 651 -18.04 -19.09 13.01
C LEU A 651 -18.52 -20.35 12.30
N ALA A 652 -18.48 -20.37 10.96
CA ALA A 652 -18.79 -21.60 10.25
C ALA A 652 -17.76 -22.68 10.57
N SER A 653 -16.48 -22.32 10.61
CA SER A 653 -15.46 -23.29 11.00
C SER A 653 -15.73 -23.82 12.41
N ILE A 654 -16.05 -22.94 13.35
CA ILE A 654 -16.27 -23.37 14.73
C ILE A 654 -17.50 -24.27 14.81
N LYS A 655 -18.56 -23.92 14.09
CA LYS A 655 -19.76 -24.76 14.09
C LYS A 655 -19.46 -26.14 13.55
N ALA A 656 -18.71 -26.22 12.45
CA ALA A 656 -18.35 -27.52 11.90
C ALA A 656 -17.50 -28.31 12.88
N PHE A 657 -16.58 -27.64 13.56
CA PHE A 657 -15.71 -28.33 14.51
C PHE A 657 -16.51 -28.89 15.68
N ILE A 658 -17.40 -28.07 16.26
CA ILE A 658 -18.18 -28.54 17.40
C ILE A 658 -19.16 -29.62 16.98
N SER A 659 -19.63 -29.58 15.74
CA SER A 659 -20.52 -30.64 15.26
C SER A 659 -19.82 -31.99 15.23
N SER A 660 -18.54 -32.01 14.89
CA SER A 660 -17.81 -33.28 14.79
C SER A 660 -17.72 -33.95 16.15
N PRO A 661 -17.95 -35.26 16.22
CA PRO A 661 -17.99 -35.93 17.53
C PRO A 661 -16.63 -36.13 18.18
N ASP A 662 -15.62 -36.52 17.39
CA ASP A 662 -14.36 -36.98 17.96
C ASP A 662 -13.35 -35.85 18.18
N ASN A 663 -13.27 -34.90 17.26
CA ASN A 663 -12.25 -33.86 17.36
C ASN A 663 -12.41 -33.06 18.65
N ARG A 664 -11.29 -32.71 19.28
CA ARG A 664 -11.30 -32.06 20.58
C ARG A 664 -10.55 -30.73 20.62
N TYR A 665 -9.53 -30.55 19.79
CA TYR A 665 -8.59 -29.44 19.93
C TYR A 665 -8.53 -28.69 18.61
N MET A 666 -9.09 -27.49 18.58
CA MET A 666 -9.12 -26.65 17.39
C MET A 666 -8.27 -25.40 17.61
N LEU A 667 -7.56 -25.00 16.57
CA LEU A 667 -6.78 -23.76 16.58
C LEU A 667 -7.27 -22.86 15.45
N SER A 668 -7.63 -21.63 15.78
CA SER A 668 -8.08 -20.65 14.80
C SER A 668 -6.96 -19.64 14.58
N LEU A 669 -6.47 -19.56 13.36
CA LEU A 669 -5.38 -18.65 13.00
C LEU A 669 -5.97 -17.48 12.21
N LEU A 670 -6.17 -16.36 12.88
CA LEU A 670 -6.60 -15.13 12.23
C LEU A 670 -5.41 -14.22 11.99
N ASN A 671 -5.69 -13.07 11.40
CA ASN A 671 -4.67 -12.03 11.22
C ASN A 671 -4.68 -11.00 12.33
N ARG A 672 -5.64 -11.09 13.25
CA ARG A 672 -5.80 -10.11 14.32
C ARG A 672 -6.05 -10.83 15.64
N THR A 673 -5.69 -10.18 16.73
CA THR A 673 -5.87 -10.75 18.06
C THR A 673 -7.27 -10.44 18.58
N LEU A 674 -7.96 -11.46 19.06
CA LEU A 674 -9.27 -11.28 19.68
C LEU A 674 -9.09 -11.03 21.17
N ASP A 675 -8.29 -10.03 21.51
CA ASP A 675 -7.99 -9.71 22.90
C ASP A 675 -9.03 -8.72 23.45
N THR A 676 -8.75 -8.13 24.60
CA THR A 676 -9.71 -7.24 25.25
C THR A 676 -10.16 -6.11 24.32
N THR A 677 -9.29 -5.65 23.43
CA THR A 677 -9.67 -4.57 22.52
C THR A 677 -10.84 -4.96 21.63
N ARG A 678 -11.09 -6.26 21.45
CA ARG A 678 -12.22 -6.76 20.68
C ARG A 678 -13.16 -7.60 21.53
N GLN A 679 -13.31 -7.24 22.81
CA GLN A 679 -14.11 -8.05 23.71
C GLN A 679 -15.55 -8.17 23.24
N ASN A 680 -16.05 -7.16 22.52
CA ASN A 680 -17.42 -7.21 22.04
C ASN A 680 -17.63 -8.36 21.06
N ILE A 681 -16.65 -8.63 20.19
CA ILE A 681 -16.75 -9.76 19.29
C ILE A 681 -16.52 -11.06 20.05
N ASN A 682 -15.67 -11.04 21.06
CA ASN A 682 -15.43 -12.24 21.85
C ASN A 682 -16.70 -12.68 22.56
N ASP A 683 -17.50 -11.73 23.04
CA ASP A 683 -18.76 -12.09 23.69
C ASP A 683 -19.69 -12.82 22.72
N PHE A 684 -19.80 -12.31 21.50
CA PHE A 684 -20.66 -12.97 20.51
C PHE A 684 -20.13 -14.34 20.15
N ILE A 685 -18.81 -14.47 19.98
CA ILE A 685 -18.23 -15.78 19.65
C ILE A 685 -18.46 -16.76 20.79
N GLN A 686 -18.32 -16.30 22.03
CA GLN A 686 -18.59 -17.17 23.17
C GLN A 686 -20.06 -17.58 23.21
N PHE A 687 -20.96 -16.66 22.89
CA PHE A 687 -22.38 -17.01 22.81
C PHE A 687 -22.60 -18.10 21.78
N CYS A 688 -22.00 -17.96 20.59
CA CYS A 688 -22.17 -18.98 19.56
C CYS A 688 -21.59 -20.31 20.00
N CYS A 689 -20.42 -20.29 20.63
CA CYS A 689 -19.81 -21.53 21.09
C CYS A 689 -20.67 -22.22 22.14
N ASP A 690 -21.22 -21.45 23.07
CA ASP A 690 -22.11 -22.03 24.07
C ASP A 690 -23.35 -22.61 23.43
N LYS A 691 -23.93 -21.88 22.47
CA LYS A 691 -25.10 -22.38 21.75
C LYS A 691 -24.81 -23.73 21.11
N TRP A 692 -23.69 -23.82 20.39
CA TRP A 692 -23.40 -25.05 19.66
C TRP A 692 -23.01 -26.17 20.62
N ALA A 693 -22.33 -25.84 21.72
CA ALA A 693 -22.01 -26.87 22.72
C ALA A 693 -23.28 -27.46 23.32
N LYS A 694 -24.24 -26.60 23.66
CA LYS A 694 -25.52 -27.11 24.17
C LYS A 694 -26.26 -27.91 23.11
N GLU A 695 -26.24 -27.43 21.86
CA GLU A 695 -26.96 -28.12 20.80
C GLU A 695 -26.40 -29.51 20.55
N PHE A 696 -25.07 -29.65 20.50
CA PHE A 696 -24.42 -30.91 20.20
C PHE A 696 -23.95 -31.64 21.44
N ASN A 697 -24.24 -31.11 22.63
CA ASN A 697 -24.03 -31.83 23.88
C ASN A 697 -22.56 -32.21 24.06
N VAL A 698 -21.70 -31.19 24.04
CA VAL A 698 -20.27 -31.38 24.30
C VAL A 698 -19.69 -30.10 24.88
N LYS A 699 -19.03 -30.22 26.03
CA LYS A 699 -18.43 -29.05 26.65
C LYS A 699 -17.34 -28.47 25.76
N THR A 700 -17.31 -27.14 25.65
CA THR A 700 -16.32 -26.44 24.85
C THR A 700 -15.74 -25.29 25.67
N LYS A 701 -14.43 -25.15 25.64
CA LYS A 701 -13.73 -24.07 26.33
C LYS A 701 -12.98 -23.23 25.30
N THR A 702 -13.15 -21.92 25.36
CA THR A 702 -12.55 -21.01 24.39
C THR A 702 -11.41 -20.24 25.04
N PHE A 703 -10.31 -20.11 24.31
CA PHE A 703 -9.15 -19.33 24.73
C PHE A 703 -8.99 -18.22 23.70
N PHE A 704 -9.38 -16.99 24.07
CA PHE A 704 -9.49 -15.93 23.09
C PHE A 704 -8.17 -15.18 22.92
N GLY A 705 -7.66 -14.59 24.00
CA GLY A 705 -6.49 -13.74 23.89
C GLY A 705 -5.18 -14.51 23.85
N VAL A 706 -5.15 -15.62 23.11
CA VAL A 706 -3.92 -16.38 22.95
C VAL A 706 -2.95 -15.54 22.13
N ASN A 707 -1.93 -15.01 22.79
CA ASN A 707 -1.10 -13.95 22.25
C ASN A 707 0.28 -14.06 22.88
N ALA A 708 1.27 -13.46 22.21
CA ALA A 708 2.64 -13.52 22.72
C ALA A 708 2.72 -13.08 24.17
N ASP A 709 2.10 -11.94 24.49
CA ASP A 709 2.06 -11.50 25.88
C ASP A 709 1.29 -12.47 26.75
N TRP A 710 0.16 -12.99 26.25
CA TRP A 710 -0.58 -13.99 27.02
C TRP A 710 0.23 -15.26 27.20
N MET A 711 0.95 -15.67 26.16
CA MET A 711 1.83 -16.84 26.29
C MET A 711 2.93 -16.61 27.33
N ARG A 712 3.44 -15.39 27.43
CA ARG A 712 4.45 -15.11 28.44
C ARG A 712 3.86 -15.10 29.84
N LEU A 713 2.70 -14.44 30.01
CA LEU A 713 2.16 -14.21 31.35
C LEU A 713 1.35 -15.41 31.84
N VAL A 714 0.46 -15.95 31.00
CA VAL A 714 -0.39 -17.06 31.38
C VAL A 714 0.21 -18.40 30.98
N GLY A 715 0.88 -18.45 29.82
CA GLY A 715 1.50 -19.68 29.38
C GLY A 715 0.57 -20.55 28.56
N TYR A 716 1.09 -21.08 27.44
CA TYR A 716 0.29 -21.99 26.63
C TYR A 716 -0.01 -23.29 27.35
N ASP A 717 0.69 -23.56 28.46
CA ASP A 717 0.49 -24.81 29.18
C ASP A 717 -0.92 -24.91 29.77
N GLU A 718 -1.64 -23.80 29.90
CA GLU A 718 -3.00 -23.87 30.42
C GLU A 718 -3.91 -24.66 29.47
N ILE A 719 -3.77 -24.44 28.16
CA ILE A 719 -4.56 -25.20 27.20
C ILE A 719 -4.23 -26.69 27.29
N SER A 720 -2.94 -27.01 27.41
CA SER A 720 -2.54 -28.41 27.53
C SER A 720 -3.11 -29.02 28.80
N LYS A 721 -3.08 -28.28 29.91
CA LYS A 721 -3.65 -28.77 31.16
C LYS A 721 -5.14 -29.04 31.01
N HIS A 722 -5.87 -28.10 30.40
CA HIS A 722 -7.30 -28.30 30.22
C HIS A 722 -7.58 -29.53 29.37
N LEU A 723 -6.84 -29.69 28.27
CA LEU A 723 -7.05 -30.86 27.41
C LEU A 723 -6.71 -32.15 28.15
N ASN A 724 -5.68 -32.12 28.99
CA ASN A 724 -5.26 -33.32 29.71
C ASN A 724 -6.20 -33.68 30.86
N THR A 725 -6.89 -32.70 31.44
CA THR A 725 -7.70 -32.94 32.63
C THR A 725 -9.20 -32.78 32.42
N GLU A 726 -9.65 -31.96 31.46
CA GLU A 726 -11.06 -31.63 31.32
C GLU A 726 -11.64 -32.33 30.10
N LEU A 727 -12.85 -32.87 30.26
CA LEU A 727 -13.55 -33.49 29.14
C LEU A 727 -14.19 -32.42 28.27
N GLY A 728 -14.22 -32.69 26.96
CA GLY A 728 -14.83 -31.79 26.01
C GLY A 728 -13.86 -31.25 24.98
N LYS A 729 -14.33 -30.26 24.24
CA LYS A 729 -13.57 -29.64 23.17
C LYS A 729 -12.88 -28.38 23.67
N VAL A 730 -11.92 -27.90 22.88
CA VAL A 730 -11.20 -26.66 23.13
C VAL A 730 -11.04 -25.92 21.83
N VAL A 731 -11.29 -24.60 21.85
CA VAL A 731 -11.11 -23.74 20.71
C VAL A 731 -10.12 -22.65 21.11
N VAL A 732 -9.05 -22.52 20.34
CA VAL A 732 -7.98 -21.57 20.63
C VAL A 732 -7.93 -20.54 19.51
N PHE A 733 -8.05 -19.27 19.86
CA PHE A 733 -8.02 -18.18 18.90
C PHE A 733 -6.66 -17.50 18.97
N SER A 734 -5.89 -17.62 17.91
CA SER A 734 -4.54 -17.06 17.85
C SER A 734 -4.35 -16.44 16.47
N THR A 735 -3.10 -16.10 16.15
CA THR A 735 -2.77 -15.52 14.86
C THR A 735 -1.50 -16.16 14.34
N TYR A 736 -1.25 -15.98 13.05
CA TYR A 736 -0.04 -16.51 12.44
C TYR A 736 1.20 -15.97 13.14
N ALA A 737 1.20 -14.69 13.49
CA ALA A 737 2.35 -14.10 14.17
C ALA A 737 2.50 -14.66 15.59
N SER A 738 1.39 -14.82 16.31
CA SER A 738 1.48 -15.31 17.68
C SER A 738 2.02 -16.73 17.73
N MET A 739 1.57 -17.58 16.82
CA MET A 739 2.04 -18.97 16.78
C MET A 739 3.33 -19.07 15.98
N GLY A 740 4.36 -18.34 16.38
CA GLY A 740 5.62 -18.35 15.69
C GLY A 740 6.41 -19.62 15.95
N ALA A 741 7.58 -19.68 15.33
CA ALA A 741 8.45 -20.84 15.50
C ALA A 741 8.86 -20.98 16.96
N GLY A 742 8.86 -22.22 17.45
CA GLY A 742 9.19 -22.51 18.83
C GLY A 742 8.00 -22.69 19.74
N LYS A 743 6.87 -22.05 19.44
CA LYS A 743 5.65 -22.27 20.20
C LYS A 743 5.13 -23.66 19.91
N ASN A 744 5.19 -24.56 20.89
CA ASN A 744 4.80 -25.94 20.68
C ASN A 744 3.39 -26.15 21.21
N PRO A 745 2.40 -26.37 20.35
CA PRO A 745 1.01 -26.50 20.83
C PRO A 745 0.63 -27.88 21.32
N ASP A 746 1.59 -28.76 21.60
CA ASP A 746 1.26 -30.12 22.02
C ASP A 746 0.48 -30.08 23.33
N TYR A 747 -0.08 -31.23 23.70
CA TYR A 747 -0.72 -31.42 24.99
C TYR A 747 -0.58 -32.88 25.40
N ALA A 748 -0.48 -33.09 26.71
CA ALA A 748 -0.33 -34.44 27.25
C ALA A 748 -1.65 -35.19 27.11
N VAL A 749 -1.58 -36.41 26.59
CA VAL A 749 -2.78 -37.19 26.32
C VAL A 749 -3.24 -37.88 27.60
N ASN A 750 -4.55 -37.91 27.81
CA ASN A 750 -5.19 -38.66 28.89
C ASN A 750 -6.23 -39.55 28.22
N LEU A 751 -5.87 -40.83 28.04
CA LEU A 751 -6.67 -41.71 27.20
C LEU A 751 -8.10 -41.85 27.69
N ALA A 752 -8.37 -41.57 28.97
CA ALA A 752 -9.74 -41.61 29.46
C ALA A 752 -10.61 -40.57 28.76
N LEU A 753 -10.03 -39.44 28.37
CA LEU A 753 -10.78 -38.36 27.75
C LEU A 753 -10.77 -38.42 26.23
N GLU A 754 -9.86 -39.18 25.63
CA GLU A 754 -9.71 -39.20 24.18
C GLU A 754 -10.64 -40.18 23.48
N GLY A 755 -11.36 -41.02 24.22
CA GLY A 755 -12.14 -42.03 23.55
C GLY A 755 -11.24 -42.96 22.75
N GLU A 756 -11.73 -43.37 21.58
CA GLU A 756 -10.98 -44.22 20.67
C GLU A 756 -10.55 -43.47 19.41
N SER A 757 -10.46 -42.14 19.47
CA SER A 757 -10.19 -41.36 18.27
C SER A 757 -8.70 -41.31 17.93
N LEU A 758 -7.83 -41.43 18.93
CA LEU A 758 -6.40 -41.30 18.68
C LEU A 758 -5.83 -42.60 18.11
N ILE A 759 -4.94 -42.45 17.12
CA ILE A 759 -4.23 -43.56 16.53
C ILE A 759 -2.77 -43.18 16.38
N SER A 760 -1.87 -44.06 16.80
CA SER A 760 -0.44 -43.83 16.64
C SER A 760 -0.08 -43.94 15.17
N VAL A 761 0.46 -42.86 14.61
CA VAL A 761 0.69 -42.78 13.17
C VAL A 761 2.14 -43.06 12.81
N ALA A 762 2.99 -43.36 13.77
CA ALA A 762 4.39 -43.68 13.51
C ALA A 762 4.56 -45.17 13.30
N ASP A 763 5.61 -45.54 12.58
CA ASP A 763 5.91 -46.93 12.29
C ASP A 763 6.48 -47.62 13.53
N LEU A 770 3.80 -39.35 25.99
CA LEU A 770 2.66 -39.52 25.10
C LEU A 770 1.91 -38.21 24.95
N ARG A 771 1.96 -37.63 23.74
CA ARG A 771 1.36 -36.34 23.49
C ARG A 771 0.62 -36.36 22.16
N SER A 772 -0.37 -35.48 22.04
CA SER A 772 -1.10 -35.27 20.79
C SER A 772 -1.14 -33.78 20.51
N ASP A 773 -1.55 -33.43 19.29
CA ASP A 773 -1.52 -32.05 18.82
C ASP A 773 -2.88 -31.65 18.28
N ILE A 774 -2.92 -30.46 17.69
CA ILE A 774 -4.15 -29.89 17.13
C ILE A 774 -4.74 -30.85 16.11
N ASP A 775 -6.04 -31.10 16.20
CA ASP A 775 -6.74 -31.95 15.26
C ASP A 775 -7.74 -31.20 14.38
N SER A 776 -8.00 -29.93 14.68
CA SER A 776 -8.82 -29.08 13.82
C SER A 776 -8.15 -27.71 13.72
N ILE A 777 -8.25 -27.09 12.56
CA ILE A 777 -7.60 -25.80 12.33
C ILE A 777 -8.42 -24.99 11.35
N TYR A 778 -8.52 -23.69 11.60
CA TYR A 778 -9.09 -22.73 10.67
C TYR A 778 -8.00 -21.77 10.22
N LEU A 779 -7.82 -21.65 8.91
CA LEU A 779 -6.76 -20.84 8.33
C LEU A 779 -7.38 -19.65 7.60
N GLU A 780 -7.29 -18.47 8.22
CA GLU A 780 -7.62 -17.24 7.53
C GLU A 780 -6.52 -16.87 6.55
N LYS A 781 -6.89 -16.21 5.47
CA LYS A 781 -5.89 -15.84 4.47
C LYS A 781 -4.88 -14.89 5.09
N PRO A 782 -3.58 -15.18 5.02
CA PRO A 782 -2.60 -14.24 5.58
C PRO A 782 -2.73 -12.87 4.96
N THR A 783 -2.54 -11.84 5.77
CA THR A 783 -2.75 -10.46 5.36
C THR A 783 -1.57 -9.62 5.81
N GLN A 784 -1.43 -8.45 5.18
CA GLN A 784 -0.32 -7.55 5.47
C GLN A 784 1.01 -8.21 5.15
N LEU A 785 1.17 -8.67 3.91
CA LEU A 785 2.34 -9.45 3.52
C LEU A 785 3.54 -8.58 3.12
N LEU A 786 3.41 -7.26 3.16
CA LEU A 786 4.55 -6.40 2.89
C LEU A 786 5.30 -6.09 4.18
N LEU A 787 6.62 -6.27 4.17
CA LEU A 787 7.42 -5.97 5.33
C LEU A 787 7.34 -4.48 5.67
N SER A 788 7.38 -4.18 6.96
CA SER A 788 7.38 -2.80 7.42
C SER A 788 8.31 -2.70 8.62
N ASP A 789 8.89 -1.52 8.80
CA ASP A 789 9.81 -1.25 9.89
C ASP A 789 9.30 -0.04 10.66
N ASP A 790 9.27 -0.15 11.99
CA ASP A 790 8.78 0.92 12.85
C ASP A 790 9.90 1.57 13.66
N TYR A 791 11.16 1.24 13.37
CA TYR A 791 12.27 1.87 14.08
C TYR A 791 12.27 3.38 13.86
N SER A 792 12.04 3.81 12.62
CA SER A 792 11.96 5.22 12.29
C SER A 792 11.30 5.36 10.92
N HIS A 793 10.93 6.60 10.59
CA HIS A 793 10.31 6.85 9.29
C HIS A 793 11.26 6.51 8.15
N THR A 794 12.52 6.94 8.27
CA THR A 794 13.49 6.65 7.22
C THR A 794 13.76 5.16 7.11
N ALA A 795 13.76 4.44 8.24
CA ALA A 795 13.92 2.99 8.18
C ALA A 795 12.78 2.34 7.42
N ASN A 796 11.54 2.79 7.66
CA ASN A 796 10.41 2.27 6.92
C ASN A 796 10.53 2.58 5.44
N GLN A 797 10.97 3.78 5.10
CA GLN A 797 11.14 4.14 3.69
C GLN A 797 12.18 3.22 3.03
N LEU A 798 13.29 2.99 3.72
CA LEU A 798 14.31 2.09 3.19
C LEU A 798 13.76 0.69 3.01
N CYS A 799 12.96 0.21 3.98
CA CYS A 799 12.36 -1.11 3.85
C CYS A 799 11.46 -1.20 2.62
N GLN A 800 10.59 -0.20 2.43
CA GLN A 800 9.67 -0.22 1.30
C GLN A 800 10.44 -0.19 -0.02
N PHE A 801 11.43 0.70 -0.13
CA PHE A 801 12.17 0.79 -1.37
C PHE A 801 13.00 -0.47 -1.62
N HIS A 802 13.53 -1.08 -0.56
CA HIS A 802 14.23 -2.35 -0.72
C HIS A 802 13.28 -3.42 -1.27
N GLN A 803 12.06 -3.47 -0.74
CA GLN A 803 11.12 -4.47 -1.25
C GLN A 803 10.80 -4.23 -2.72
N ILE A 804 10.56 -2.97 -3.09
CA ILE A 804 10.23 -2.67 -4.48
C ILE A 804 11.39 -3.04 -5.40
N LEU A 805 12.60 -2.64 -5.02
CA LEU A 805 13.76 -2.93 -5.86
C LEU A 805 14.08 -4.42 -5.89
N SER A 806 13.82 -5.15 -4.80
CA SER A 806 14.00 -6.60 -4.82
C SER A 806 13.04 -7.25 -5.80
N LEU A 807 11.77 -6.81 -5.78
CA LEU A 807 10.82 -7.34 -6.74
C LEU A 807 11.23 -7.02 -8.18
N GLN A 808 11.72 -5.81 -8.42
CA GLN A 808 12.17 -5.46 -9.76
C GLN A 808 13.38 -6.29 -10.16
N GLU A 809 14.32 -6.51 -9.25
CA GLU A 809 15.50 -7.31 -9.53
C GLU A 809 15.12 -8.75 -9.86
N ASN A 810 14.20 -9.32 -9.09
CA ASN A 810 13.80 -10.71 -9.30
C ASN A 810 13.04 -10.91 -10.60
N GLY A 811 12.55 -9.83 -11.21
CA GLY A 811 11.73 -9.95 -12.41
C GLY A 811 10.25 -10.02 -12.14
N GLU A 812 9.82 -9.86 -10.89
CA GLU A 812 8.40 -9.89 -10.56
C GLU A 812 7.68 -8.61 -10.95
N LEU A 813 8.42 -7.51 -11.15
CA LEU A 813 7.85 -6.25 -11.59
C LEU A 813 8.57 -5.80 -12.86
N SER A 814 7.79 -5.32 -13.82
CA SER A 814 8.39 -4.68 -14.99
C SER A 814 9.03 -3.36 -14.56
N PRO A 815 10.09 -2.92 -15.24
CA PRO A 815 10.71 -1.64 -14.86
C PRO A 815 9.73 -0.49 -14.85
N LYS A 816 8.74 -0.48 -15.74
CA LYS A 816 7.72 0.55 -15.69
C LYS A 816 6.94 0.50 -14.39
N SER A 817 6.42 -0.70 -14.05
CA SER A 817 5.67 -0.84 -12.81
C SER A 817 6.54 -0.56 -11.59
N ALA A 818 7.78 -1.05 -11.61
CA ALA A 818 8.68 -0.81 -10.50
C ALA A 818 8.94 0.68 -10.29
N GLU A 819 9.19 1.40 -11.39
CA GLU A 819 9.46 2.83 -11.27
C GLU A 819 8.23 3.59 -10.83
N ASN A 820 7.05 3.22 -11.33
CA ASN A 820 5.82 3.86 -10.90
C ASN A 820 5.59 3.64 -9.40
N TRP A 821 5.83 2.41 -8.94
CA TRP A 821 5.67 2.11 -7.52
C TRP A 821 6.67 2.90 -6.68
N CYS A 822 7.91 3.00 -7.15
CA CYS A 822 8.91 3.78 -6.44
C CYS A 822 8.48 5.24 -6.35
N ARG A 823 7.96 5.79 -7.45
CA ARG A 823 7.48 7.17 -7.42
C ARG A 823 6.35 7.34 -6.43
N GLN A 824 5.36 6.45 -6.46
CA GLN A 824 4.24 6.57 -5.54
C GLN A 824 4.71 6.47 -4.10
N GLN A 825 5.64 5.56 -3.82
CA GLN A 825 6.18 5.43 -2.48
C GLN A 825 6.90 6.70 -2.05
N LEU A 826 7.65 7.32 -2.97
CA LEU A 826 8.41 8.51 -2.63
C LEU A 826 7.48 9.66 -2.25
N MET A 827 6.36 9.81 -2.94
CA MET A 827 5.38 10.83 -2.61
C MET A 827 4.53 10.48 -1.41
N GLY A 828 4.67 9.27 -0.87
CA GLY A 828 3.96 8.91 0.35
C GLY A 828 2.66 8.17 0.14
N MET A 829 2.69 7.09 -0.63
CA MET A 829 1.49 6.28 -0.83
C MET A 829 1.09 5.61 0.49
N SER A 830 -0.17 5.19 0.56
CA SER A 830 -0.70 4.56 1.76
C SER A 830 -0.30 3.09 1.82
N ARG A 831 -0.31 2.55 3.03
CA ARG A 831 -0.02 1.14 3.23
C ARG A 831 -0.91 0.26 2.36
N GLU A 832 -2.19 0.62 2.25
CA GLU A 832 -3.13 -0.20 1.49
C GLU A 832 -2.81 -0.17 0.01
N ARG A 833 -2.39 0.98 -0.51
CA ARG A 833 -1.99 1.03 -1.92
C ARG A 833 -0.70 0.24 -2.16
N SER A 834 0.22 0.26 -1.20
CA SER A 834 1.41 -0.58 -1.32
C SER A 834 1.02 -2.06 -1.36
N LEU A 835 0.07 -2.46 -0.52
CA LEU A 835 -0.39 -3.85 -0.54
C LEU A 835 -1.08 -4.17 -1.86
N GLN A 836 -1.85 -3.23 -2.39
CA GLN A 836 -2.49 -3.45 -3.70
C GLN A 836 -1.44 -3.66 -4.78
N GLN A 837 -0.38 -2.84 -4.76
CA GLN A 837 0.70 -3.01 -5.72
C GLN A 837 1.35 -4.38 -5.56
N TYR A 838 1.58 -4.79 -4.31
CA TYR A 838 2.25 -6.07 -4.07
C TYR A 838 1.40 -7.24 -4.52
N HIS A 839 0.09 -7.16 -4.33
CA HIS A 839 -0.79 -8.28 -4.64
C HIS A 839 -0.79 -8.65 -6.12
N GLN A 840 -0.34 -7.75 -6.99
CA GLN A 840 -0.30 -8.05 -8.42
C GLN A 840 0.81 -9.04 -8.77
N THR A 841 1.84 -9.15 -7.93
CA THR A 841 2.94 -10.05 -8.21
C THR A 841 2.60 -11.48 -7.77
N SER A 842 3.27 -12.44 -8.40
CA SER A 842 3.21 -13.83 -7.95
C SER A 842 4.02 -14.07 -6.70
N ASP A 843 4.99 -13.20 -6.41
CA ASP A 843 5.73 -13.28 -5.16
C ASP A 843 4.78 -13.22 -3.97
N TYR A 844 3.71 -12.43 -4.09
CA TYR A 844 2.71 -12.36 -3.02
C TYR A 844 2.06 -13.72 -2.79
N GLN A 845 1.68 -14.39 -3.87
CA GLN A 845 1.07 -15.72 -3.73
C GLN A 845 2.05 -16.70 -3.13
N SER A 846 3.33 -16.63 -3.55
CA SER A 846 4.33 -17.51 -2.96
C SER A 846 4.47 -17.26 -1.46
N ALA A 847 4.48 -16.00 -1.04
CA ALA A 847 4.57 -15.70 0.38
C ALA A 847 3.35 -16.20 1.15
N VAL A 848 2.16 -16.05 0.57
CA VAL A 848 0.96 -16.55 1.23
C VAL A 848 1.02 -18.06 1.39
N ARG A 849 1.45 -18.76 0.35
CA ARG A 849 1.59 -20.21 0.43
C ARG A 849 2.63 -20.60 1.45
N LYS A 850 3.72 -19.83 1.55
CA LYS A 850 4.72 -20.07 2.57
C LYS A 850 4.12 -19.98 3.97
N TYR A 851 3.32 -18.93 4.20
CA TYR A 851 2.70 -18.76 5.51
C TYR A 851 1.77 -19.93 5.83
N ILE A 852 0.94 -20.33 4.87
CA ILE A 852 0.01 -21.43 5.12
C ILE A 852 0.77 -22.71 5.40
N GLU A 853 1.81 -22.99 4.62
CA GLU A 853 2.61 -24.18 4.83
C GLU A 853 3.26 -24.17 6.20
N GLN A 854 3.81 -23.02 6.62
CA GLN A 854 4.42 -22.93 7.93
C GLN A 854 3.41 -23.23 9.02
N ALA A 855 2.20 -22.65 8.91
CA ALA A 855 1.18 -22.88 9.94
C ALA A 855 0.82 -24.36 10.02
N VAL A 856 0.48 -24.96 8.89
CA VAL A 856 0.03 -26.36 8.93
C VAL A 856 1.16 -27.26 9.41
N GLY A 857 2.41 -26.97 9.04
CA GLY A 857 3.52 -27.76 9.53
C GLY A 857 3.70 -27.63 11.03
N ARG A 858 3.58 -26.40 11.54
CA ARG A 858 3.73 -26.18 12.98
C ARG A 858 2.59 -26.80 13.77
N ALA A 859 1.46 -27.10 13.13
CA ALA A 859 0.35 -27.72 13.85
C ALA A 859 0.46 -29.24 13.93
N GLY A 860 1.50 -29.84 13.36
CA GLY A 860 1.58 -31.30 13.24
C GLY A 860 2.76 -31.96 13.94
N ARG A 861 3.03 -31.58 15.19
CA ARG A 861 4.32 -31.90 15.80
C ARG A 861 4.38 -33.25 16.51
N THR A 862 3.28 -34.01 16.57
CA THR A 862 3.30 -35.30 17.26
C THR A 862 3.09 -36.45 16.28
N SER A 863 3.13 -37.66 16.84
CA SER A 863 2.85 -38.88 16.10
C SER A 863 1.47 -39.46 16.42
N LEU A 864 0.81 -38.98 17.47
CA LEU A 864 -0.55 -39.38 17.78
C LEU A 864 -1.52 -38.46 17.06
N LYS A 865 -2.27 -39.02 16.12
CA LYS A 865 -3.21 -38.27 15.31
C LYS A 865 -4.61 -38.82 15.52
N ARG A 866 -5.60 -37.94 15.43
CA ARG A 866 -6.98 -38.39 15.44
C ARG A 866 -7.36 -38.96 14.08
N LYS A 867 -8.30 -39.90 14.10
CA LYS A 867 -8.64 -40.62 12.89
C LYS A 867 -9.21 -39.70 11.81
N GLN A 868 -9.65 -38.50 12.19
CA GLN A 868 -10.03 -37.47 11.23
C GLN A 868 -9.46 -36.14 11.68
N ILE A 869 -8.85 -35.42 10.75
CA ILE A 869 -8.29 -34.10 11.00
C ILE A 869 -9.03 -33.10 10.11
N LEU A 870 -9.60 -32.07 10.72
CA LEU A 870 -10.44 -31.11 10.03
C LEU A 870 -9.63 -29.85 9.74
N LEU A 871 -9.49 -29.54 8.45
CA LEU A 871 -8.83 -28.31 8.02
C LEU A 871 -9.85 -27.42 7.36
N PHE A 872 -10.15 -26.29 7.99
CA PHE A 872 -11.07 -25.29 7.45
C PHE A 872 -10.26 -24.12 6.94
N VAL A 873 -10.51 -23.72 5.70
CA VAL A 873 -9.69 -22.74 5.00
C VAL A 873 -10.58 -21.64 4.46
N ASP A 874 -10.16 -20.40 4.64
CA ASP A 874 -10.85 -19.28 4.01
C ASP A 874 -10.83 -19.48 2.50
N SER A 875 -11.99 -19.29 1.86
CA SER A 875 -12.08 -19.52 0.43
C SER A 875 -11.17 -18.60 -0.36
N GLY A 876 -10.75 -17.47 0.22
CA GLY A 876 -9.79 -16.61 -0.45
C GLY A 876 -8.46 -17.27 -0.73
N LEU A 877 -8.15 -18.35 -0.02
CA LEU A 877 -6.91 -19.08 -0.23
C LEU A 877 -7.03 -20.14 -1.31
N LYS A 878 -8.24 -20.42 -1.81
CA LYS A 878 -8.41 -21.51 -2.75
C LYS A 878 -7.66 -21.25 -4.05
N GLU A 879 -7.82 -20.03 -4.60
CA GLU A 879 -7.12 -19.71 -5.84
C GLU A 879 -5.62 -19.71 -5.64
N ILE A 880 -5.14 -19.17 -4.52
CA ILE A 880 -3.70 -19.10 -4.27
C ILE A 880 -3.13 -20.50 -4.14
N LEU A 881 -3.80 -21.38 -3.41
CA LEU A 881 -3.27 -22.73 -3.18
C LEU A 881 -3.40 -23.60 -4.42
N ALA A 882 -4.41 -23.36 -5.26
CA ALA A 882 -4.54 -24.13 -6.49
C ALA A 882 -3.35 -23.92 -7.42
N GLU A 883 -2.61 -22.83 -7.25
CA GLU A 883 -1.46 -22.52 -8.09
C GLU A 883 -0.17 -23.18 -7.59
N GLU A 884 -0.20 -23.87 -6.46
CA GLU A 884 0.99 -24.57 -5.98
C GLU A 884 1.39 -25.63 -7.00
N SER A 885 2.63 -25.55 -7.48
CA SER A 885 3.09 -26.43 -8.55
C SER A 885 4.48 -26.97 -8.28
N ARG A 886 5.04 -26.68 -7.11
CA ARG A 886 6.36 -27.19 -6.76
C ARG A 886 6.29 -28.71 -6.55
N ASP A 887 7.47 -29.32 -6.51
CA ASP A 887 7.55 -30.75 -6.26
C ASP A 887 6.98 -31.05 -4.88
N PRO A 888 5.99 -31.94 -4.76
CA PRO A 888 5.38 -32.20 -3.45
C PRO A 888 6.11 -33.21 -2.61
N SER A 889 7.34 -33.58 -2.97
CA SER A 889 8.05 -34.62 -2.24
C SER A 889 8.28 -34.26 -0.78
N LEU A 890 8.42 -32.98 -0.46
CA LEU A 890 8.71 -32.53 0.89
C LEU A 890 7.54 -31.78 1.53
N PHE A 891 6.37 -31.77 0.89
CA PHE A 891 5.19 -31.16 1.50
C PHE A 891 4.68 -32.02 2.64
N SER A 892 4.19 -31.35 3.68
CA SER A 892 3.52 -32.07 4.76
C SER A 892 2.15 -32.56 4.29
N HIS A 893 1.64 -33.58 4.98
CA HIS A 893 0.37 -34.17 4.59
C HIS A 893 -0.74 -33.13 4.59
N GLU A 894 -0.77 -32.26 5.60
CA GLU A 894 -1.82 -31.24 5.66
C GLU A 894 -1.73 -30.30 4.46
N TYR A 895 -0.51 -29.87 4.11
CA TYR A 895 -0.36 -28.99 2.97
C TYR A 895 -0.72 -29.69 1.67
N VAL A 896 -0.36 -30.97 1.54
CA VAL A 896 -0.72 -31.72 0.35
C VAL A 896 -2.24 -31.80 0.22
N ALA A 897 -2.92 -32.07 1.33
CA ALA A 897 -4.38 -32.11 1.29
C ALA A 897 -4.96 -30.75 0.91
N LEU A 898 -4.41 -29.67 1.48
CA LEU A 898 -4.89 -28.34 1.14
C LEU A 898 -4.75 -28.08 -0.35
N VAL A 899 -3.58 -28.40 -0.92
CA VAL A 899 -3.35 -28.14 -2.34
C VAL A 899 -4.28 -29.00 -3.19
N ASN A 900 -4.41 -30.28 -2.84
CA ASN A 900 -5.23 -31.18 -3.64
C ASN A 900 -6.69 -30.76 -3.63
N LYS A 901 -7.22 -30.38 -2.47
CA LYS A 901 -8.62 -29.96 -2.42
C LYS A 901 -8.86 -28.71 -3.24
N ALA A 902 -7.92 -27.76 -3.22
CA ALA A 902 -8.05 -26.58 -4.07
C ALA A 902 -8.09 -26.97 -5.54
N LYS A 903 -7.26 -27.93 -5.94
CA LYS A 903 -7.32 -28.50 -7.28
C LYS A 903 -7.14 -27.43 -8.34
N ASP A 912 5.43 -18.36 -9.63
CA ASP A 912 6.06 -17.30 -10.42
C ASP A 912 6.38 -17.79 -11.82
N ARG A 913 5.53 -17.44 -12.78
CA ARG A 913 5.72 -17.89 -14.15
C ARG A 913 7.07 -17.41 -14.67
N ALA A 914 7.87 -18.34 -15.18
CA ALA A 914 9.13 -17.95 -15.80
C ALA A 914 8.89 -17.09 -17.04
N VAL A 915 7.77 -17.30 -17.71
CA VAL A 915 7.45 -16.50 -18.90
C VAL A 915 7.28 -15.03 -18.52
N ARG A 916 6.56 -14.77 -17.43
CA ARG A 916 6.39 -13.40 -16.97
C ARG A 916 7.74 -12.79 -16.59
N ARG A 917 8.59 -13.58 -15.92
CA ARG A 917 9.89 -13.06 -15.50
C ARG A 917 10.77 -12.75 -16.69
N LEU A 918 10.64 -13.51 -17.78
CA LEU A 918 11.51 -13.28 -18.93
C LEU A 918 11.26 -11.91 -19.55
N PHE A 919 9.99 -11.54 -19.72
CA PHE A 919 9.67 -10.23 -20.29
C PHE A 919 10.18 -9.11 -19.39
N ASN A 920 9.89 -9.20 -18.09
CA ASN A 920 10.29 -8.16 -17.16
C ASN A 920 11.80 -8.04 -17.09
N LEU A 921 12.51 -9.16 -17.09
CA LEU A 921 13.98 -9.11 -17.03
C LEU A 921 14.57 -8.61 -18.33
N ALA A 922 13.96 -8.92 -19.47
CA ALA A 922 14.42 -8.34 -20.72
C ALA A 922 14.29 -6.82 -20.68
N GLN A 923 13.13 -6.32 -20.23
CA GLN A 923 12.95 -4.87 -20.11
C GLN A 923 13.96 -4.28 -19.14
N ARG A 924 14.17 -4.94 -18.00
CA ARG A 924 15.09 -4.43 -16.99
C ARG A 924 16.51 -4.35 -17.54
N ASN A 925 16.98 -5.41 -18.19
CA ASN A 925 18.33 -5.41 -18.74
C ASN A 925 18.47 -4.37 -19.83
N ASN A 926 17.47 -4.22 -20.70
CA ASN A 926 17.55 -3.21 -21.74
C ASN A 926 17.60 -1.81 -21.15
N LYS A 927 16.77 -1.53 -20.14
CA LYS A 927 16.77 -0.21 -19.52
C LYS A 927 18.10 0.07 -18.85
N ASP A 928 18.63 -0.92 -18.11
CA ASP A 928 19.92 -0.74 -17.45
C ASP A 928 21.01 -0.47 -18.47
N GLY A 929 21.03 -1.25 -19.55
CA GLY A 929 22.02 -1.01 -20.59
C GLY A 929 21.88 0.37 -21.21
N MET A 930 20.66 0.77 -21.51
CA MET A 930 20.42 2.07 -22.14
C MET A 930 20.97 3.20 -21.26
N LEU A 931 20.56 3.22 -20.00
CA LEU A 931 20.96 4.33 -19.14
C LEU A 931 22.44 4.27 -18.80
N SER A 932 22.98 3.08 -18.57
CA SER A 932 24.41 2.96 -18.29
C SER A 932 25.24 3.41 -19.47
N ILE A 933 24.85 3.03 -20.69
CA ILE A 933 25.61 3.43 -21.87
C ILE A 933 25.49 4.93 -22.10
N LYS A 934 24.29 5.48 -21.88
CA LYS A 934 24.14 6.93 -22.02
C LYS A 934 25.07 7.66 -21.06
N ALA A 935 25.08 7.25 -19.79
CA ALA A 935 25.96 7.90 -18.81
C ALA A 935 27.42 7.70 -19.18
N LEU A 936 27.79 6.51 -19.63
CA LEU A 936 29.18 6.23 -19.97
C LEU A 936 29.64 7.08 -21.15
N VAL A 937 28.79 7.23 -22.17
CA VAL A 937 29.14 8.06 -23.31
C VAL A 937 29.26 9.52 -22.88
N HIS A 938 28.32 9.98 -22.05
CA HIS A 938 28.39 11.36 -21.58
C HIS A 938 29.71 11.60 -20.84
N ARG A 939 30.11 10.65 -19.98
CA ARG A 939 31.38 10.78 -19.28
C ARG A 939 32.54 10.77 -20.26
N LEU A 940 32.50 9.89 -21.27
CA LEU A 940 33.56 9.84 -22.27
C LEU A 940 33.67 11.16 -22.99
N HIS A 941 32.58 11.92 -23.10
CA HIS A 941 32.63 13.26 -23.65
C HIS A 941 33.12 14.29 -22.62
N ASN A 942 33.72 13.83 -21.53
CA ASN A 942 34.40 14.69 -20.57
C ASN A 942 35.84 14.20 -20.41
N GLN A 943 36.76 15.14 -20.19
CA GLN A 943 38.19 14.81 -20.28
C GLN A 943 38.68 14.03 -19.06
N PRO A 944 38.54 14.52 -17.84
CA PRO A 944 39.30 13.91 -16.73
C PRO A 944 39.02 12.44 -16.49
N ALA A 945 37.78 11.98 -16.68
CA ALA A 945 37.43 10.61 -16.36
C ALA A 945 37.79 9.62 -17.47
N SER A 946 38.53 10.05 -18.49
CA SER A 946 38.75 9.21 -19.66
C SER A 946 39.52 7.95 -19.32
N LYS A 947 40.39 8.00 -18.30
CA LYS A 947 41.31 6.89 -18.07
C LYS A 947 40.58 5.57 -17.81
N SER A 948 39.51 5.60 -17.01
CA SER A 948 38.78 4.39 -16.66
C SER A 948 37.60 4.15 -17.60
N ASP A 949 36.93 5.22 -18.02
CA ASP A 949 35.80 5.08 -18.92
C ASP A 949 36.23 4.54 -20.27
N ILE A 950 37.42 4.89 -20.74
CA ILE A 950 37.91 4.34 -22.00
C ILE A 950 38.08 2.83 -21.88
N GLN A 951 38.65 2.38 -20.77
CA GLN A 951 38.79 0.94 -20.56
C GLN A 951 37.43 0.26 -20.49
N GLU A 952 36.47 0.88 -19.81
CA GLU A 952 35.13 0.30 -19.72
C GLU A 952 34.51 0.19 -21.11
N TRP A 953 34.62 1.24 -21.91
CA TRP A 953 34.08 1.24 -23.27
C TRP A 953 34.71 0.13 -24.11
N GLN A 954 36.04 0.04 -24.08
CA GLN A 954 36.73 -0.99 -24.85
C GLN A 954 36.35 -2.38 -24.37
N ASP A 955 36.20 -2.56 -23.06
CA ASP A 955 35.80 -3.86 -22.53
C ASP A 955 34.42 -4.24 -23.01
N ILE A 956 33.47 -3.31 -23.00
CA ILE A 956 32.12 -3.62 -23.45
C ILE A 956 32.14 -4.00 -24.94
N ARG A 957 32.85 -3.21 -25.74
CA ARG A 957 32.90 -3.49 -27.18
C ARG A 957 33.54 -4.84 -27.44
N THR A 958 34.65 -5.14 -26.75
CA THR A 958 35.32 -6.41 -26.95
C THR A 958 34.44 -7.57 -26.52
N GLN A 959 33.72 -7.43 -25.41
CA GLN A 959 32.82 -8.49 -24.96
C GLN A 959 31.74 -8.75 -26.01
N LEU A 960 31.12 -7.68 -26.52
CA LEU A 960 30.05 -7.86 -27.49
C LEU A 960 30.58 -8.49 -28.78
N LEU A 961 31.72 -8.02 -29.27
CA LEU A 961 32.29 -8.59 -30.49
C LEU A 961 32.66 -10.06 -30.29
N ARG A 962 33.25 -10.38 -29.15
CA ARG A 962 33.75 -11.72 -28.90
C ARG A 962 32.64 -12.69 -28.55
N TYR A 963 31.62 -12.25 -27.81
CA TYR A 963 30.53 -13.09 -27.36
C TYR A 963 29.20 -12.40 -27.62
N PRO A 964 28.78 -12.35 -28.89
CA PRO A 964 27.45 -11.80 -29.18
C PRO A 964 26.34 -12.56 -28.48
N THR A 965 26.52 -13.86 -28.28
CA THR A 965 25.52 -14.69 -27.62
C THR A 965 26.27 -15.72 -26.77
N VAL A 966 25.78 -15.95 -25.55
CA VAL A 966 26.46 -16.78 -24.57
C VAL A 966 25.54 -17.90 -24.12
N ALA A 967 26.15 -19.02 -23.74
CA ALA A 967 25.38 -20.19 -23.31
C ALA A 967 24.75 -19.98 -21.94
N PHE A 968 25.52 -19.46 -20.99
CA PHE A 968 25.08 -19.33 -19.61
C PHE A 968 25.05 -17.87 -19.19
N GLN A 969 24.17 -17.55 -18.26
CA GLN A 969 24.07 -16.20 -17.73
C GLN A 969 25.44 -15.74 -17.26
N PRO A 970 26.07 -14.76 -17.93
CA PRO A 970 27.42 -14.35 -17.54
C PRO A 970 27.45 -13.83 -16.10
N GLU A 971 28.59 -14.08 -15.44
CA GLU A 971 28.84 -13.49 -14.14
C GLU A 971 29.04 -11.99 -14.33
N ARG A 972 30.06 -11.62 -15.11
CA ARG A 972 30.28 -10.24 -15.48
C ARG A 972 29.64 -9.95 -16.84
N PHE A 973 29.36 -8.68 -17.09
CA PHE A 973 28.62 -8.24 -18.27
C PHE A 973 27.21 -8.81 -18.31
N ASN A 974 26.65 -9.15 -17.15
CA ASN A 974 25.35 -9.80 -17.11
C ASN A 974 24.24 -8.90 -17.64
N ARG A 975 24.42 -7.59 -17.61
CA ARG A 975 23.41 -6.66 -18.12
C ARG A 975 23.53 -6.42 -19.61
N LEU A 976 24.56 -6.95 -20.26
CA LEU A 976 24.70 -6.80 -21.70
C LEU A 976 23.77 -7.74 -22.46
N TYR A 977 23.17 -8.71 -21.79
CA TYR A 977 22.41 -9.77 -22.44
C TYR A 977 21.02 -9.89 -21.81
N LEU A 978 20.12 -10.52 -22.55
CA LEU A 978 18.82 -10.92 -22.04
C LEU A 978 18.54 -12.34 -22.50
N GLN A 979 17.71 -13.05 -21.75
CA GLN A 979 17.33 -14.41 -22.09
C GLN A 979 16.25 -14.33 -23.17
N SER A 980 16.61 -14.77 -24.38
CA SER A 980 15.83 -14.46 -25.57
C SER A 980 14.53 -15.23 -25.68
N MET A 981 14.43 -16.42 -25.08
CA MET A 981 13.23 -17.25 -25.17
C MET A 981 13.05 -17.81 -26.59
N THR A 982 13.92 -17.42 -27.52
CA THR A 982 13.84 -17.89 -28.90
C THR A 982 15.17 -18.45 -29.40
N LYS A 983 16.20 -18.46 -28.55
CA LYS A 983 17.52 -19.08 -28.89
C LYS A 983 18.25 -18.41 -30.06
N GLY A 984 19.09 -17.40 -29.80
CA GLY A 984 19.94 -16.81 -30.86
C GLY A 984 19.32 -15.68 -31.67
N TYR A 985 18.05 -15.34 -31.41
CA TYR A 985 17.38 -14.21 -32.12
C TYR A 985 16.19 -13.77 -31.27
N TYR A 986 15.55 -12.63 -31.57
CA TYR A 986 14.32 -12.21 -30.85
C TYR A 986 13.75 -10.93 -31.46
N ARG A 987 12.45 -10.66 -31.25
CA ARG A 987 11.81 -9.47 -31.77
C ARG A 987 11.59 -8.47 -30.62
N TYR A 988 11.60 -7.19 -30.97
CA TYR A 988 11.40 -6.16 -29.97
C TYR A 988 10.85 -4.91 -30.64
N GLN A 989 10.25 -4.05 -29.82
CA GLN A 989 9.78 -2.75 -30.25
C GLN A 989 10.11 -1.72 -29.18
N GLY A 990 10.53 -0.53 -29.62
CA GLY A 990 10.85 0.52 -28.69
C GLY A 990 11.77 1.56 -29.30
N ASN A 991 11.63 2.81 -28.86
CA ASN A 991 12.46 3.90 -29.35
C ASN A 991 13.73 3.96 -28.50
N LEU A 992 14.84 3.50 -29.08
CA LEU A 992 16.11 3.49 -28.36
C LEU A 992 16.50 4.89 -27.90
N ASP A 993 16.03 5.93 -28.58
CA ASP A 993 16.25 7.30 -28.14
C ASP A 993 15.15 7.79 -27.20
N GLY A 994 14.14 6.98 -26.93
CA GLY A 994 13.02 7.41 -26.12
C GLY A 994 12.96 6.75 -24.76
N ASP A 995 11.75 6.48 -24.29
CA ASP A 995 11.55 5.94 -22.95
C ASP A 995 11.96 4.48 -22.90
N PRO A 996 12.91 4.08 -22.04
CA PRO A 996 13.24 2.65 -21.94
C PRO A 996 12.12 1.80 -21.37
N ASN A 997 11.15 2.41 -20.69
CA ASN A 997 10.05 1.64 -20.12
C ASN A 997 9.06 1.16 -21.18
N SER A 998 9.15 1.68 -22.40
CA SER A 998 8.16 1.38 -23.43
C SER A 998 8.51 0.15 -24.25
N PHE A 999 9.64 -0.49 -23.99
CA PHE A 999 10.06 -1.62 -24.82
C PHE A 999 9.19 -2.84 -24.57
N GLU A 1000 8.99 -3.62 -25.63
CA GLU A 1000 8.30 -4.90 -25.57
C GLU A 1000 9.13 -5.93 -26.33
N PHE A 1001 9.00 -7.19 -25.93
CA PHE A 1001 9.91 -8.22 -26.41
C PHE A 1001 9.16 -9.49 -26.76
N PHE A 1002 9.78 -10.30 -27.61
CA PHE A 1002 9.38 -11.69 -27.89
C PHE A 1002 7.94 -11.66 -28.45
N ASP A 1003 7.07 -12.57 -27.99
CA ASP A 1003 5.79 -12.77 -28.64
C ASP A 1003 4.90 -11.54 -28.61
N ARG A 1004 5.15 -10.61 -27.69
CA ARG A 1004 4.33 -9.41 -27.62
C ARG A 1004 4.46 -8.52 -28.86
N VAL A 1005 5.53 -8.71 -29.64
CA VAL A 1005 5.74 -7.92 -30.85
C VAL A 1005 6.24 -8.84 -31.96
N PRO A 1006 5.38 -9.68 -32.53
CA PRO A 1006 5.84 -10.59 -33.60
C PRO A 1006 6.40 -9.86 -34.81
N TYR A 1007 5.88 -8.68 -35.13
CA TYR A 1007 6.31 -7.92 -36.30
C TYR A 1007 7.35 -6.86 -35.98
N GLY A 1008 7.86 -6.83 -34.75
CA GLY A 1008 8.81 -5.80 -34.37
C GLY A 1008 10.21 -6.07 -34.92
N ASP A 1009 11.08 -5.10 -34.67
CA ASP A 1009 12.48 -5.24 -35.08
C ASP A 1009 13.07 -6.52 -34.49
N MET A 1010 14.07 -7.06 -35.18
CA MET A 1010 14.70 -8.32 -34.81
C MET A 1010 16.17 -8.11 -34.52
N VAL A 1011 16.66 -8.77 -33.47
CA VAL A 1011 18.07 -8.80 -33.12
C VAL A 1011 18.59 -10.18 -33.49
N SER A 1012 19.43 -10.25 -34.51
CA SER A 1012 19.92 -11.54 -35.00
C SER A 1012 21.17 -11.31 -35.83
N GLU A 1013 21.86 -12.41 -36.13
CA GLU A 1013 23.05 -12.33 -36.97
C GLU A 1013 22.72 -11.79 -38.36
N GLU A 1014 21.47 -11.93 -38.80
CA GLU A 1014 21.09 -11.46 -40.13
C GLU A 1014 20.93 -9.94 -40.15
N ASP A 1015 20.38 -9.36 -39.09
CA ASP A 1015 20.10 -7.93 -39.07
C ASP A 1015 21.36 -7.08 -38.97
N CYS A 1016 22.51 -7.68 -38.68
CA CYS A 1016 23.77 -6.95 -38.60
C CYS A 1016 24.68 -7.22 -39.79
N SER A 1017 24.29 -8.13 -40.69
CA SER A 1017 25.04 -8.41 -41.91
C SER A 1017 26.47 -8.91 -41.61
N LEU A 1018 26.65 -9.60 -40.49
CA LEU A 1018 27.97 -10.15 -40.17
C LEU A 1018 28.36 -11.25 -41.15
N ALA A 1019 27.38 -12.08 -41.53
CA ALA A 1019 27.66 -13.17 -42.46
C ALA A 1019 28.15 -12.64 -43.81
N THR A 1020 27.50 -11.60 -44.33
CA THR A 1020 27.95 -10.98 -45.58
C THR A 1020 29.25 -10.22 -45.39
N LEU A 1021 29.68 -10.01 -44.14
CA LEU A 1021 30.87 -9.21 -43.88
C LEU A 1021 32.11 -10.08 -43.76
N VAL A 1022 32.00 -11.23 -43.11
CA VAL A 1022 33.16 -12.04 -42.77
C VAL A 1022 33.32 -13.24 -43.72
N GLN A 1023 32.80 -13.15 -44.93
CA GLN A 1023 32.75 -14.33 -45.80
C GLN A 1023 34.00 -14.51 -46.66
N ASN A 1024 34.35 -13.52 -47.48
CA ASN A 1024 35.42 -13.68 -48.46
C ASN A 1024 36.32 -12.45 -48.48
N GLN A 1025 36.74 -11.98 -47.31
CA GLN A 1025 37.34 -10.66 -47.21
C GLN A 1025 38.52 -10.71 -46.24
N TYR A 1026 39.28 -9.61 -46.23
CA TYR A 1026 40.38 -9.46 -45.28
C TYR A 1026 39.89 -9.46 -43.83
N VAL A 1027 38.60 -9.21 -43.61
CA VAL A 1027 38.11 -9.03 -42.24
C VAL A 1027 38.04 -10.36 -41.51
N ARG A 1028 37.86 -11.48 -42.23
CA ARG A 1028 37.79 -12.77 -41.54
C ARG A 1028 39.10 -13.11 -40.86
N PRO A 1029 40.26 -12.98 -41.50
CA PRO A 1029 41.52 -13.16 -40.75
C PRO A 1029 41.63 -12.24 -39.56
N TRP A 1030 41.17 -11.00 -39.68
CA TRP A 1030 41.21 -10.07 -38.55
C TRP A 1030 40.38 -10.60 -37.39
N PHE A 1031 39.13 -11.00 -37.66
CA PHE A 1031 38.25 -11.50 -36.62
C PHE A 1031 38.82 -12.77 -35.98
N GLU A 1032 39.33 -13.68 -36.81
CA GLU A 1032 39.88 -14.93 -36.28
C GLU A 1032 41.11 -14.67 -35.42
N ARG A 1033 41.97 -13.74 -35.82
CA ARG A 1033 43.15 -13.42 -35.02
C ARG A 1033 42.74 -12.78 -33.69
N LYS A 1034 41.79 -11.85 -33.74
CA LYS A 1034 41.38 -11.16 -32.51
C LYS A 1034 40.33 -11.92 -31.71
N GLY A 1035 39.88 -13.07 -32.19
CA GLY A 1035 38.96 -13.89 -31.44
C GLY A 1035 37.50 -13.49 -31.55
N PHE A 1036 37.17 -12.54 -32.42
CA PHE A 1036 35.79 -12.12 -32.58
C PHE A 1036 34.96 -13.27 -33.17
N ALA A 1037 33.65 -13.19 -32.93
CA ALA A 1037 32.74 -14.23 -33.39
C ALA A 1037 32.37 -13.98 -34.84
N CYS A 1038 32.66 -14.95 -35.71
CA CYS A 1038 32.26 -14.85 -37.10
C CYS A 1038 30.79 -15.20 -37.31
N SER A 1039 30.14 -15.79 -36.31
CA SER A 1039 28.71 -16.09 -36.39
C SER A 1039 28.17 -16.19 -34.97
N TRP A 1040 26.86 -16.04 -34.85
CA TRP A 1040 26.20 -16.07 -33.55
C TRP A 1040 25.85 -17.51 -33.18
N GLN A 1041 26.45 -18.01 -32.10
CA GLN A 1041 26.00 -19.27 -31.54
C GLN A 1041 24.56 -19.13 -31.05
N LYS A 1042 23.72 -20.11 -31.39
CA LYS A 1042 22.30 -20.03 -31.09
C LYS A 1042 22.03 -20.45 -29.64
N GLU A 1043 22.46 -19.60 -28.72
CA GLU A 1043 22.24 -19.82 -27.31
C GLU A 1043 21.05 -18.99 -26.82
N ALA A 1044 20.72 -19.17 -25.53
CA ALA A 1044 19.55 -18.51 -24.97
C ALA A 1044 19.78 -17.04 -24.68
N ASN A 1045 20.99 -16.67 -24.28
CA ASN A 1045 21.29 -15.30 -23.86
C ASN A 1045 21.81 -14.50 -25.05
N VAL A 1046 21.09 -13.44 -25.40
CA VAL A 1046 21.42 -12.60 -26.55
C VAL A 1046 21.56 -11.17 -26.07
N MET A 1047 22.39 -10.40 -26.78
CA MET A 1047 22.63 -9.02 -26.40
C MET A 1047 21.35 -8.21 -26.50
N THR A 1048 21.22 -7.23 -25.61
CA THR A 1048 20.01 -6.42 -25.55
C THR A 1048 19.92 -5.51 -26.77
N PRO A 1049 18.72 -4.98 -27.06
CA PRO A 1049 18.59 -4.12 -28.25
C PRO A 1049 19.54 -2.94 -28.24
N ILE A 1050 19.78 -2.32 -27.08
CA ILE A 1050 20.66 -1.17 -27.02
C ILE A 1050 22.08 -1.56 -27.41
N MET A 1051 22.57 -2.68 -26.88
CA MET A 1051 23.91 -3.12 -27.22
C MET A 1051 24.01 -3.47 -28.70
N PHE A 1052 22.98 -4.12 -29.24
CA PHE A 1052 22.99 -4.51 -30.65
C PHE A 1052 23.03 -3.28 -31.56
N THR A 1053 22.21 -2.27 -31.26
CA THR A 1053 22.06 -1.15 -32.17
C THR A 1053 23.14 -0.10 -31.99
N ASN A 1054 23.44 0.26 -30.75
CA ASN A 1054 24.30 1.41 -30.48
C ASN A 1054 25.77 1.06 -30.38
N ILE A 1055 26.11 -0.20 -30.14
CA ILE A 1055 27.50 -0.58 -29.87
C ILE A 1055 27.99 -1.64 -30.84
N TYR A 1056 27.29 -2.78 -30.86
CA TYR A 1056 27.78 -3.93 -31.62
C TYR A 1056 27.90 -3.60 -33.11
N LYS A 1057 26.88 -2.96 -33.67
CA LYS A 1057 26.87 -2.69 -35.10
C LYS A 1057 27.92 -1.65 -35.48
N GLY A 1058 28.20 -0.70 -34.58
CA GLY A 1058 29.28 0.24 -34.84
C GLY A 1058 30.65 -0.39 -34.66
N ALA A 1059 30.77 -1.29 -33.67
CA ALA A 1059 32.04 -1.99 -33.46
C ALA A 1059 32.39 -2.86 -34.65
N LEU A 1060 31.39 -3.54 -35.23
CA LEU A 1060 31.65 -4.34 -36.42
C LEU A 1060 32.19 -3.47 -37.55
N GLY A 1061 31.57 -2.30 -37.76
CA GLY A 1061 32.05 -1.41 -38.80
C GLY A 1061 33.47 -0.93 -38.55
N GLU A 1062 33.76 -0.56 -37.30
CA GLU A 1062 35.10 -0.11 -36.97
C GLU A 1062 36.13 -1.19 -37.25
N GLN A 1063 35.86 -2.43 -36.80
CA GLN A 1063 36.80 -3.51 -37.00
C GLN A 1063 36.98 -3.82 -38.48
N ALA A 1064 35.87 -3.86 -39.24
CA ALA A 1064 35.97 -4.15 -40.67
C ALA A 1064 36.80 -3.08 -41.38
N VAL A 1065 36.55 -1.81 -41.07
CA VAL A 1065 37.29 -0.73 -41.70
C VAL A 1065 38.77 -0.84 -41.35
N GLU A 1066 39.07 -1.09 -40.08
CA GLU A 1066 40.47 -1.22 -39.68
C GLU A 1066 41.16 -2.35 -40.43
N ALA A 1067 40.51 -3.50 -40.51
CA ALA A 1067 41.12 -4.63 -41.23
C ALA A 1067 41.34 -4.29 -42.69
N VAL A 1068 40.31 -3.75 -43.35
CA VAL A 1068 40.42 -3.47 -44.78
C VAL A 1068 41.53 -2.48 -45.05
N LEU A 1069 41.60 -1.41 -44.25
CA LEU A 1069 42.62 -0.39 -44.49
C LEU A 1069 44.01 -0.90 -44.14
N THR A 1070 44.15 -1.66 -43.05
CA THR A 1070 45.44 -2.24 -42.72
C THR A 1070 45.92 -3.19 -43.80
N ALA A 1071 44.98 -3.79 -44.55
CA ALA A 1071 45.37 -4.59 -45.71
C ALA A 1071 46.02 -3.76 -46.79
N PHE A 1072 45.91 -2.43 -46.73
CA PHE A 1072 46.49 -1.53 -47.72
C PHE A 1072 47.53 -0.61 -47.09
N ASP A 1073 48.33 -1.16 -46.18
CA ASP A 1073 49.49 -0.50 -45.58
C ASP A 1073 49.12 0.66 -44.67
N PHE A 1074 47.85 0.81 -44.30
CA PHE A 1074 47.48 1.80 -43.30
C PHE A 1074 47.81 1.29 -41.90
N THR A 1075 47.81 2.21 -40.94
CA THR A 1075 47.97 1.87 -39.54
C THR A 1075 47.26 2.94 -38.71
N PHE A 1076 46.90 2.57 -37.48
CA PHE A 1076 46.05 3.39 -36.64
C PHE A 1076 46.63 3.46 -35.23
N GLU A 1077 46.39 4.59 -34.56
CA GLU A 1077 46.67 4.73 -33.13
C GLU A 1077 45.41 5.23 -32.43
N GLU A 1078 45.34 4.99 -31.13
CA GLU A 1078 44.18 5.39 -30.36
C GLU A 1078 44.02 6.91 -30.36
N VAL A 1079 42.78 7.36 -30.42
CA VAL A 1079 42.50 8.81 -30.38
C VAL A 1079 42.91 9.35 -29.02
N PRO A 1080 43.50 10.54 -28.95
CA PRO A 1080 43.84 11.10 -27.62
C PRO A 1080 42.59 11.34 -26.79
N ASN A 1081 42.78 11.31 -25.46
CA ASN A 1081 41.66 11.38 -24.54
C ASN A 1081 40.83 12.65 -24.75
N SER A 1082 41.45 13.71 -25.27
CA SER A 1082 40.73 14.97 -25.43
C SER A 1082 39.53 14.83 -26.35
N ILE A 1083 39.64 13.99 -27.39
CA ILE A 1083 38.60 13.86 -28.40
C ILE A 1083 38.19 12.41 -28.54
N TYR A 1084 38.28 11.64 -27.46
CA TYR A 1084 37.97 10.22 -27.54
C TYR A 1084 36.49 10.00 -27.84
N GLU A 1085 36.23 8.98 -28.67
CA GLU A 1085 34.88 8.51 -28.98
C GLU A 1085 34.14 9.46 -29.91
N ARG A 1086 34.71 10.64 -30.19
CA ARG A 1086 34.15 11.49 -31.22
C ARG A 1086 34.63 11.05 -32.60
N PHE A 1087 35.78 10.40 -32.67
CA PHE A 1087 36.28 9.80 -33.90
C PHE A 1087 36.80 8.40 -33.58
N ASP A 1088 36.68 7.51 -34.57
CA ASP A 1088 37.03 6.11 -34.34
C ASP A 1088 38.51 5.95 -34.03
N ASN A 1089 39.39 6.34 -34.95
CA ASN A 1089 40.82 6.15 -34.78
C ASN A 1089 41.57 7.21 -35.58
N ARG A 1090 42.85 7.36 -35.26
CA ARG A 1090 43.74 8.28 -35.95
C ARG A 1090 44.58 7.50 -36.94
N VAL A 1091 44.55 7.91 -38.21
CA VAL A 1091 45.14 7.15 -39.31
C VAL A 1091 46.55 7.64 -39.55
N ILE A 1092 47.50 6.71 -39.61
CA ILE A 1092 48.89 7.00 -39.93
C ILE A 1092 49.22 6.33 -41.25
N PHE A 1093 49.75 7.11 -42.19
CA PHE A 1093 50.14 6.57 -43.49
C PHE A 1093 51.44 7.23 -43.91
N ALA A 1094 52.28 6.45 -44.60
CA ALA A 1094 53.59 6.95 -45.01
C ALA A 1094 53.45 8.11 -45.97
N GLY A 1095 54.30 9.12 -45.81
CA GLY A 1095 54.35 10.24 -46.72
C GLY A 1095 53.44 11.41 -46.37
N ILE A 1096 52.62 11.28 -45.34
CA ILE A 1096 51.70 12.35 -44.91
C ILE A 1096 52.05 12.72 -43.48
N GLU A 1097 52.25 14.02 -43.25
CA GLU A 1097 52.51 14.53 -41.91
C GLU A 1097 51.27 15.10 -41.24
N GLN A 1098 50.27 15.50 -42.02
CA GLN A 1098 49.07 16.08 -41.44
C GLN A 1098 48.28 15.03 -40.67
N PRO A 1099 47.65 15.39 -39.55
CA PRO A 1099 46.81 14.42 -38.85
C PRO A 1099 45.63 14.00 -39.71
N ILE A 1100 45.23 12.74 -39.56
CA ILE A 1100 44.08 12.18 -40.25
C ILE A 1100 43.18 11.51 -39.22
N TRP A 1101 41.88 11.76 -39.32
CA TRP A 1101 40.90 11.18 -38.41
C TRP A 1101 39.84 10.42 -39.20
N LEU A 1102 39.35 9.33 -38.61
CA LEU A 1102 38.39 8.45 -39.23
C LEU A 1102 37.12 8.39 -38.40
N ASP A 1103 35.99 8.24 -39.07
CA ASP A 1103 34.69 8.15 -38.40
C ASP A 1103 33.80 7.24 -39.21
N SER A 1104 33.55 6.04 -38.69
CA SER A 1104 32.72 5.04 -39.34
C SER A 1104 31.36 4.99 -38.62
N LYS A 1105 30.44 5.82 -39.06
CA LYS A 1105 29.09 5.87 -38.50
C LYS A 1105 28.10 6.16 -39.64
N TYR A 1106 27.04 5.36 -39.71
CA TYR A 1106 26.08 5.51 -40.79
C TYR A 1106 25.11 6.64 -40.49
N TRP A 1107 24.54 7.20 -41.56
CA TRP A 1107 23.40 8.11 -41.48
C TRP A 1107 23.60 9.16 -40.40
N LYS A 1108 24.80 9.71 -40.32
CA LYS A 1108 25.12 10.79 -39.38
C LYS A 1108 24.84 10.40 -37.94
N HIS A 1109 24.90 9.10 -37.62
CA HIS A 1109 24.64 8.64 -36.26
C HIS A 1109 25.59 9.28 -35.27
N GLU A 1116 24.31 17.84 -37.78
CA GLU A 1116 25.10 19.04 -38.05
C GLU A 1116 26.24 19.18 -37.05
N GLY A 1117 26.25 18.32 -36.03
CA GLY A 1117 27.32 18.35 -35.05
C GLY A 1117 28.66 17.91 -35.61
N TYR A 1118 28.67 17.35 -36.83
CA TYR A 1118 29.93 16.95 -37.44
C TYR A 1118 30.83 18.16 -37.68
N SER A 1119 30.25 19.29 -38.08
CA SER A 1119 31.04 20.51 -38.24
C SER A 1119 31.63 20.96 -36.91
N SER A 1120 30.84 20.87 -35.84
CA SER A 1120 31.37 21.22 -34.51
C SER A 1120 32.51 20.29 -34.13
N LYS A 1121 32.37 18.99 -34.41
CA LYS A 1121 33.45 18.04 -34.13
C LYS A 1121 34.71 18.41 -34.91
N ILE A 1122 34.55 18.74 -36.18
CA ILE A 1122 35.71 19.08 -37.01
C ILE A 1122 36.40 20.32 -36.46
N ALA A 1123 35.61 21.34 -36.11
CA ALA A 1123 36.19 22.57 -35.58
C ALA A 1123 36.91 22.30 -34.26
N LEU A 1124 36.30 21.51 -33.38
CA LEU A 1124 36.91 21.21 -32.10
C LEU A 1124 38.20 20.41 -32.26
N VAL A 1125 38.24 19.50 -33.23
CA VAL A 1125 39.47 18.74 -33.47
C VAL A 1125 40.56 19.65 -34.01
N GLU A 1126 40.21 20.50 -34.99
CA GLU A 1126 41.23 21.31 -35.65
C GLU A 1126 41.78 22.40 -34.72
N GLU A 1127 40.92 23.04 -33.92
CA GLU A 1127 41.39 24.12 -33.07
C GLU A 1127 42.47 23.63 -32.10
N GLU A 1128 42.48 22.33 -31.79
CA GLU A 1128 43.48 21.78 -30.88
C GLU A 1128 44.65 21.16 -31.64
N PHE A 1129 44.36 20.33 -32.63
CA PHE A 1129 45.39 19.59 -33.35
C PHE A 1129 45.76 20.22 -34.69
N GLY A 1130 45.28 21.42 -34.98
CA GLY A 1130 45.64 22.11 -36.19
C GLY A 1130 44.92 21.54 -37.40
N PRO A 1131 45.36 21.93 -38.60
CA PRO A 1131 44.70 21.41 -39.81
C PRO A 1131 44.82 19.90 -39.88
N SER A 1132 43.76 19.26 -40.37
CA SER A 1132 43.68 17.81 -40.42
C SER A 1132 42.74 17.38 -41.54
N LYS A 1133 42.84 16.11 -41.90
CA LYS A 1133 41.96 15.49 -42.89
C LYS A 1133 41.05 14.49 -42.18
N PHE A 1134 39.80 14.43 -42.62
CA PHE A 1134 38.79 13.59 -41.99
C PHE A 1134 38.27 12.59 -43.00
N ILE A 1135 38.02 11.36 -42.54
CA ILE A 1135 37.50 10.29 -43.39
C ILE A 1135 36.18 9.81 -42.82
N TYR A 1136 35.13 9.87 -43.63
CA TYR A 1136 33.82 9.33 -43.28
C TYR A 1136 33.57 8.12 -44.17
N VAL A 1137 33.37 6.96 -43.55
CA VAL A 1137 33.30 5.71 -44.31
C VAL A 1137 32.28 4.76 -43.70
N ASN A 1138 31.43 4.18 -44.55
CA ASN A 1138 30.58 3.09 -44.12
C ASN A 1138 31.21 1.77 -44.53
N ALA A 1139 31.31 0.84 -43.58
CA ALA A 1139 31.98 -0.43 -43.86
C ALA A 1139 31.29 -1.20 -44.98
N LEU A 1140 29.96 -1.25 -44.95
CA LEU A 1140 29.18 -2.00 -45.92
C LEU A 1140 28.28 -1.05 -46.71
N GLY A 1141 28.02 -1.41 -47.97
CA GLY A 1141 27.16 -0.62 -48.82
C GLY A 1141 27.23 -1.06 -50.27
N ASP A 1142 27.23 -0.10 -51.19
CA ASP A 1142 27.32 -0.40 -52.62
C ASP A 1142 28.28 0.58 -53.27
N THR A 1143 29.08 0.07 -54.23
CA THR A 1143 30.04 0.91 -54.92
C THR A 1143 29.37 1.80 -55.96
N SER A 1144 28.07 1.61 -56.22
CA SER A 1144 27.41 2.32 -57.29
C SER A 1144 27.42 3.84 -57.10
N LYS A 1145 27.56 4.32 -55.85
CA LYS A 1145 27.48 5.75 -55.63
C LYS A 1145 28.88 6.34 -55.50
N PRO A 1146 29.15 7.51 -56.08
CA PRO A 1146 30.53 8.00 -56.11
C PRO A 1146 31.05 8.41 -54.74
N ILE A 1147 32.38 8.41 -54.62
CA ILE A 1147 33.01 9.00 -53.45
C ILE A 1147 32.78 10.50 -53.47
N ARG A 1148 32.72 11.10 -52.28
CA ARG A 1148 32.42 12.52 -52.15
C ARG A 1148 33.47 13.19 -51.26
N TYR A 1149 33.59 14.51 -51.44
CA TYR A 1149 34.49 15.33 -50.67
C TYR A 1149 33.73 16.54 -50.15
N LEU A 1150 34.05 16.99 -48.94
CA LEU A 1150 33.31 18.05 -48.29
C LEU A 1150 34.26 18.92 -47.47
N ASN A 1151 33.76 20.08 -47.06
CA ASN A 1151 34.56 21.07 -46.32
C ASN A 1151 33.79 21.49 -45.07
N SER A 1152 33.98 20.73 -43.99
CA SER A 1152 33.40 21.04 -42.68
C SER A 1152 31.89 21.23 -42.73
N CYS A 1153 31.24 20.71 -43.78
CA CYS A 1153 29.81 20.85 -43.93
C CYS A 1153 29.31 19.77 -44.87
N PHE A 1154 27.99 19.53 -44.82
CA PHE A 1154 27.39 18.52 -45.68
C PHE A 1154 27.43 18.90 -47.15
N VAL A 1155 27.73 20.16 -47.47
CA VAL A 1155 27.87 20.57 -48.87
C VAL A 1155 29.23 20.11 -49.38
N GLU A 1156 29.22 19.43 -50.54
CA GLU A 1156 30.45 18.93 -51.12
C GLU A 1156 31.18 20.03 -51.89
N THR A 1157 32.42 19.73 -52.26
CA THR A 1157 33.23 20.66 -53.04
C THR A 1157 34.25 19.85 -53.85
N SER A 1158 35.15 20.56 -54.51
CA SER A 1158 36.17 19.89 -55.30
C SER A 1158 37.15 19.15 -54.37
N PRO A 1159 37.81 18.11 -54.87
CA PRO A 1159 38.65 17.29 -53.98
C PRO A 1159 39.67 18.08 -53.18
N GLN A 1160 40.40 19.00 -53.82
CA GLN A 1160 41.50 19.67 -53.14
C GLN A 1160 41.04 20.73 -52.16
N LEU A 1161 39.89 21.34 -52.40
CA LEU A 1161 39.34 22.31 -51.45
C LEU A 1161 38.66 21.63 -50.27
N ALA A 1162 38.54 20.32 -50.29
CA ALA A 1162 37.82 19.60 -49.26
C ALA A 1162 38.78 19.03 -48.21
N LYS A 1163 38.32 19.04 -46.96
CA LYS A 1163 39.03 18.41 -45.87
C LYS A 1163 38.34 17.16 -45.34
N VAL A 1164 37.09 16.92 -45.73
CA VAL A 1164 36.34 15.74 -45.34
C VAL A 1164 36.06 14.93 -46.60
N ILE A 1165 36.45 13.67 -46.60
CA ILE A 1165 36.19 12.75 -47.72
C ILE A 1165 35.26 11.66 -47.22
N GLU A 1166 34.19 11.42 -47.97
CA GLU A 1166 33.19 10.43 -47.62
C GLU A 1166 33.31 9.24 -48.57
N ILE A 1167 33.57 8.06 -48.01
CA ILE A 1167 33.55 6.81 -48.77
C ILE A 1167 32.19 6.16 -48.52
N PRO A 1168 31.26 6.22 -49.47
CA PRO A 1168 29.90 5.75 -49.18
C PRO A 1168 29.82 4.27 -48.82
N ALA A 1169 30.68 3.43 -49.39
CA ALA A 1169 30.62 2.01 -49.11
C ALA A 1169 32.01 1.44 -49.35
N LEU A 1170 32.71 1.08 -48.27
CA LEU A 1170 34.02 0.46 -48.42
C LEU A 1170 33.89 -0.97 -48.94
N ILE A 1171 32.79 -1.64 -48.65
CA ILE A 1171 32.60 -3.04 -49.01
C ILE A 1171 31.23 -3.20 -49.66
N ASP A 1172 31.18 -3.96 -50.75
CA ASP A 1172 29.94 -4.24 -51.44
C ASP A 1172 29.20 -5.38 -50.74
N ASP A 1173 28.06 -5.06 -50.14
CA ASP A 1173 27.30 -6.06 -49.41
C ASP A 1173 26.76 -7.18 -50.29
N SER A 1174 26.65 -6.94 -51.61
CA SER A 1174 26.14 -7.98 -52.50
C SER A 1174 27.04 -9.21 -52.51
N ASN A 1175 28.35 -9.01 -52.57
CA ASN A 1175 29.27 -10.14 -52.60
C ASN A 1175 30.50 -9.94 -51.74
N ALA A 1176 30.61 -8.86 -50.99
CA ALA A 1176 31.73 -8.62 -50.06
C ALA A 1176 33.04 -8.37 -50.81
N ASP A 1177 32.97 -7.77 -51.99
CA ASP A 1177 34.18 -7.33 -52.67
C ASP A 1177 34.72 -6.06 -52.04
N THR A 1178 36.04 -5.92 -52.06
CA THR A 1178 36.68 -4.72 -51.53
C THR A 1178 36.72 -3.64 -52.62
N ASN A 1179 36.16 -2.47 -52.33
CA ASN A 1179 36.13 -1.37 -53.28
C ASN A 1179 37.52 -0.74 -53.33
N ARG A 1180 38.44 -1.46 -53.99
CA ARG A 1180 39.82 -1.02 -54.06
C ARG A 1180 39.96 0.32 -54.76
N THR A 1181 39.07 0.63 -55.70
CA THR A 1181 39.12 1.93 -56.36
C THR A 1181 38.90 3.05 -55.36
N ALA A 1182 37.97 2.86 -54.42
CA ALA A 1182 37.76 3.87 -53.39
C ALA A 1182 38.99 4.03 -52.52
N VAL A 1183 39.66 2.92 -52.18
CA VAL A 1183 40.87 2.99 -51.38
C VAL A 1183 41.96 3.75 -52.11
N GLN A 1184 42.13 3.49 -53.41
CA GLN A 1184 43.13 4.20 -54.19
C GLN A 1184 42.81 5.69 -54.27
N GLU A 1185 41.54 6.04 -54.45
CA GLU A 1185 41.14 7.44 -54.45
C GLU A 1185 41.45 8.08 -53.11
N LEU A 1186 41.18 7.38 -52.01
CA LEU A 1186 41.48 7.89 -50.68
C LEU A 1186 42.98 8.13 -50.52
N ILE A 1187 43.80 7.19 -50.99
CA ILE A 1187 45.25 7.32 -50.86
C ILE A 1187 45.73 8.52 -51.67
N LYS A 1188 45.23 8.68 -52.88
CA LYS A 1188 45.61 9.82 -53.71
C LYS A 1188 45.21 11.13 -53.05
N TRP A 1189 43.98 11.18 -52.50
CA TRP A 1189 43.52 12.40 -51.84
C TRP A 1189 44.37 12.72 -50.62
N LEU A 1190 44.80 11.70 -49.88
CA LEU A 1190 45.69 11.92 -48.75
C LEU A 1190 47.02 12.47 -49.21
N HIS A 1191 47.62 11.85 -50.24
CA HIS A 1191 48.93 12.28 -50.71
C HIS A 1191 48.91 13.67 -51.33
N HIS A 1192 47.80 14.08 -51.93
CA HIS A 1192 47.75 15.40 -52.54
C HIS A 1192 47.94 16.51 -51.54
N SER A 1193 47.63 16.28 -50.26
CA SER A 1193 47.78 17.29 -49.23
C SER A 1193 46.94 18.53 -49.55
N GLN B 14 -52.64 5.20 -8.74
CA GLN B 14 -52.84 6.24 -7.75
C GLN B 14 -51.70 7.26 -7.78
N GLY B 15 -50.52 6.80 -8.21
CA GLY B 15 -49.39 7.67 -8.39
C GLY B 15 -48.30 7.45 -7.35
N PRO B 16 -47.17 8.13 -7.52
CA PRO B 16 -46.06 7.95 -6.57
C PRO B 16 -46.40 8.44 -5.18
N LEU B 17 -45.78 7.82 -4.19
CA LEU B 17 -46.02 8.18 -2.80
C LEU B 17 -45.12 9.34 -2.38
N SER B 18 -45.59 10.10 -1.39
CA SER B 18 -44.86 11.24 -0.86
C SER B 18 -45.16 11.36 0.63
N THR B 19 -44.28 12.08 1.33
CA THR B 19 -44.46 12.29 2.76
C THR B 19 -45.67 13.17 3.08
N LEU B 20 -46.22 13.87 2.10
CA LEU B 20 -47.45 14.64 2.33
C LEU B 20 -48.54 13.71 2.83
N ILE B 21 -49.24 14.15 3.87
CA ILE B 21 -50.23 13.32 4.56
C ILE B 21 -51.59 13.54 3.90
N GLU B 22 -52.20 12.46 3.42
CA GLU B 22 -53.53 12.56 2.84
C GLU B 22 -54.59 12.72 3.93
N GLN B 23 -54.47 11.96 5.01
CA GLN B 23 -55.49 11.98 6.06
C GLN B 23 -54.87 11.50 7.37
N ILE B 24 -55.37 12.04 8.47
CA ILE B 24 -55.02 11.60 9.81
C ILE B 24 -56.32 11.18 10.50
N SER B 25 -56.40 9.91 10.89
CA SER B 25 -57.58 9.35 11.52
C SER B 25 -57.30 9.15 13.00
N ILE B 26 -57.94 9.96 13.84
CA ILE B 26 -57.81 9.88 15.28
C ILE B 26 -59.20 9.83 15.89
N ASP B 27 -59.43 8.82 16.73
CA ASP B 27 -60.70 8.70 17.45
C ASP B 27 -60.63 9.61 18.68
N THR B 28 -61.20 10.81 18.55
CA THR B 28 -61.13 11.78 19.64
C THR B 28 -61.77 11.22 20.91
N ASP B 29 -62.86 10.47 20.79
CA ASP B 29 -63.47 9.82 21.94
C ASP B 29 -62.52 8.83 22.61
N TRP B 30 -61.80 8.03 21.83
CA TRP B 30 -60.82 7.12 22.42
C TRP B 30 -59.72 7.88 23.14
N VAL B 31 -59.25 8.99 22.55
CA VAL B 31 -58.22 9.80 23.21
C VAL B 31 -58.74 10.33 24.54
N ASP B 32 -59.95 10.88 24.54
CA ASP B 32 -60.54 11.38 25.77
C ASP B 32 -60.71 10.27 26.80
N ARG B 33 -61.09 9.07 26.37
CA ARG B 33 -61.16 7.93 27.28
C ARG B 33 -59.79 7.46 27.76
N SER B 34 -58.71 7.86 27.08
CA SER B 34 -57.37 7.40 27.40
C SER B 34 -56.43 8.48 27.91
N PHE B 35 -56.67 9.76 27.58
CA PHE B 35 -55.75 10.82 27.95
C PHE B 35 -56.53 12.06 28.35
N ALA B 36 -55.86 12.94 29.08
CA ALA B 36 -56.38 14.24 29.49
C ALA B 36 -55.53 15.34 28.86
N ILE B 37 -56.20 16.38 28.36
CA ILE B 37 -55.54 17.45 27.62
C ILE B 37 -55.83 18.78 28.30
N TYR B 38 -54.80 19.63 28.37
CA TYR B 38 -54.91 20.95 29.00
C TYR B 38 -54.33 22.01 28.07
N CYS B 39 -54.85 23.23 28.20
CA CYS B 39 -54.34 24.39 27.49
C CYS B 39 -53.70 25.34 28.48
N VAL B 40 -52.50 25.83 28.14
CA VAL B 40 -51.68 26.61 29.05
C VAL B 40 -51.22 27.88 28.37
N SER B 41 -51.32 29.00 29.08
CA SER B 41 -50.79 30.27 28.60
C SER B 41 -50.63 31.20 29.81
N TYR B 42 -49.64 32.10 29.70
CA TYR B 42 -49.36 33.00 30.80
C TYR B 42 -50.51 33.97 31.02
N LYS B 43 -50.78 34.28 32.29
CA LYS B 43 -51.90 35.12 32.69
C LYS B 43 -51.38 36.43 33.26
N GLY B 44 -51.70 37.54 32.59
CA GLY B 44 -51.38 38.86 33.10
C GLY B 44 -50.00 39.36 32.77
N ILE B 45 -49.10 38.51 32.27
CA ILE B 45 -47.74 38.95 31.99
C ILE B 45 -47.69 39.60 30.61
N ASP B 46 -46.89 40.66 30.49
CA ASP B 46 -46.80 41.39 29.24
C ASP B 46 -46.20 40.53 28.15
N PHE B 47 -46.65 40.75 26.91
CA PHE B 47 -46.19 39.95 25.79
C PHE B 47 -44.69 40.11 25.56
N SER B 48 -44.10 41.21 26.03
CA SER B 48 -42.65 41.38 25.94
C SER B 48 -41.91 40.53 26.98
N GLU B 49 -42.53 40.26 28.13
CA GLU B 49 -41.92 39.45 29.17
C GLU B 49 -42.31 37.98 29.12
N ARG B 50 -43.46 37.65 28.53
CA ARG B 50 -43.83 36.25 28.38
C ARG B 50 -42.76 35.43 27.70
N PRO B 51 -42.10 35.90 26.64
CA PRO B 51 -40.95 35.15 26.10
C PRO B 51 -39.86 34.91 27.14
N LYS B 52 -39.63 35.87 28.03
CA LYS B 52 -38.55 35.73 29.01
C LYS B 52 -38.88 34.70 30.08
N ARG B 53 -40.15 34.32 30.23
CA ARG B 53 -40.54 33.29 31.19
C ARG B 53 -40.98 32.00 30.53
N LEU B 54 -41.20 31.98 29.22
CA LEU B 54 -41.34 30.72 28.51
C LEU B 54 -40.06 29.90 28.62
N VAL B 55 -38.94 30.55 28.93
CA VAL B 55 -37.69 29.84 29.14
C VAL B 55 -37.85 28.79 30.23
N THR B 56 -38.68 29.09 31.25
CA THR B 56 -38.93 28.17 32.33
C THR B 56 -40.28 27.48 32.25
N LEU B 57 -41.29 28.12 31.65
CA LEU B 57 -42.66 27.59 31.67
C LEU B 57 -42.68 26.08 31.44
N ALA B 58 -42.11 25.61 30.34
CA ALA B 58 -42.19 24.19 30.01
C ALA B 58 -41.49 23.34 31.05
N SER B 59 -40.29 23.75 31.49
CA SER B 59 -39.57 22.97 32.48
C SER B 59 -40.36 22.86 33.78
N GLU B 60 -40.99 23.96 34.19
CA GLU B 60 -41.87 23.93 35.35
C GLU B 60 -43.02 22.96 35.13
N THR B 61 -43.60 22.97 33.92
CA THR B 61 -44.66 22.02 33.60
C THR B 61 -44.14 20.59 33.68
N TYR B 62 -42.94 20.35 33.15
CA TYR B 62 -42.36 19.01 33.24
C TYR B 62 -41.95 18.65 34.66
N LYS B 63 -41.71 19.65 35.51
CA LYS B 63 -41.45 19.38 36.93
C LYS B 63 -42.73 19.26 37.74
N SER B 64 -43.89 19.58 37.14
CA SER B 64 -45.14 19.53 37.88
C SER B 64 -45.53 18.10 38.27
N GLY B 65 -45.38 17.16 37.34
CA GLY B 65 -45.77 15.79 37.64
C GLY B 65 -45.71 14.93 36.39
N SER B 66 -46.70 14.03 36.28
CA SER B 66 -46.73 13.04 35.22
C SER B 66 -47.25 13.64 33.91
N VAL B 67 -46.41 14.45 33.25
CA VAL B 67 -46.79 15.02 31.97
C VAL B 67 -46.19 14.19 30.85
N TYR B 68 -47.04 13.67 29.96
CA TYR B 68 -46.54 12.92 28.82
C TYR B 68 -45.72 13.81 27.89
N CYS B 69 -46.28 14.95 27.50
CA CYS B 69 -45.66 15.81 26.51
C CYS B 69 -46.53 17.04 26.33
N LEU B 70 -45.95 18.07 25.71
CA LEU B 70 -46.67 19.29 25.42
C LEU B 70 -46.28 19.79 24.03
N VAL B 71 -47.23 20.44 23.37
CA VAL B 71 -47.05 20.90 21.99
C VAL B 71 -47.50 22.35 21.88
N LYS B 72 -46.68 23.16 21.20
CA LYS B 72 -47.02 24.55 20.97
C LYS B 72 -48.23 24.67 20.06
N GLY B 73 -49.09 25.64 20.34
CA GLY B 73 -50.24 25.93 19.52
C GLY B 73 -49.94 27.04 18.53
N ALA B 74 -51.00 27.76 18.14
CA ALA B 74 -50.82 28.90 17.26
C ALA B 74 -49.91 29.93 17.93
N ASN B 75 -48.97 30.46 17.14
CA ASN B 75 -47.99 31.39 17.70
C ASN B 75 -48.66 32.61 18.31
N LYS B 76 -49.78 33.06 17.73
CA LYS B 76 -50.46 34.23 18.25
C LYS B 76 -50.93 34.03 19.69
N GLU B 77 -51.18 32.78 20.09
CA GLU B 77 -51.66 32.48 21.42
C GLU B 77 -50.54 32.27 22.43
N ALA B 78 -49.34 31.90 21.97
CA ALA B 78 -48.22 31.59 22.86
C ALA B 78 -48.61 30.53 23.89
N CYS B 79 -49.51 29.62 23.51
CA CYS B 79 -50.05 28.62 24.42
C CYS B 79 -49.47 27.25 24.11
N TYR B 80 -49.71 26.30 25.01
CA TYR B 80 -49.27 24.93 24.87
C TYR B 80 -50.46 24.00 25.08
N TRP B 81 -50.45 22.88 24.36
CA TRP B 81 -51.33 21.76 24.66
C TRP B 81 -50.54 20.70 25.42
N VAL B 82 -51.06 20.31 26.58
CA VAL B 82 -50.36 19.39 27.48
C VAL B 82 -51.15 18.08 27.54
N LEU B 83 -50.43 16.96 27.46
CA LEU B 83 -51.02 15.63 27.49
C LEU B 83 -50.62 14.94 28.78
N LEU B 84 -51.60 14.39 29.49
CA LEU B 84 -51.40 13.67 30.73
C LEU B 84 -52.29 12.43 30.72
N PRO B 85 -51.98 11.44 31.56
CA PRO B 85 -52.85 10.27 31.65
C PRO B 85 -54.30 10.66 31.95
N LYS B 86 -55.20 9.70 31.77
CA LYS B 86 -56.62 9.99 31.92
C LYS B 86 -56.94 10.47 33.33
N ASP B 87 -56.37 9.82 34.35
CA ASP B 87 -56.68 10.13 35.73
C ASP B 87 -55.87 11.30 36.29
N SER B 88 -54.80 11.71 35.62
CA SER B 88 -53.95 12.76 36.15
C SER B 88 -54.52 14.14 35.82
N LYS B 89 -54.14 15.12 36.63
CA LYS B 89 -54.58 16.49 36.47
C LYS B 89 -53.38 17.42 36.55
N LEU B 90 -53.34 18.41 35.66
CA LEU B 90 -52.24 19.36 35.65
C LEU B 90 -52.31 20.26 36.88
N ASP B 91 -51.16 20.47 37.52
CA ASP B 91 -51.09 21.29 38.73
C ASP B 91 -49.78 22.06 38.68
N LEU B 92 -49.85 23.34 38.35
CA LEU B 92 -48.69 24.22 38.30
C LEU B 92 -48.72 25.16 39.49
N LYS B 93 -47.62 25.17 40.25
CA LYS B 93 -47.57 25.97 41.46
C LYS B 93 -47.57 27.47 41.15
N ASP B 94 -47.12 27.86 39.96
CA ASP B 94 -47.10 29.25 39.56
C ASP B 94 -48.52 29.68 39.22
N THR B 95 -49.06 30.62 40.01
CA THR B 95 -50.44 31.05 39.84
C THR B 95 -50.63 32.01 38.68
N SER B 96 -49.55 32.52 38.09
CA SER B 96 -49.64 33.49 37.01
C SER B 96 -49.91 32.84 35.65
N LEU B 97 -50.30 31.57 35.62
CA LEU B 97 -50.55 30.84 34.38
C LEU B 97 -52.03 30.51 34.26
N ALA B 98 -52.57 30.72 33.07
CA ALA B 98 -53.96 30.34 32.79
C ALA B 98 -54.00 28.90 32.31
N ILE B 99 -54.81 28.07 32.96
CA ILE B 99 -54.91 26.66 32.67
C ILE B 99 -56.37 26.31 32.43
N LYS B 100 -56.61 25.41 31.48
CA LYS B 100 -57.97 25.08 31.06
C LYS B 100 -58.02 23.64 30.56
N PRO B 101 -58.73 22.74 31.24
CA PRO B 101 -58.93 21.40 30.69
C PRO B 101 -59.61 21.48 29.33
N SER B 102 -59.17 20.63 28.41
CA SER B 102 -59.65 20.67 27.03
C SER B 102 -59.93 19.26 26.55
N SER B 103 -60.85 19.15 25.60
CA SER B 103 -61.15 17.89 24.95
C SER B 103 -60.29 17.71 23.71
N ALA B 104 -60.04 16.44 23.35
CA ALA B 104 -59.20 16.15 22.20
C ALA B 104 -59.77 16.75 20.92
N ALA B 105 -61.10 16.82 20.81
CA ALA B 105 -61.73 17.38 19.62
C ALA B 105 -61.43 18.85 19.42
N GLU B 106 -61.00 19.56 20.46
CA GLU B 106 -60.72 20.99 20.34
C GLU B 106 -59.40 21.26 19.64
N LEU B 107 -58.49 20.29 19.58
CA LEU B 107 -57.19 20.51 18.97
C LEU B 107 -57.27 20.31 17.46
N PRO B 108 -56.39 20.96 16.70
CA PRO B 108 -56.24 20.58 15.29
C PRO B 108 -55.79 19.13 15.19
N THR B 109 -56.31 18.42 14.19
CA THR B 109 -56.06 16.98 14.09
C THR B 109 -54.56 16.71 14.06
N TRP B 110 -53.79 17.49 13.30
CA TRP B 110 -52.37 17.23 13.19
C TRP B 110 -51.63 17.57 14.48
N GLN B 111 -52.09 18.58 15.22
CA GLN B 111 -51.48 18.87 16.51
C GLN B 111 -51.70 17.74 17.50
N LEU B 112 -52.91 17.18 17.54
CA LEU B 112 -53.15 16.02 18.39
C LEU B 112 -52.32 14.83 17.92
N ALA B 113 -52.15 14.68 16.61
CA ALA B 113 -51.30 13.61 16.09
C ALA B 113 -49.86 13.78 16.56
N ARG B 114 -49.36 15.01 16.54
CA ARG B 114 -48.02 15.27 17.05
C ARG B 114 -47.91 14.93 18.53
N LEU B 115 -48.92 15.32 19.32
CA LEU B 115 -48.93 14.98 20.73
C LEU B 115 -48.87 13.47 20.92
N LEU B 116 -49.69 12.74 20.17
CA LEU B 116 -49.71 11.28 20.29
C LEU B 116 -48.37 10.68 19.88
N ILE B 117 -47.76 11.20 18.82
CA ILE B 117 -46.46 10.69 18.38
C ILE B 117 -45.42 10.89 19.47
N LYS B 118 -45.42 12.07 20.09
CA LYS B 118 -44.48 12.32 21.18
C LYS B 118 -44.68 11.34 22.33
N ALA B 119 -45.88 10.78 22.46
CA ALA B 119 -46.19 9.92 23.60
C ALA B 119 -45.92 8.44 23.32
N ILE B 120 -45.60 8.08 22.07
CA ILE B 120 -45.38 6.67 21.75
C ILE B 120 -44.28 6.05 22.61
N PRO B 121 -43.14 6.70 22.83
CA PRO B 121 -42.09 6.06 23.65
C PRO B 121 -42.56 5.64 25.02
N LYS B 122 -43.43 6.43 25.66
CA LYS B 122 -43.92 6.10 26.99
C LYS B 122 -45.13 5.18 26.94
N VAL B 123 -46.01 5.37 25.95
CA VAL B 123 -47.17 4.49 25.81
C VAL B 123 -46.72 3.05 25.62
N LEU B 124 -45.57 2.85 24.99
CA LEU B 124 -45.00 1.51 24.80
C LEU B 124 -43.94 1.24 25.85
N GLU B 137 -38.00 15.37 23.61
CA GLU B 137 -38.77 16.32 22.80
C GLU B 137 -39.71 15.62 21.84
N GLY B 138 -39.33 14.41 21.40
CA GLY B 138 -40.13 13.71 20.42
C GLY B 138 -39.68 12.26 20.29
N LEU B 139 -40.00 11.69 19.12
CA LEU B 139 -39.76 10.28 18.86
C LEU B 139 -38.50 10.13 18.01
N TYR B 140 -37.51 9.43 18.55
CA TYR B 140 -36.25 9.18 17.85
C TYR B 140 -35.97 7.69 17.80
N TYR B 141 -35.64 7.20 16.61
CA TYR B 141 -35.27 5.81 16.39
C TYR B 141 -33.76 5.72 16.21
N LEU B 142 -33.10 4.90 17.03
CA LEU B 142 -31.68 4.69 16.85
C LEU B 142 -31.43 3.83 15.62
N VAL B 143 -30.52 4.28 14.76
CA VAL B 143 -30.24 3.62 13.49
C VAL B 143 -28.77 3.23 13.39
N LYS B 144 -27.89 3.93 14.10
CA LYS B 144 -26.46 3.79 13.86
C LYS B 144 -25.71 4.50 14.97
N SER B 145 -24.65 3.86 15.45
CA SER B 145 -23.86 4.39 16.56
C SER B 145 -22.39 4.32 16.20
N LYS B 146 -21.61 5.22 16.78
CA LYS B 146 -20.17 5.30 16.57
C LYS B 146 -19.49 5.48 17.92
N LYS B 147 -18.48 4.65 18.20
CA LYS B 147 -17.74 4.76 19.45
C LYS B 147 -16.88 6.01 19.44
N LEU B 148 -16.81 6.68 20.58
CA LEU B 148 -16.03 7.90 20.68
C LEU B 148 -14.53 7.59 20.67
N PRO B 149 -13.70 8.59 20.37
CA PRO B 149 -12.24 8.35 20.36
C PRO B 149 -11.72 7.96 21.73
N LYS B 150 -10.43 7.69 21.77
CA LYS B 150 -9.77 7.34 23.03
C LYS B 150 -10.00 8.42 24.08
N ASP B 151 -9.78 8.05 25.34
CA ASP B 151 -9.98 8.92 26.49
C ASP B 151 -11.43 9.29 26.71
N HIS B 152 -12.36 8.61 26.04
CA HIS B 152 -13.78 8.89 26.18
C HIS B 152 -14.55 7.58 26.08
N SER B 153 -15.76 7.58 26.64
CA SER B 153 -16.61 6.41 26.65
C SER B 153 -18.01 6.81 26.20
N GLY B 154 -18.73 5.84 25.66
CA GLY B 154 -20.04 6.09 25.11
C GLY B 154 -20.04 6.03 23.60
N TYR B 155 -21.20 6.35 23.03
CA TYR B 155 -21.39 6.30 21.59
C TYR B 155 -21.95 7.62 21.09
N GLU B 156 -21.61 7.95 19.84
CA GLU B 156 -22.34 8.99 19.13
C GLU B 156 -23.52 8.35 18.40
N LEU B 157 -24.72 8.62 18.88
CA LEU B 157 -25.92 7.96 18.39
C LEU B 157 -26.52 8.75 17.24
N THR B 158 -26.76 8.06 16.12
CA THR B 158 -27.40 8.65 14.96
C THR B 158 -28.81 8.08 14.86
N THR B 159 -29.80 8.97 14.87
CA THR B 159 -31.20 8.56 14.98
C THR B 159 -32.02 9.27 13.91
N VAL B 160 -33.19 8.70 13.62
CA VAL B 160 -34.14 9.28 12.69
C VAL B 160 -35.33 9.80 13.50
N GLU B 161 -35.54 11.10 13.47
CA GLU B 161 -36.65 11.71 14.21
C GLU B 161 -37.90 11.72 13.34
N ILE B 162 -39.03 11.36 13.95
CA ILE B 162 -40.32 11.35 13.28
C ILE B 162 -41.18 12.43 13.90
N ASP B 163 -41.71 13.33 13.06
CA ASP B 163 -42.56 14.40 13.55
C ASP B 163 -43.33 14.99 12.38
N LEU B 164 -44.49 15.55 12.69
CA LEU B 164 -45.28 16.26 11.69
C LEU B 164 -44.87 17.72 11.63
N ALA B 165 -45.08 18.33 10.46
CA ALA B 165 -44.78 19.72 10.25
C ALA B 165 -45.72 20.27 9.19
N PRO B 166 -46.24 21.48 9.38
CA PRO B 166 -47.14 22.05 8.37
C PRO B 166 -46.41 22.32 7.07
N CYS B 167 -47.13 22.21 5.96
CA CYS B 167 -46.59 22.49 4.63
C CYS B 167 -47.02 23.89 4.24
N ALA B 168 -46.11 24.85 4.38
CA ALA B 168 -46.45 26.24 4.07
C ALA B 168 -46.79 26.42 2.60
N ALA B 169 -46.23 25.59 1.73
CA ALA B 169 -46.42 25.77 0.29
C ALA B 169 -47.78 25.26 -0.17
N LEU B 170 -48.44 24.41 0.61
CA LEU B 170 -49.68 23.79 0.18
C LEU B 170 -50.82 24.06 1.15
N GLY B 171 -50.97 25.32 1.57
CA GLY B 171 -52.09 25.67 2.44
C GLY B 171 -52.08 24.95 3.76
N PHE B 172 -50.91 24.80 4.39
CA PHE B 172 -50.79 24.21 5.71
C PHE B 172 -51.29 22.77 5.75
N LYS B 173 -51.11 22.03 4.65
CA LYS B 173 -51.21 20.58 4.72
C LYS B 173 -49.99 20.04 5.45
N GLN B 174 -50.06 18.78 5.87
CA GLN B 174 -49.10 18.22 6.80
C GLN B 174 -48.16 17.27 6.07
N THR B 175 -46.89 17.29 6.49
CA THR B 175 -45.87 16.40 5.97
C THR B 175 -45.24 15.64 7.13
N LEU B 176 -44.73 14.44 6.83
CA LEU B 176 -44.11 13.57 7.82
C LEU B 176 -42.60 13.65 7.63
N SER B 177 -41.93 14.29 8.59
CA SER B 177 -40.49 14.48 8.50
C SER B 177 -39.75 13.25 9.04
N MET B 178 -38.56 13.02 8.51
CA MET B 178 -37.72 11.90 8.90
C MET B 178 -36.28 12.36 9.05
N GLY B 179 -36.09 13.53 9.68
CA GLY B 179 -34.77 14.11 9.75
C GLY B 179 -33.83 13.29 10.61
N THR B 180 -32.55 13.30 10.24
CA THR B 180 -31.52 12.69 11.07
C THR B 180 -31.09 13.65 12.16
N LYS B 181 -30.87 13.12 13.36
CA LYS B 181 -30.43 13.93 14.48
C LYS B 181 -29.54 13.08 15.39
N THR B 182 -28.43 13.66 15.82
CA THR B 182 -27.37 12.94 16.51
C THR B 182 -27.37 13.26 17.99
N PHE B 183 -26.93 12.30 18.80
CA PHE B 183 -26.80 12.46 20.24
C PHE B 183 -25.39 12.08 20.66
N SER B 184 -24.86 12.82 21.64
CA SER B 184 -23.53 12.58 22.17
C SER B 184 -23.59 12.61 23.69
N PRO B 185 -22.65 11.96 24.36
CA PRO B 185 -22.62 12.00 25.82
C PRO B 185 -22.46 13.43 26.33
N LEU B 186 -23.10 13.72 27.47
CA LEU B 186 -22.96 15.03 28.09
C LEU B 186 -21.51 15.29 28.48
N SER B 187 -20.77 14.22 28.84
CA SER B 187 -19.39 14.40 29.27
C SER B 187 -18.54 15.00 28.17
N TRP B 188 -18.70 14.52 26.94
CA TRP B 188 -17.92 15.02 25.81
C TRP B 188 -18.13 16.52 25.65
N GLN B 197 -19.48 23.30 26.63
CA GLN B 197 -19.72 24.66 27.16
C GLN B 197 -20.89 24.63 28.14
N LYS B 198 -21.22 25.79 28.73
CA LYS B 198 -22.35 25.86 29.70
C LYS B 198 -23.67 25.53 28.98
N LYS B 199 -23.83 26.03 27.75
CA LYS B 199 -25.08 25.78 26.98
C LYS B 199 -25.22 24.28 26.70
N ALA B 200 -24.11 23.61 26.37
CA ALA B 200 -24.14 22.15 26.13
C ALA B 200 -24.54 21.44 27.43
N ARG B 201 -24.00 21.91 28.56
CA ARG B 201 -24.33 21.31 29.88
C ARG B 201 -25.82 21.47 30.17
N PHE B 202 -26.39 22.63 29.83
CA PHE B 202 -27.81 22.90 30.15
C PHE B 202 -28.70 22.53 28.95
N ALA B 203 -28.61 21.29 28.46
CA ALA B 203 -29.52 20.85 27.37
C ALA B 203 -30.29 19.62 27.84
N THR B 204 -31.46 19.35 27.23
CA THR B 204 -32.24 18.14 27.57
C THR B 204 -31.28 16.95 27.71
N ARG B 205 -31.16 16.39 28.92
CA ARG B 205 -30.18 15.30 29.17
C ARG B 205 -30.78 14.00 28.63
N TYR B 206 -30.85 13.86 27.30
CA TYR B 206 -31.47 12.67 26.67
C TYR B 206 -30.91 11.35 27.20
N GLN B 207 -31.60 10.24 26.91
CA GLN B 207 -31.19 8.88 27.35
C GLN B 207 -31.55 7.84 26.28
N LEU B 208 -30.69 6.83 26.09
CA LEU B 208 -30.97 5.75 25.11
C LEU B 208 -31.63 4.57 25.80
N ASP B 209 -32.51 3.85 25.11
CA ASP B 209 -33.23 2.68 25.70
C ASP B 209 -32.26 1.50 25.88
N ASP B 210 -32.53 0.61 26.84
CA ASP B 210 -31.69 -0.60 27.03
C ASP B 210 -31.76 -1.43 25.74
N VAL B 211 -32.96 -1.55 25.15
CA VAL B 211 -33.11 -2.26 23.85
C VAL B 211 -32.31 -1.49 22.79
N GLY B 212 -32.32 -0.16 22.87
CA GLY B 212 -31.62 0.67 21.86
C GLY B 212 -32.55 1.02 20.71
N LYS B 213 -33.80 0.58 20.78
CA LYS B 213 -34.79 0.94 19.73
C LYS B 213 -35.08 2.45 19.75
N LEU B 214 -35.15 3.06 20.93
CA LEU B 214 -35.60 4.49 20.99
C LEU B 214 -34.69 5.37 21.86
N VAL B 215 -34.70 6.68 21.61
CA VAL B 215 -33.93 7.65 22.46
C VAL B 215 -34.95 8.64 23.02
N SER B 216 -34.97 8.85 24.35
CA SER B 216 -36.02 9.70 24.98
C SER B 216 -35.39 10.65 26.00
N LYS B 217 -36.04 11.79 26.27
CA LYS B 217 -35.49 12.80 27.22
C LYS B 217 -35.45 12.23 28.64
N SER B 218 -34.40 12.53 29.41
CA SER B 218 -34.30 12.08 30.82
C SER B 218 -33.62 13.18 31.63
N ILE B 219 -33.75 13.17 32.98
CA ILE B 219 -33.17 14.24 33.78
C ILE B 219 -31.66 14.08 33.87
N LYS B 220 -31.18 12.85 34.09
CA LYS B 220 -29.76 12.58 34.25
C LYS B 220 -29.34 11.45 33.31
N GLY B 221 -29.75 11.60 32.04
CA GLY B 221 -29.50 10.59 31.03
C GLY B 221 -28.19 10.70 30.30
N ASP B 222 -27.30 11.61 30.71
CA ASP B 222 -25.94 11.73 30.19
C ASP B 222 -25.89 11.62 28.66
N TYR B 223 -26.81 12.33 28.01
CA TYR B 223 -26.78 12.45 26.56
C TYR B 223 -27.33 13.81 26.15
N ILE B 224 -26.70 14.41 25.14
CA ILE B 224 -27.11 15.69 24.58
C ILE B 224 -27.29 15.52 23.08
N LYS B 225 -28.24 16.25 22.52
CA LYS B 225 -28.56 16.18 21.09
C LYS B 225 -27.62 17.09 20.30
N LYS B 226 -26.36 16.69 20.22
CA LYS B 226 -25.34 17.48 19.54
C LYS B 226 -24.23 16.57 19.02
N PRO B 227 -23.72 16.83 17.80
CA PRO B 227 -22.58 16.07 17.30
C PRO B 227 -21.25 16.62 17.79
N LEU B 228 -20.14 16.07 17.30
CA LEU B 228 -18.83 16.59 17.65
C LEU B 228 -18.57 17.97 17.05
N TYR B 229 -18.64 18.10 15.72
CA TYR B 229 -18.48 19.38 15.06
C TYR B 229 -19.79 19.77 14.39
N SER B 230 -19.83 21.00 13.89
CA SER B 230 -20.81 21.35 12.87
C SER B 230 -20.48 20.66 11.55
N ASN B 231 -19.23 20.32 11.33
CA ASN B 231 -18.83 19.55 10.16
C ASN B 231 -19.17 18.08 10.37
N ALA B 232 -18.73 17.25 9.42
CA ALA B 232 -18.93 15.80 9.49
C ALA B 232 -20.37 15.46 9.84
N LYS B 233 -21.32 16.07 9.13
CA LYS B 233 -22.74 15.88 9.43
C LYS B 233 -23.15 14.44 9.20
N ASN B 234 -23.78 13.85 10.22
CA ASN B 234 -24.24 12.47 10.11
C ASN B 234 -25.47 12.40 9.21
N ARG B 235 -25.48 11.40 8.33
CA ARG B 235 -26.56 11.21 7.37
C ARG B 235 -27.03 9.76 7.40
N ILE B 236 -28.29 9.55 7.04
CA ILE B 236 -28.90 8.23 6.98
C ILE B 236 -29.51 8.04 5.60
N GLN B 237 -29.29 6.87 5.02
CA GLN B 237 -29.73 6.61 3.66
C GLN B 237 -31.25 6.68 3.57
N ALA B 238 -31.74 7.23 2.46
CA ALA B 238 -33.17 7.24 2.21
C ALA B 238 -33.69 5.82 2.03
N ILE B 239 -33.04 5.04 1.17
CA ILE B 239 -33.36 3.63 0.96
C ILE B 239 -32.06 2.86 0.91
N ASP B 240 -32.13 1.57 1.20
CA ASP B 240 -30.96 0.70 1.15
C ASP B 240 -31.39 -0.73 0.91
N ILE B 241 -31.13 -1.23 -0.30
CA ILE B 241 -31.45 -2.60 -0.67
C ILE B 241 -30.20 -3.28 -1.23
N THR B 242 -29.04 -2.90 -0.67
CA THR B 242 -27.75 -3.26 -1.28
C THR B 242 -27.73 -4.68 -1.81
N LYS B 243 -27.99 -5.66 -0.96
CA LYS B 243 -28.02 -7.07 -1.35
C LYS B 243 -29.41 -7.65 -1.12
N GLU B 244 -30.45 -6.86 -1.38
CA GLU B 244 -31.82 -7.23 -1.03
C GLU B 244 -31.91 -7.62 0.44
N SER B 245 -31.01 -7.05 1.25
CA SER B 245 -30.95 -7.38 2.67
C SER B 245 -32.00 -6.59 3.43
N TYR B 246 -32.98 -7.29 4.00
CA TYR B 246 -34.01 -6.62 4.77
C TYR B 246 -33.42 -5.93 5.99
N SER B 247 -32.46 -6.57 6.65
CA SER B 247 -31.86 -5.98 7.84
C SER B 247 -31.16 -4.67 7.55
N GLY B 248 -30.51 -4.54 6.40
CA GLY B 248 -29.90 -3.29 6.01
C GLY B 248 -30.95 -2.28 5.56
N PHE B 249 -32.06 -2.78 5.02
CA PHE B 249 -33.17 -1.91 4.64
C PHE B 249 -33.79 -1.27 5.87
N GLN B 250 -33.82 -1.99 6.99
CA GLN B 250 -34.42 -1.46 8.20
C GLN B 250 -33.67 -0.26 8.75
N LEU B 251 -32.42 -0.05 8.35
CA LEU B 251 -31.59 1.01 8.89
C LEU B 251 -31.59 2.25 8.00
N SER B 252 -32.46 2.32 7.01
CA SER B 252 -32.63 3.52 6.20
C SER B 252 -33.79 4.35 6.74
N LYS B 253 -33.87 5.60 6.29
CA LYS B 253 -34.96 6.46 6.72
C LYS B 253 -36.31 5.84 6.42
N VAL B 254 -36.45 5.22 5.25
CA VAL B 254 -37.73 4.65 4.87
C VAL B 254 -38.03 3.39 5.66
N GLY B 255 -37.01 2.60 5.98
CA GLY B 255 -37.21 1.47 6.88
C GLY B 255 -37.68 1.93 8.25
N ILE B 256 -37.09 3.02 8.75
CA ILE B 256 -37.54 3.59 10.01
C ILE B 256 -38.97 4.09 9.89
N LEU B 257 -39.34 4.61 8.72
CA LEU B 257 -40.71 5.04 8.51
C LEU B 257 -41.67 3.86 8.61
N GLU B 258 -41.32 2.73 8.00
CA GLU B 258 -42.15 1.54 8.11
C GLU B 258 -42.24 1.06 9.55
N GLN B 259 -41.12 1.07 10.28
CA GLN B 259 -41.13 0.66 11.67
C GLN B 259 -42.00 1.61 12.50
N PHE B 260 -41.97 2.90 12.19
CA PHE B 260 -42.82 3.87 12.88
C PHE B 260 -44.29 3.60 12.59
N MET B 261 -44.63 3.29 11.35
CA MET B 261 -46.00 2.93 11.04
C MET B 261 -46.45 1.69 11.79
N GLN B 262 -45.55 0.72 11.99
CA GLN B 262 -45.88 -0.43 12.82
C GLN B 262 -46.08 -0.03 14.29
N ASP B 263 -45.19 0.81 14.81
CA ASP B 263 -45.26 1.21 16.21
C ASP B 263 -46.51 2.03 16.49
N LEU B 264 -46.96 2.82 15.52
CA LEU B 264 -48.18 3.58 15.72
C LEU B 264 -49.37 2.67 15.99
N LYS B 265 -49.53 1.63 15.16
CA LYS B 265 -50.59 0.65 15.39
C LYS B 265 -50.37 -0.11 16.69
N GLN B 266 -49.12 -0.46 17.01
CA GLN B 266 -48.86 -1.15 18.26
C GLN B 266 -49.32 -0.32 19.45
N ALA B 267 -49.04 0.98 19.44
CA ALA B 267 -49.37 1.84 20.57
C ALA B 267 -50.86 2.12 20.64
N TYR B 268 -51.49 2.40 19.49
CA TYR B 268 -52.88 2.83 19.48
C TYR B 268 -53.79 1.98 18.60
N GLY B 269 -53.31 0.87 18.05
CA GLY B 269 -54.16 0.06 17.20
C GLY B 269 -54.70 0.86 16.04
N ASP B 270 -56.01 0.73 15.81
CA ASP B 270 -56.67 1.49 14.76
C ASP B 270 -57.15 2.85 15.22
N SER B 271 -57.05 3.16 16.52
CA SER B 271 -57.51 4.45 17.02
C SER B 271 -56.75 5.62 16.41
N VAL B 272 -55.49 5.41 16.00
CA VAL B 272 -54.67 6.46 15.42
C VAL B 272 -53.99 5.90 14.18
N SER B 273 -54.01 6.66 13.09
CA SER B 273 -53.37 6.24 11.86
C SER B 273 -53.10 7.47 11.00
N VAL B 274 -52.04 7.37 10.20
CA VAL B 274 -51.66 8.42 9.26
C VAL B 274 -51.48 7.80 7.89
N LYS B 275 -52.14 8.37 6.89
CA LYS B 275 -52.08 7.89 5.51
C LYS B 275 -51.31 8.88 4.67
N LEU B 276 -50.24 8.42 4.04
CA LEU B 276 -49.43 9.28 3.19
C LEU B 276 -50.09 9.46 1.84
N GLN B 277 -50.02 10.67 1.31
CA GLN B 277 -50.72 11.02 0.08
C GLN B 277 -49.91 10.62 -1.14
N ARG B 278 -50.60 10.18 -2.18
CA ARG B 278 -49.97 9.85 -3.45
C ARG B 278 -50.24 10.98 -4.45
N ILE B 279 -49.19 11.44 -5.11
CA ILE B 279 -49.33 12.52 -6.08
C ILE B 279 -49.96 11.97 -7.35
N PRO B 280 -51.08 12.51 -7.82
CA PRO B 280 -51.72 11.97 -9.02
C PRO B 280 -50.76 12.03 -10.21
N GLY B 281 -50.66 10.91 -10.92
CA GLY B 281 -49.69 10.82 -12.00
C GLY B 281 -50.32 11.12 -13.35
N GLU B 282 -49.68 12.05 -14.08
CA GLU B 282 -50.11 12.39 -15.42
C GLU B 282 -49.01 12.06 -16.42
N LYS B 283 -47.80 12.54 -16.17
CA LYS B 283 -46.65 12.34 -17.04
C LYS B 283 -45.43 12.01 -16.20
N HIS B 284 -44.71 10.95 -16.57
CA HIS B 284 -43.51 10.52 -15.86
C HIS B 284 -42.46 10.14 -16.91
N ARG B 285 -41.66 11.10 -17.32
CA ARG B 285 -40.57 10.83 -18.23
C ARG B 285 -39.45 10.12 -17.51
N PHE B 286 -38.90 9.07 -18.13
CA PHE B 286 -37.72 8.42 -17.62
C PHE B 286 -36.50 8.91 -18.40
N VAL B 287 -35.32 8.65 -17.84
CA VAL B 287 -34.06 9.13 -18.42
C VAL B 287 -33.10 7.96 -18.46
N SER B 288 -32.82 7.46 -19.66
CA SER B 288 -31.83 6.42 -19.86
C SER B 288 -30.45 7.03 -20.05
N ASP B 289 -29.42 6.21 -19.84
CA ASP B 289 -28.06 6.68 -20.06
C ASP B 289 -27.84 7.09 -21.51
N THR B 290 -28.60 6.50 -22.45
CA THR B 290 -28.44 6.83 -23.86
C THR B 290 -28.79 8.29 -24.12
N ILE B 291 -29.90 8.76 -23.56
CA ILE B 291 -30.34 10.14 -23.81
C ILE B 291 -29.30 11.12 -23.27
N VAL B 292 -28.82 10.87 -22.04
CA VAL B 292 -27.85 11.77 -21.44
C VAL B 292 -26.55 11.74 -22.23
N LYS B 293 -26.13 10.55 -22.68
CA LYS B 293 -24.89 10.46 -23.45
C LYS B 293 -25.02 11.21 -24.77
N ASN B 294 -26.16 11.08 -25.44
CA ASN B 294 -26.36 11.84 -26.67
C ASN B 294 -26.33 13.34 -26.40
N HIS B 295 -27.00 13.78 -25.33
CA HIS B 295 -26.98 15.18 -24.97
C HIS B 295 -25.54 15.67 -24.74
N TYR B 296 -24.73 14.85 -24.07
CA TYR B 296 -23.39 15.30 -23.72
C TYR B 296 -22.41 15.21 -24.88
N VAL B 297 -22.60 14.29 -25.82
CA VAL B 297 -21.78 14.32 -27.04
C VAL B 297 -22.16 15.53 -27.88
N GLY B 298 -23.45 15.88 -27.90
CA GLY B 298 -23.83 17.14 -28.52
C GLY B 298 -23.18 18.32 -27.85
N LEU B 299 -23.14 18.30 -26.52
CA LEU B 299 -22.51 19.38 -25.76
C LEU B 299 -21.03 19.50 -26.08
N PHE B 300 -20.29 18.40 -25.98
CA PHE B 300 -18.85 18.46 -26.17
C PHE B 300 -18.49 18.87 -27.59
N ASP B 301 -19.29 18.46 -28.57
CA ASP B 301 -19.02 18.85 -29.95
C ASP B 301 -19.03 20.36 -30.10
N ALA B 302 -19.99 21.04 -29.48
CA ALA B 302 -20.05 22.49 -29.58
C ALA B 302 -18.81 23.15 -29.00
N LEU B 303 -18.21 22.55 -27.97
CA LEU B 303 -17.01 23.12 -27.38
C LEU B 303 -15.76 22.83 -28.20
N LYS B 304 -15.80 21.81 -29.06
CA LYS B 304 -14.65 21.50 -29.89
C LYS B 304 -14.38 22.60 -30.92
N GLU B 305 -15.34 23.48 -31.16
CA GLU B 305 -15.18 24.56 -32.13
C GLU B 305 -14.55 25.81 -31.53
N HIS B 306 -14.19 25.79 -30.25
CA HIS B 306 -13.67 26.96 -29.56
C HIS B 306 -12.32 26.64 -28.94
N ARG B 307 -11.59 27.70 -28.59
CA ARG B 307 -10.27 27.57 -28.00
C ARG B 307 -10.40 27.57 -26.48
N LEU B 308 -9.67 26.68 -25.82
CA LEU B 308 -9.69 26.55 -24.36
C LEU B 308 -8.28 26.72 -23.82
N VAL B 309 -8.16 27.42 -22.69
CA VAL B 309 -6.89 27.73 -22.07
C VAL B 309 -6.97 27.37 -20.59
N ILE B 310 -5.83 27.01 -20.01
CA ILE B 310 -5.72 26.65 -18.60
C ILE B 310 -4.67 27.52 -17.95
N CYS B 311 -4.99 28.07 -16.77
CA CYS B 311 -4.10 28.95 -16.04
C CYS B 311 -4.01 28.50 -14.60
N ASP B 312 -3.00 29.01 -13.90
CA ASP B 312 -2.78 28.67 -12.49
C ASP B 312 -2.21 29.91 -11.80
N LEU B 313 -2.96 30.46 -10.85
CA LEU B 313 -2.56 31.66 -10.13
C LEU B 313 -2.13 31.37 -8.69
N THR B 314 -1.96 30.10 -8.33
CA THR B 314 -1.55 29.76 -6.98
C THR B 314 -0.08 30.14 -6.76
N GLU B 315 0.28 30.30 -5.48
CA GLU B 315 1.63 30.68 -5.12
C GLU B 315 2.59 29.51 -5.32
N ASN B 316 2.37 28.42 -4.59
CA ASN B 316 3.14 27.19 -4.78
C ASN B 316 2.44 26.43 -5.91
N GLN B 317 2.82 26.77 -7.13
CA GLN B 317 2.13 26.25 -8.31
C GLN B 317 2.35 24.76 -8.46
N ASP B 318 1.32 23.96 -8.16
CA ASP B 318 1.33 22.53 -8.43
C ASP B 318 0.81 22.33 -9.85
N THR B 319 1.73 22.44 -10.81
CA THR B 319 1.36 22.35 -12.21
C THR B 319 0.73 21.00 -12.56
N ASP B 320 0.93 20.00 -11.72
CA ASP B 320 0.25 18.72 -11.94
C ASP B 320 -1.26 18.88 -11.97
N ALA B 321 -1.81 19.86 -11.25
CA ALA B 321 -3.23 20.13 -11.33
C ALA B 321 -3.64 20.52 -12.75
N ALA B 322 -2.89 21.46 -13.34
CA ALA B 322 -3.18 21.88 -14.71
C ALA B 322 -2.98 20.73 -15.69
N LEU B 323 -1.94 19.93 -15.48
CA LEU B 323 -1.70 18.80 -16.36
C LEU B 323 -2.86 17.79 -16.27
N THR B 324 -3.34 17.52 -15.06
CA THR B 324 -4.47 16.62 -14.90
C THR B 324 -5.72 17.16 -15.56
N LEU B 325 -5.97 18.47 -15.40
CA LEU B 325 -7.12 19.07 -16.06
C LEU B 325 -7.02 18.94 -17.57
N LEU B 326 -5.84 19.22 -18.12
CA LEU B 326 -5.64 19.09 -19.56
C LEU B 326 -5.87 17.65 -20.02
N HIS B 327 -5.31 16.69 -19.29
CA HIS B 327 -5.45 15.29 -19.66
C HIS B 327 -6.90 14.85 -19.59
N GLY B 328 -7.64 15.27 -18.57
CA GLY B 328 -9.06 14.97 -18.51
C GLY B 328 -9.82 15.56 -19.68
N ILE B 329 -9.51 16.82 -20.02
CA ILE B 329 -10.10 17.42 -21.20
C ILE B 329 -9.64 16.68 -22.47
N GLU B 330 -8.40 16.19 -22.47
CA GLU B 330 -7.90 15.47 -23.63
C GLU B 330 -8.75 14.25 -23.94
N HIS B 331 -9.14 13.51 -22.90
CA HIS B 331 -9.98 12.33 -23.11
C HIS B 331 -11.31 12.65 -23.76
N LEU B 332 -11.76 13.90 -23.68
CA LEU B 332 -12.99 14.33 -24.33
C LEU B 332 -12.74 14.94 -25.70
N ASP B 333 -11.50 14.90 -26.18
CA ASP B 333 -11.13 15.39 -27.51
C ASP B 333 -11.47 16.87 -27.69
N ILE B 334 -11.04 17.71 -26.77
CA ILE B 334 -11.27 19.15 -26.85
C ILE B 334 -9.92 19.86 -26.86
N ASN B 335 -9.72 20.73 -27.84
CA ASN B 335 -8.45 21.42 -28.01
C ASN B 335 -8.19 22.33 -26.82
N ALA B 336 -7.25 21.94 -25.97
CA ALA B 336 -6.93 22.69 -24.76
C ALA B 336 -5.43 22.96 -24.70
N GLU B 337 -5.08 24.04 -24.02
CA GLU B 337 -3.68 24.44 -23.86
C GLU B 337 -3.52 25.13 -22.52
N ILE B 338 -2.27 25.23 -22.08
CA ILE B 338 -1.92 25.85 -20.81
C ILE B 338 -1.21 27.16 -21.08
N ALA B 339 -1.68 28.23 -20.44
CA ALA B 339 -1.06 29.55 -20.57
C ALA B 339 -0.87 30.14 -19.18
N GLU B 340 0.14 30.99 -19.04
CA GLU B 340 0.45 31.59 -17.75
C GLU B 340 -0.46 32.75 -17.40
N VAL B 341 -1.22 33.28 -18.36
CA VAL B 341 -2.15 34.38 -18.08
C VAL B 341 -3.41 34.18 -18.90
N PRO B 342 -4.52 34.77 -18.45
CA PRO B 342 -5.76 34.68 -19.22
C PRO B 342 -5.63 35.34 -20.58
N ILE B 343 -6.36 34.82 -21.56
CA ILE B 343 -6.35 35.32 -22.92
C ILE B 343 -7.77 35.74 -23.28
N ARG B 344 -7.93 36.99 -23.69
CA ARG B 344 -9.26 37.49 -24.04
C ARG B 344 -9.80 36.76 -25.26
N GLY B 345 -11.09 36.46 -25.23
CA GLY B 345 -11.75 35.79 -26.33
C GLY B 345 -11.71 34.28 -26.30
N ALA B 346 -10.97 33.69 -25.37
CA ALA B 346 -10.88 32.25 -25.27
C ALA B 346 -11.53 31.74 -23.99
N LEU B 347 -11.79 30.44 -23.96
CA LEU B 347 -12.39 29.79 -22.79
C LEU B 347 -11.27 29.40 -21.83
N ASN B 348 -11.05 30.20 -20.80
CA ASN B 348 -9.95 30.02 -19.87
C ASN B 348 -10.45 29.40 -18.58
N ILE B 349 -9.68 28.46 -18.03
CA ILE B 349 -9.95 27.86 -16.73
C ILE B 349 -8.84 28.30 -15.79
N LEU B 350 -9.20 29.07 -14.77
CA LEU B 350 -8.25 29.67 -13.86
C LEU B 350 -8.17 28.85 -12.57
N ILE B 351 -7.16 28.00 -12.46
CA ILE B 351 -6.90 27.32 -11.20
C ILE B 351 -6.38 28.35 -10.20
N VAL B 352 -7.09 28.52 -9.10
CA VAL B 352 -6.82 29.58 -8.14
C VAL B 352 -6.73 29.00 -6.74
N GLY B 353 -6.06 29.73 -5.86
CA GLY B 353 -5.91 29.27 -4.49
C GLY B 353 -7.23 29.35 -3.74
N ASN B 354 -7.36 28.51 -2.72
CA ASN B 354 -8.57 28.47 -1.91
C ASN B 354 -8.81 29.82 -1.26
N LYS B 355 -10.07 30.27 -1.25
CA LYS B 355 -10.41 31.53 -0.61
C LYS B 355 -10.13 31.51 0.89
N ASP B 356 -10.34 30.37 1.55
CA ASP B 356 -10.16 30.30 2.99
C ASP B 356 -8.73 30.67 3.41
N THR B 357 -7.77 30.55 2.50
CA THR B 357 -6.40 30.97 2.78
C THR B 357 -6.21 32.47 2.66
N TYR B 358 -7.23 33.20 2.21
CA TYR B 358 -7.17 34.65 2.06
C TYR B 358 -8.12 35.30 3.06
N LYS B 359 -7.68 36.41 3.63
CA LYS B 359 -8.48 37.13 4.62
C LYS B 359 -9.34 38.24 4.00
N SER B 360 -9.02 38.67 2.79
CA SER B 360 -9.77 39.74 2.14
C SER B 360 -9.69 39.56 0.63
N ASP B 361 -10.60 40.23 -0.07
CA ASP B 361 -10.67 40.11 -1.52
C ASP B 361 -9.39 40.59 -2.20
N GLU B 362 -8.63 41.50 -1.56
CA GLU B 362 -7.40 41.98 -2.17
C GLU B 362 -6.38 40.85 -2.33
N GLU B 363 -6.41 39.85 -1.44
CA GLU B 363 -5.46 38.76 -1.51
C GLU B 363 -5.86 37.67 -2.49
N ASP B 364 -7.08 37.73 -3.03
CA ASP B 364 -7.56 36.69 -3.94
C ASP B 364 -7.15 36.99 -5.38
N PRO B 365 -6.30 36.16 -5.99
CA PRO B 365 -5.98 36.38 -7.41
C PRO B 365 -7.20 36.28 -8.32
N TYR B 366 -8.16 35.43 -7.97
CA TYR B 366 -9.34 35.24 -8.83
C TYR B 366 -10.09 36.55 -9.03
N GLN B 367 -10.44 37.21 -7.93
CA GLN B 367 -11.17 38.47 -8.03
C GLN B 367 -10.30 39.55 -8.66
N VAL B 368 -8.99 39.51 -8.39
CA VAL B 368 -8.09 40.51 -8.97
C VAL B 368 -8.11 40.43 -10.49
N TYR B 369 -8.05 39.21 -11.03
CA TYR B 369 -8.08 39.05 -12.48
C TYR B 369 -9.48 39.26 -13.04
N ARG B 370 -10.52 38.91 -12.27
CA ARG B 370 -11.88 39.17 -12.70
C ARG B 370 -12.13 40.65 -12.90
N LYS B 371 -11.65 41.47 -11.96
CA LYS B 371 -11.79 42.93 -12.09
C LYS B 371 -11.13 43.43 -13.37
N LYS B 372 -10.04 42.79 -13.79
CA LYS B 372 -9.32 43.23 -14.98
C LYS B 372 -9.98 42.71 -16.25
N TYR B 373 -10.06 41.39 -16.38
CA TYR B 373 -10.64 40.75 -17.56
C TYR B 373 -12.17 40.74 -17.43
N GLN B 374 -12.77 41.88 -17.77
CA GLN B 374 -14.19 42.08 -17.53
C GLN B 374 -15.08 41.65 -18.69
N ASP B 375 -14.50 41.24 -19.83
CA ASP B 375 -15.29 40.92 -21.02
C ASP B 375 -14.82 39.63 -21.67
N THR B 376 -14.63 38.58 -20.87
CA THR B 376 -14.22 37.28 -21.41
C THR B 376 -14.81 36.17 -20.55
N VAL B 377 -15.08 35.03 -21.20
CA VAL B 377 -15.66 33.88 -20.52
C VAL B 377 -14.52 33.03 -19.96
N PHE B 378 -14.56 32.75 -18.66
CA PHE B 378 -13.58 31.86 -18.04
C PHE B 378 -14.14 31.32 -16.74
N GLN B 379 -13.58 30.18 -16.32
CA GLN B 379 -14.06 29.44 -15.16
C GLN B 379 -12.90 29.21 -14.21
N SER B 380 -13.21 28.92 -12.95
CA SER B 380 -12.18 28.73 -11.94
C SER B 380 -12.49 27.49 -11.12
N CYS B 381 -11.44 26.92 -10.52
CA CYS B 381 -11.57 25.76 -9.65
C CYS B 381 -10.31 25.64 -8.81
N TYR B 382 -10.46 25.04 -7.62
CA TYR B 382 -9.31 24.80 -6.78
C TYR B 382 -8.51 23.60 -7.29
N PRO B 383 -7.21 23.55 -7.01
CA PRO B 383 -6.41 22.41 -7.49
C PRO B 383 -6.80 21.08 -6.87
N GLU B 384 -7.16 21.07 -5.58
CA GLU B 384 -7.41 19.81 -4.88
C GLU B 384 -8.62 19.07 -5.43
N ARG B 385 -9.60 19.79 -5.99
CA ARG B 385 -10.83 19.14 -6.43
C ARG B 385 -10.61 18.17 -7.59
N LEU B 386 -9.47 18.24 -8.26
CA LEU B 386 -9.26 17.46 -9.48
C LEU B 386 -9.06 15.98 -9.23
N TRP B 387 -8.86 15.56 -7.97
CA TRP B 387 -8.70 14.16 -7.64
C TRP B 387 -9.75 13.75 -6.61
N ASN B 388 -10.20 12.51 -6.72
CA ASN B 388 -11.19 11.96 -5.80
C ASN B 388 -10.50 11.52 -4.51
N ARG B 389 -11.27 11.01 -3.56
CA ARG B 389 -10.69 10.54 -2.30
C ARG B 389 -9.65 9.46 -2.54
N GLN B 390 -9.87 8.59 -3.54
CA GLN B 390 -8.91 7.55 -3.83
C GLN B 390 -7.61 8.10 -4.43
N GLY B 391 -7.59 9.38 -4.78
CA GLY B 391 -6.46 9.96 -5.47
C GLY B 391 -6.54 9.90 -6.97
N GLN B 392 -7.50 9.15 -7.51
CA GLN B 392 -7.67 9.08 -8.95
C GLN B 392 -8.18 10.42 -9.48
N PRO B 393 -7.86 10.77 -10.72
CA PRO B 393 -8.42 12.01 -11.29
C PRO B 393 -9.93 11.98 -11.30
N ASN B 394 -10.54 13.13 -11.01
CA ASN B 394 -11.99 13.27 -10.98
C ASN B 394 -12.45 13.87 -12.30
N ARG B 395 -13.22 13.10 -13.07
CA ARG B 395 -13.68 13.56 -14.37
C ARG B 395 -15.01 14.29 -14.29
N HIS B 396 -15.79 14.08 -13.23
CA HIS B 396 -16.99 14.89 -13.04
C HIS B 396 -16.63 16.36 -12.93
N VAL B 397 -15.52 16.67 -12.26
CA VAL B 397 -15.08 18.06 -12.14
C VAL B 397 -14.81 18.65 -13.52
N VAL B 398 -14.09 17.90 -14.36
CA VAL B 398 -13.74 18.39 -15.69
C VAL B 398 -15.00 18.60 -16.53
N GLU B 399 -15.91 17.64 -16.50
CA GLU B 399 -17.12 17.75 -17.30
C GLU B 399 -18.00 18.91 -16.82
N VAL B 400 -18.08 19.11 -15.50
CA VAL B 400 -18.86 20.23 -14.99
C VAL B 400 -18.21 21.55 -15.37
N LEU B 401 -16.88 21.61 -15.34
CA LEU B 401 -16.20 22.83 -15.79
C LEU B 401 -16.51 23.11 -17.25
N LEU B 402 -16.47 22.08 -18.09
CA LEU B 402 -16.75 22.27 -19.51
C LEU B 402 -18.19 22.73 -19.73
N LYS B 403 -19.14 22.13 -19.02
CA LYS B 403 -20.53 22.51 -19.20
C LYS B 403 -20.78 23.93 -18.71
N GLU B 404 -20.16 24.31 -17.59
CA GLU B 404 -20.28 25.68 -17.12
C GLU B 404 -19.65 26.66 -18.09
N LEU B 405 -18.52 26.30 -18.69
CA LEU B 405 -17.91 27.15 -19.71
C LEU B 405 -18.85 27.32 -20.89
N LEU B 406 -19.50 26.24 -21.32
CA LEU B 406 -20.45 26.34 -22.44
C LEU B 406 -21.62 27.24 -22.07
N ILE B 407 -22.16 27.10 -20.86
CA ILE B 407 -23.28 27.94 -20.46
C ILE B 407 -22.87 29.41 -20.40
N LYS B 408 -21.70 29.69 -19.83
CA LYS B 408 -21.22 31.06 -19.75
C LYS B 408 -20.98 31.63 -21.15
N LEU B 409 -20.47 30.80 -22.06
CA LEU B 409 -20.28 31.24 -23.44
C LEU B 409 -21.61 31.55 -24.11
N GLU B 410 -22.63 30.73 -23.86
CA GLU B 410 -23.95 31.00 -24.42
C GLU B 410 -24.50 32.32 -23.87
N VAL B 411 -24.30 32.59 -22.59
CA VAL B 411 -24.73 33.87 -22.03
C VAL B 411 -23.95 35.02 -22.68
N HIS B 412 -22.64 34.85 -22.82
CA HIS B 412 -21.80 35.92 -23.37
C HIS B 412 -22.18 36.24 -24.80
N THR B 413 -22.34 35.22 -25.64
CA THR B 413 -22.77 35.42 -27.02
C THR B 413 -24.27 35.64 -27.14
N ARG B 414 -25.03 35.40 -26.08
CA ARG B 414 -26.46 35.64 -26.07
C ARG B 414 -27.18 34.81 -27.14
N LYS B 415 -26.68 33.60 -27.39
CA LYS B 415 -27.31 32.67 -28.31
C LYS B 415 -27.03 31.25 -27.85
N HIS B 416 -27.97 30.35 -28.11
CA HIS B 416 -27.77 28.95 -27.79
C HIS B 416 -26.74 28.33 -28.73
N LEU B 417 -25.90 27.46 -28.17
CA LEU B 417 -24.94 26.69 -28.95
C LEU B 417 -25.34 25.23 -29.11
N ILE B 418 -26.33 24.76 -28.35
CA ILE B 418 -26.91 23.44 -28.51
C ILE B 418 -28.43 23.58 -28.47
N GLU B 419 -29.13 22.50 -28.81
CA GLU B 419 -30.58 22.56 -28.92
C GLU B 419 -31.21 22.64 -27.53
N TYR B 420 -31.92 23.73 -27.28
CA TYR B 420 -32.78 23.87 -26.11
C TYR B 420 -34.24 23.86 -26.54
N PRO B 421 -35.08 23.02 -25.95
CA PRO B 421 -36.47 22.96 -26.39
C PRO B 421 -37.18 24.29 -26.17
N SER B 422 -38.11 24.60 -27.06
CA SER B 422 -38.76 25.90 -27.06
C SER B 422 -39.45 26.15 -25.71
N GLY B 423 -39.22 27.33 -25.15
CA GLY B 423 -39.89 27.75 -23.95
C GLY B 423 -41.18 28.48 -24.27
N PRO B 424 -41.91 28.91 -23.25
CA PRO B 424 -43.15 29.66 -23.49
C PRO B 424 -42.87 30.95 -24.24
N GLU B 425 -43.81 31.32 -25.10
CA GLU B 425 -43.62 32.48 -25.96
C GLU B 425 -43.95 33.77 -25.23
N ARG B 426 -43.24 34.84 -25.60
CA ARG B 426 -43.51 36.18 -25.11
C ARG B 426 -43.29 36.32 -23.62
N CYS B 427 -42.62 35.35 -22.99
CA CYS B 427 -42.42 35.40 -21.55
C CYS B 427 -41.10 36.12 -21.23
N VAL B 428 -41.03 36.61 -19.99
CA VAL B 428 -39.85 37.30 -19.49
C VAL B 428 -39.46 36.67 -18.16
N TYR B 429 -38.16 36.42 -17.99
CA TYR B 429 -37.64 35.81 -16.78
C TYR B 429 -36.98 36.88 -15.91
N TYR B 430 -37.13 36.75 -14.59
CA TYR B 430 -36.56 37.68 -13.63
C TYR B 430 -35.87 36.90 -12.53
N MET B 431 -34.87 37.54 -11.91
CA MET B 431 -34.08 36.86 -10.90
C MET B 431 -33.52 37.85 -9.88
N PRO B 432 -34.13 37.96 -8.70
CA PRO B 432 -33.53 38.81 -7.66
C PRO B 432 -32.14 38.33 -7.27
N GLN B 433 -31.29 39.28 -6.88
CA GLN B 433 -29.92 38.99 -6.49
C GLN B 433 -29.70 39.48 -5.07
N ARG B 434 -29.06 38.65 -4.25
CA ARG B 434 -28.82 39.01 -2.86
C ARG B 434 -27.67 40.01 -2.77
N PRO B 435 -27.85 41.14 -2.05
CA PRO B 435 -26.71 42.03 -1.79
C PRO B 435 -25.61 41.33 -1.01
N LYS B 436 -24.46 41.99 -0.87
CA LYS B 436 -23.35 41.40 -0.14
C LYS B 436 -23.51 41.54 1.37
N ASP B 437 -24.36 42.44 1.84
CA ASP B 437 -24.56 42.60 3.28
C ASP B 437 -25.13 41.34 3.89
N GLU B 438 -24.65 41.01 5.09
CA GLU B 438 -25.10 39.82 5.81
C GLU B 438 -25.97 40.13 7.01
N SER B 439 -26.32 41.40 7.24
CA SER B 439 -27.14 41.76 8.38
C SER B 439 -28.57 41.25 8.18
N SER B 440 -29.26 41.06 9.30
CA SER B 440 -30.61 40.50 9.27
C SER B 440 -31.59 41.40 8.52
N GLU B 441 -31.31 42.70 8.42
CA GLU B 441 -32.21 43.61 7.74
C GLU B 441 -32.23 43.39 6.23
N VAL B 442 -31.28 42.64 5.69
CA VAL B 442 -31.31 42.31 4.27
C VAL B 442 -32.55 41.48 3.95
N ARG B 443 -33.15 40.85 4.95
CA ARG B 443 -34.35 40.05 4.73
C ARG B 443 -35.44 40.86 4.05
N ASP B 444 -35.62 42.12 4.46
CA ASP B 444 -36.71 42.94 3.94
C ASP B 444 -36.25 43.99 2.92
N GLU B 445 -34.94 44.18 2.74
CA GLU B 445 -34.47 45.20 1.82
C GLU B 445 -34.85 44.85 0.38
N PRO B 446 -35.18 45.85 -0.44
CA PRO B 446 -35.29 45.61 -1.88
C PRO B 446 -33.94 45.19 -2.44
N TRP B 447 -33.98 44.31 -3.44
CA TRP B 447 -32.80 43.76 -4.06
C TRP B 447 -32.70 44.18 -5.52
N PRO B 448 -31.50 44.21 -6.08
CA PRO B 448 -31.38 44.35 -7.53
C PRO B 448 -32.01 43.15 -8.22
N VAL B 449 -32.70 43.41 -9.33
CA VAL B 449 -33.40 42.38 -10.08
C VAL B 449 -32.95 42.44 -11.53
N TYR B 450 -32.55 41.29 -12.06
CA TYR B 450 -32.12 41.17 -13.44
C TYR B 450 -33.13 40.36 -14.22
N ALA B 451 -33.18 40.59 -15.53
CA ALA B 451 -34.18 39.97 -16.37
C ALA B 451 -33.55 39.49 -17.66
N SER B 452 -34.18 38.50 -18.28
CA SER B 452 -33.76 38.00 -19.58
C SER B 452 -35.00 37.78 -20.44
N LYS B 453 -34.80 37.86 -21.75
CA LYS B 453 -35.90 37.72 -22.70
C LYS B 453 -35.36 37.14 -23.99
N LEU B 454 -36.18 36.34 -24.67
CA LEU B 454 -35.82 35.77 -25.96
C LEU B 454 -36.55 36.53 -27.06
N VAL B 455 -35.78 37.21 -27.91
CA VAL B 455 -36.30 37.89 -29.09
C VAL B 455 -35.65 37.23 -30.29
N GLY B 456 -36.46 36.64 -31.16
CA GLY B 456 -35.91 35.91 -32.27
C GLY B 456 -35.06 34.75 -31.77
N ASP B 457 -33.75 34.85 -32.02
CA ASP B 457 -32.80 33.84 -31.57
C ASP B 457 -31.82 34.36 -30.52
N GLU B 458 -31.76 35.67 -30.31
CA GLU B 458 -30.81 36.29 -29.39
C GLU B 458 -31.47 36.47 -28.03
N TRP B 459 -30.68 36.29 -26.96
CA TRP B 459 -31.16 36.47 -25.60
C TRP B 459 -30.81 37.87 -25.13
N GLN B 460 -31.82 38.62 -24.71
CA GLN B 460 -31.59 39.96 -24.16
C GLN B 460 -31.51 39.88 -22.65
N TYR B 461 -30.43 40.43 -22.08
CA TYR B 461 -30.24 40.48 -20.63
C TYR B 461 -30.15 41.93 -20.19
N THR B 462 -30.88 42.26 -19.12
CA THR B 462 -30.92 43.63 -18.62
C THR B 462 -31.17 43.59 -17.12
N GLN B 463 -30.96 44.72 -16.47
CA GLN B 463 -31.37 44.89 -15.08
C GLN B 463 -32.76 45.51 -15.06
N ALA B 464 -33.68 44.86 -14.35
CA ALA B 464 -35.08 45.28 -14.37
C ALA B 464 -35.23 46.69 -13.84
N THR B 465 -36.01 47.50 -14.55
CA THR B 465 -36.29 48.86 -14.11
C THR B 465 -37.28 48.84 -12.95
N GLN B 466 -37.26 49.93 -12.16
CA GLN B 466 -38.10 49.98 -10.96
C GLN B 466 -39.59 49.91 -11.33
N GLU B 467 -39.97 50.50 -12.46
CA GLU B 467 -41.37 50.42 -12.89
C GLU B 467 -41.78 48.98 -13.18
N GLU B 468 -40.92 48.23 -13.86
CA GLU B 468 -41.20 46.83 -14.13
C GLU B 468 -41.35 46.05 -12.83
N LEU B 469 -40.46 46.32 -11.86
CA LEU B 469 -40.53 45.61 -10.58
C LEU B 469 -41.80 45.95 -9.83
N GLU B 470 -42.21 47.22 -9.86
CA GLU B 470 -43.47 47.59 -9.21
C GLU B 470 -44.66 46.90 -9.87
N ASP B 471 -44.68 46.87 -11.21
CA ASP B 471 -45.76 46.18 -11.90
C ASP B 471 -45.78 44.69 -11.55
N ILE B 472 -44.60 44.06 -11.51
CA ILE B 472 -44.52 42.64 -11.18
C ILE B 472 -45.01 42.39 -9.76
N GLU B 473 -44.59 43.25 -8.82
CA GLU B 473 -45.02 43.10 -7.44
C GLU B 473 -46.53 43.23 -7.32
N LEU B 474 -47.12 44.20 -8.03
CA LEU B 474 -48.57 44.35 -7.98
C LEU B 474 -49.26 43.12 -8.58
N ASP B 475 -48.73 42.61 -9.68
CA ASP B 475 -49.39 41.49 -10.36
C ASP B 475 -49.30 40.20 -9.56
N LEU B 476 -48.16 39.95 -8.90
CA LEU B 476 -47.99 38.71 -8.16
C LEU B 476 -48.97 38.57 -7.01
N GLY B 477 -49.52 39.68 -6.51
CA GLY B 477 -50.48 39.59 -5.43
C GLY B 477 -49.88 38.95 -4.20
N ASN B 478 -50.61 37.98 -3.63
CA ASN B 478 -50.18 37.36 -2.38
C ASN B 478 -48.86 36.60 -2.53
N ASP B 479 -48.47 36.26 -3.76
CA ASP B 479 -47.24 35.50 -3.97
C ASP B 479 -46.01 36.38 -4.07
N LYS B 480 -46.14 37.70 -3.93
CA LYS B 480 -44.99 38.58 -4.03
C LYS B 480 -43.93 38.25 -2.99
N ARG B 481 -44.34 37.72 -1.83
CA ARG B 481 -43.39 37.42 -0.77
C ARG B 481 -42.32 36.44 -1.21
N HIS B 482 -42.62 35.59 -2.19
CA HIS B 482 -41.64 34.62 -2.67
C HIS B 482 -40.50 35.26 -3.46
N VAL B 483 -40.70 36.47 -3.97
CA VAL B 483 -39.75 37.08 -4.88
C VAL B 483 -39.12 38.32 -4.26
N PHE B 484 -39.84 38.97 -3.34
CA PHE B 484 -39.42 40.26 -2.81
C PHE B 484 -39.30 40.30 -1.30
N HIS B 485 -39.38 39.15 -0.62
CA HIS B 485 -39.25 39.12 0.83
C HIS B 485 -38.39 37.93 1.23
N GLY B 486 -37.70 38.06 2.36
CA GLY B 486 -36.88 37.00 2.89
C GLY B 486 -35.59 36.84 2.12
N PHE B 487 -34.73 35.97 2.64
CA PHE B 487 -33.51 35.59 1.94
C PHE B 487 -33.80 34.62 0.80
N GLU B 488 -34.92 33.90 0.88
CA GLU B 488 -35.33 32.96 -0.16
C GLU B 488 -36.12 33.64 -1.28
N ARG B 489 -35.48 34.51 -2.05
CA ARG B 489 -36.16 35.20 -3.14
C ARG B 489 -35.97 34.40 -4.43
N SER B 490 -37.07 33.88 -4.97
CA SER B 490 -36.98 32.96 -6.09
C SER B 490 -37.19 33.70 -7.42
N PRO B 491 -36.59 33.21 -8.50
CA PRO B 491 -36.86 33.80 -9.82
C PRO B 491 -38.28 33.50 -10.27
N VAL B 492 -38.78 34.34 -11.18
CA VAL B 492 -40.16 34.28 -11.62
C VAL B 492 -40.22 34.44 -13.13
N ILE B 493 -41.09 33.65 -13.76
CA ILE B 493 -41.43 33.82 -15.17
C ILE B 493 -42.64 34.73 -15.24
N TYR B 494 -42.57 35.75 -16.09
CA TYR B 494 -43.60 36.79 -16.14
C TYR B 494 -44.05 36.98 -17.58
N TRP B 495 -45.35 37.22 -17.76
CA TRP B 495 -45.96 37.46 -19.07
C TRP B 495 -46.48 38.88 -19.09
N PRO B 496 -45.72 39.83 -19.64
CA PRO B 496 -46.20 41.22 -19.67
C PRO B 496 -47.51 41.41 -20.42
N GLU B 497 -47.76 40.63 -21.46
CA GLU B 497 -48.94 40.86 -22.29
C GLU B 497 -50.24 40.42 -21.61
N THR B 498 -50.14 39.66 -20.52
CA THR B 498 -51.33 39.25 -19.78
C THR B 498 -51.18 39.40 -18.27
N GLY B 499 -49.98 39.69 -17.76
CA GLY B 499 -49.79 39.78 -16.33
C GLY B 499 -49.61 38.46 -15.63
N ASP B 500 -49.65 37.35 -16.37
CA ASP B 500 -49.51 36.04 -15.75
C ASP B 500 -48.07 35.82 -15.29
N TYR B 501 -47.92 34.93 -14.31
CA TYR B 501 -46.63 34.64 -13.72
C TYR B 501 -46.56 33.17 -13.36
N ALA B 502 -45.34 32.71 -13.05
CA ALA B 502 -45.11 31.34 -12.64
C ALA B 502 -43.87 31.29 -11.75
N ILE B 503 -44.06 30.83 -10.52
CA ILE B 503 -42.97 30.70 -9.55
C ILE B 503 -42.79 29.23 -9.23
N PHE B 504 -41.53 28.81 -9.13
CA PHE B 504 -41.17 27.40 -8.94
C PHE B 504 -40.63 27.26 -7.52
N ILE B 505 -41.43 26.64 -6.66
CA ILE B 505 -41.18 26.63 -5.22
C ILE B 505 -40.87 25.20 -4.78
N ASP B 506 -39.83 25.05 -3.96
CA ASP B 506 -39.55 23.77 -3.32
C ASP B 506 -40.45 23.61 -2.12
N THR B 507 -41.41 22.69 -2.22
CA THR B 507 -42.39 22.51 -1.15
C THR B 507 -41.80 21.88 0.10
N GLY B 508 -40.68 21.17 -0.02
CA GLY B 508 -40.12 20.42 1.08
C GLY B 508 -40.69 19.03 1.23
N ILE B 509 -41.72 18.67 0.46
CA ILE B 509 -42.26 17.32 0.51
C ILE B 509 -41.30 16.37 -0.18
N GLN B 510 -41.15 15.19 0.40
CA GLN B 510 -40.24 14.18 -0.11
C GLN B 510 -41.01 13.05 -0.78
N MET B 511 -40.54 12.65 -1.96
CA MET B 511 -41.17 11.56 -2.69
C MET B 511 -40.58 10.22 -2.22
N LEU B 512 -41.46 9.28 -1.91
CA LEU B 512 -41.04 8.01 -1.36
C LEU B 512 -41.30 6.87 -2.35
N PRO B 513 -40.40 5.90 -2.46
CA PRO B 513 -40.71 4.71 -3.24
C PRO B 513 -41.78 3.87 -2.57
N GLU B 514 -42.21 2.81 -3.26
CA GLU B 514 -43.22 1.91 -2.72
C GLU B 514 -42.60 1.05 -1.63
N PHE B 515 -42.35 1.66 -0.46
CA PHE B 515 -41.51 1.01 0.53
C PHE B 515 -42.22 -0.14 1.23
N GLU B 516 -43.55 -0.08 1.35
CA GLU B 516 -44.26 -1.22 1.92
C GLU B 516 -44.07 -2.47 1.07
N ALA B 517 -44.24 -2.35 -0.24
CA ALA B 517 -44.07 -3.49 -1.13
C ALA B 517 -42.63 -3.96 -1.15
N VAL B 518 -41.68 -3.02 -1.18
CA VAL B 518 -40.27 -3.39 -1.17
C VAL B 518 -39.92 -4.13 0.10
N ALA B 519 -40.44 -3.66 1.24
CA ALA B 519 -40.20 -4.33 2.51
C ALA B 519 -40.80 -5.72 2.52
N GLU B 520 -42.00 -5.88 1.97
CA GLU B 520 -42.60 -7.21 1.89
C GLU B 520 -41.74 -8.15 1.05
N ARG B 521 -41.28 -7.68 -0.11
CA ARG B 521 -40.44 -8.51 -0.96
C ARG B 521 -39.13 -8.86 -0.26
N LEU B 522 -38.53 -7.90 0.42
CA LEU B 522 -37.26 -8.14 1.10
C LEU B 522 -37.45 -9.14 2.24
N ARG B 523 -38.56 -9.05 2.98
CA ARG B 523 -38.82 -10.03 4.01
C ARG B 523 -39.02 -11.42 3.42
N GLU B 524 -39.73 -11.51 2.29
CA GLU B 524 -39.90 -12.81 1.64
C GLU B 524 -38.55 -13.39 1.24
N LEU B 525 -37.67 -12.56 0.67
CA LEU B 525 -36.33 -13.04 0.31
C LEU B 525 -35.55 -13.46 1.55
N LYS B 526 -35.68 -12.69 2.63
CA LYS B 526 -34.97 -13.02 3.86
C LYS B 526 -35.40 -14.38 4.40
N GLU B 527 -36.70 -14.65 4.40
CA GLU B 527 -37.19 -15.94 4.86
C GLU B 527 -36.70 -17.06 3.94
N GLY B 528 -36.74 -16.83 2.63
CA GLY B 528 -36.33 -17.87 1.70
C GLY B 528 -34.85 -18.21 1.81
N ARG B 529 -33.99 -17.18 1.89
CA ARG B 529 -32.56 -17.39 1.92
C ARG B 529 -32.08 -18.02 3.23
N SER B 530 -32.93 -18.07 4.25
CA SER B 530 -32.54 -18.65 5.53
C SER B 530 -32.47 -20.17 5.49
N GLN B 531 -32.99 -20.81 4.45
CA GLN B 531 -33.03 -22.25 4.34
C GLN B 531 -31.99 -22.72 3.33
N ASP B 532 -31.12 -23.64 3.75
CA ASP B 532 -30.17 -24.25 2.85
C ASP B 532 -30.90 -25.18 1.89
N VAL B 533 -30.49 -25.18 0.62
CA VAL B 533 -31.16 -25.97 -0.40
C VAL B 533 -30.60 -27.38 -0.40
N PRO B 534 -31.44 -28.41 -0.26
CA PRO B 534 -30.93 -29.79 -0.37
C PRO B 534 -30.30 -30.04 -1.74
N ILE B 535 -29.25 -30.86 -1.75
CA ILE B 535 -28.59 -31.20 -3.01
C ILE B 535 -29.54 -31.97 -3.92
N ALA B 536 -30.56 -32.60 -3.35
CA ALA B 536 -31.50 -33.37 -4.16
C ALA B 536 -32.21 -32.48 -5.17
N LEU B 537 -32.60 -31.27 -4.76
CA LEU B 537 -33.27 -30.37 -5.69
C LEU B 537 -32.33 -29.92 -6.80
N LEU B 538 -31.06 -29.66 -6.48
CA LEU B 538 -30.11 -29.28 -7.51
C LEU B 538 -29.90 -30.43 -8.51
N ALA B 539 -29.78 -31.65 -8.00
CA ALA B 539 -29.65 -32.80 -8.90
C ALA B 539 -30.89 -32.95 -9.77
N GLN B 540 -32.07 -32.75 -9.19
CA GLN B 540 -33.31 -32.82 -9.95
C GLN B 540 -33.33 -31.78 -11.06
N PHE B 541 -32.91 -30.55 -10.75
CA PHE B 541 -32.89 -29.51 -11.77
C PHE B 541 -31.91 -29.86 -12.88
N ILE B 542 -30.72 -30.35 -12.52
CA ILE B 542 -29.75 -30.75 -13.53
C ILE B 542 -30.34 -31.83 -14.43
N GLU B 543 -31.04 -32.79 -13.83
CA GLU B 543 -31.69 -33.85 -14.60
C GLU B 543 -32.75 -33.29 -15.54
N GLU B 544 -33.58 -32.35 -15.04
CA GLU B 544 -34.77 -31.94 -15.75
C GLU B 544 -34.47 -30.97 -16.91
N ASN B 545 -33.41 -30.16 -16.78
CA ASN B 545 -33.09 -29.13 -17.78
C ASN B 545 -31.64 -29.25 -18.24
N PRO B 546 -31.29 -30.36 -18.89
CA PRO B 546 -29.90 -30.52 -19.35
C PRO B 546 -29.45 -29.44 -20.31
N GLU B 547 -30.36 -28.85 -21.07
CA GLU B 547 -30.00 -27.77 -21.98
C GLU B 547 -29.70 -26.47 -21.25
N SER B 548 -30.15 -26.33 -20.02
CA SER B 548 -29.87 -25.11 -19.25
C SER B 548 -28.38 -24.95 -19.06
N LYS B 549 -27.89 -23.71 -19.22
CA LYS B 549 -26.46 -23.47 -19.10
C LYS B 549 -26.07 -23.07 -17.68
N VAL B 550 -27.03 -23.01 -16.76
CA VAL B 550 -26.69 -22.88 -15.35
C VAL B 550 -26.05 -24.16 -14.84
N ILE B 551 -26.31 -25.28 -15.51
CA ILE B 551 -25.78 -26.57 -15.06
C ILE B 551 -24.26 -26.56 -15.08
N ASN B 552 -23.65 -25.89 -16.05
CA ASN B 552 -22.20 -25.80 -16.07
C ASN B 552 -21.66 -25.21 -14.78
N LYS B 553 -22.44 -24.35 -14.14
CA LYS B 553 -22.02 -23.74 -12.88
C LYS B 553 -22.42 -24.61 -11.69
N LEU B 554 -23.61 -25.21 -11.76
CA LEU B 554 -24.11 -26.01 -10.63
C LEU B 554 -23.27 -27.26 -10.44
N ARG B 555 -22.84 -27.90 -11.52
CA ARG B 555 -21.98 -29.07 -11.40
C ARG B 555 -20.68 -28.71 -10.71
N ALA B 556 -20.07 -27.59 -11.10
CA ALA B 556 -18.83 -27.15 -10.48
C ALA B 556 -19.06 -26.87 -9.00
N ILE B 557 -20.16 -26.19 -8.67
CA ILE B 557 -20.43 -25.84 -7.27
C ILE B 557 -20.62 -27.11 -6.44
N LEU B 558 -21.39 -28.07 -6.96
CA LEU B 558 -21.62 -29.30 -6.22
C LEU B 558 -20.33 -30.10 -6.05
N SER B 559 -19.51 -30.16 -7.11
CA SER B 559 -18.23 -30.87 -7.01
C SER B 559 -17.33 -30.25 -5.95
N GLU B 560 -17.46 -28.94 -5.70
CA GLU B 560 -16.70 -28.25 -4.67
C GLU B 560 -17.47 -28.15 -3.36
N TRP B 561 -18.32 -29.13 -3.06
CA TRP B 561 -19.18 -29.10 -1.89
C TRP B 561 -19.36 -30.53 -1.37
N ASP B 562 -19.78 -30.63 -0.10
CA ASP B 562 -20.00 -31.90 0.55
C ASP B 562 -21.35 -32.46 0.10
N ASP B 563 -21.35 -33.71 -0.35
CA ASP B 563 -22.58 -34.31 -0.86
C ASP B 563 -23.63 -34.49 0.22
N VAL B 564 -23.25 -34.36 1.50
CA VAL B 564 -24.20 -34.62 2.58
C VAL B 564 -24.86 -33.33 3.06
N ALA B 565 -24.21 -32.18 2.88
CA ALA B 565 -24.69 -30.93 3.47
C ALA B 565 -25.51 -30.15 2.46
N PRO B 566 -26.71 -29.68 2.82
CA PRO B 566 -27.45 -28.79 1.92
C PRO B 566 -26.66 -27.51 1.64
N LEU B 567 -26.82 -26.98 0.44
CA LEU B 567 -26.07 -25.80 0.04
C LEU B 567 -26.74 -24.54 0.58
N PRO B 568 -26.02 -23.69 1.32
CA PRO B 568 -26.58 -22.38 1.68
C PRO B 568 -26.64 -21.47 0.46
N PHE B 569 -27.55 -20.50 0.54
CA PHE B 569 -27.77 -19.61 -0.61
C PHE B 569 -26.49 -18.93 -1.04
N ASP B 570 -25.57 -18.70 -0.10
CA ASP B 570 -24.35 -17.96 -0.42
C ASP B 570 -23.51 -18.67 -1.47
N GLU B 571 -23.73 -19.97 -1.67
CA GLU B 571 -22.97 -20.70 -2.69
C GLU B 571 -23.44 -20.36 -4.10
N PHE B 572 -24.73 -20.06 -4.28
CA PHE B 572 -25.26 -19.71 -5.59
C PHE B 572 -25.06 -18.24 -5.93
N SER B 573 -24.47 -17.46 -5.03
CA SER B 573 -24.38 -16.01 -5.24
C SER B 573 -23.74 -15.68 -6.58
N THR B 574 -22.77 -16.48 -7.02
CA THR B 574 -22.11 -16.22 -8.29
C THR B 574 -23.05 -16.41 -9.48
N ILE B 575 -24.19 -17.08 -9.28
CA ILE B 575 -25.14 -17.31 -10.36
C ILE B 575 -26.10 -16.13 -10.37
N ALA B 576 -25.80 -15.12 -11.18
CA ALA B 576 -26.59 -13.91 -11.22
C ALA B 576 -27.97 -14.17 -11.80
N TYR B 577 -28.94 -13.39 -11.33
CA TYR B 577 -30.32 -13.42 -11.85
C TYR B 577 -30.46 -12.57 -13.11
N LYS B 578 -29.62 -12.81 -14.12
CA LYS B 578 -29.53 -11.95 -15.29
C LYS B 578 -29.97 -12.65 -16.57
N SER B 579 -29.40 -13.80 -16.88
CA SER B 579 -29.74 -14.49 -18.12
C SER B 579 -31.08 -15.20 -17.99
N SER B 580 -31.66 -15.54 -19.15
CA SER B 580 -32.96 -16.21 -19.15
C SER B 580 -32.88 -17.56 -18.45
N ASP B 581 -31.80 -18.32 -18.69
CA ASP B 581 -31.67 -19.62 -18.05
C ASP B 581 -31.49 -19.49 -16.55
N GLU B 582 -30.71 -18.50 -16.10
CA GLU B 582 -30.56 -18.27 -14.67
C GLU B 582 -31.89 -17.85 -14.04
N LYS B 583 -32.65 -17.00 -14.72
CA LYS B 583 -33.97 -16.61 -14.22
C LYS B 583 -34.88 -17.82 -14.11
N GLN B 584 -34.85 -18.69 -15.12
CA GLN B 584 -35.67 -19.91 -15.07
C GLN B 584 -35.24 -20.80 -13.92
N PHE B 585 -33.93 -20.93 -13.70
CA PHE B 585 -33.44 -21.76 -12.60
C PHE B 585 -33.92 -21.22 -11.26
N TYR B 586 -33.79 -19.92 -11.04
CA TYR B 586 -34.20 -19.33 -9.77
C TYR B 586 -35.71 -19.40 -9.59
N ASP B 587 -36.47 -19.20 -10.67
CA ASP B 587 -37.91 -19.36 -10.58
C ASP B 587 -38.30 -20.79 -10.24
N TRP B 588 -37.62 -21.77 -10.83
CA TRP B 588 -37.86 -23.16 -10.50
C TRP B 588 -37.58 -23.44 -9.03
N LEU B 589 -36.47 -22.89 -8.52
CA LEU B 589 -36.19 -23.05 -7.09
C LEU B 589 -37.29 -22.42 -6.25
N ARG B 590 -37.83 -21.28 -6.68
CA ARG B 590 -38.90 -20.64 -5.93
C ARG B 590 -40.11 -21.55 -5.82
N GLU B 591 -40.47 -22.23 -6.91
CA GLU B 591 -41.57 -23.17 -6.86
C GLU B 591 -41.32 -24.30 -5.86
N GLN B 592 -40.06 -24.69 -5.67
CA GLN B 592 -39.71 -25.68 -4.66
C GLN B 592 -39.83 -25.14 -3.24
N GLY B 593 -40.05 -23.84 -3.07
CA GLY B 593 -40.12 -23.22 -1.77
C GLY B 593 -38.87 -22.46 -1.36
N PHE B 594 -37.90 -22.32 -2.25
CA PHE B 594 -36.66 -21.60 -1.95
C PHE B 594 -36.64 -20.32 -2.78
N PHE B 595 -37.17 -19.25 -2.18
CA PHE B 595 -37.23 -17.94 -2.82
C PHE B 595 -35.94 -17.19 -2.52
N LEU B 596 -34.99 -17.30 -3.45
CA LEU B 596 -33.66 -16.76 -3.24
C LEU B 596 -33.42 -15.43 -3.95
N LYS B 597 -33.75 -15.34 -5.24
CA LYS B 597 -33.47 -14.15 -6.01
C LYS B 597 -34.71 -13.79 -6.83
N THR B 598 -34.84 -12.50 -7.13
CA THR B 598 -36.04 -12.01 -7.81
C THR B 598 -35.74 -10.65 -8.43
N SER B 599 -36.67 -10.19 -9.25
CA SER B 599 -36.60 -8.86 -9.85
C SER B 599 -37.30 -7.86 -8.95
N ILE B 600 -36.59 -6.79 -8.59
CA ILE B 600 -37.09 -5.77 -7.67
C ILE B 600 -37.23 -4.42 -8.34
N ARG B 601 -36.29 -4.04 -9.21
CA ARG B 601 -36.28 -2.72 -9.82
C ARG B 601 -36.70 -2.75 -11.28
N GLY B 602 -37.57 -3.68 -11.67
CA GLY B 602 -38.10 -3.66 -13.01
C GLY B 602 -39.19 -2.61 -13.15
N GLN B 603 -39.28 -2.01 -14.34
CA GLN B 603 -40.28 -0.98 -14.58
C GLN B 603 -41.69 -1.51 -14.36
N SER B 604 -41.93 -2.80 -14.63
CA SER B 604 -43.24 -3.37 -14.38
C SER B 604 -43.64 -3.23 -12.92
N GLU B 605 -42.71 -3.52 -12.01
CA GLU B 605 -43.00 -3.35 -10.58
C GLU B 605 -43.21 -1.88 -10.25
N GLY B 606 -42.32 -1.01 -10.71
CA GLY B 606 -42.46 0.42 -10.48
C GLY B 606 -42.25 0.87 -9.05
N PHE B 607 -41.51 0.12 -8.25
CA PHE B 607 -41.30 0.49 -6.86
C PHE B 607 -40.54 1.81 -6.74
N PHE B 608 -39.52 2.02 -7.57
CA PHE B 608 -38.63 3.16 -7.45
C PHE B 608 -38.98 4.27 -8.43
N ASN B 609 -40.22 4.32 -8.92
CA ASN B 609 -40.62 5.40 -9.82
C ASN B 609 -40.51 6.75 -9.12
N ALA B 610 -40.80 6.79 -7.83
CA ALA B 610 -40.82 8.05 -7.09
C ALA B 610 -39.43 8.63 -6.90
N SER B 611 -38.40 7.98 -7.46
CA SER B 611 -37.04 8.48 -7.38
C SER B 611 -36.29 8.36 -8.71
N LEU B 612 -36.99 8.32 -9.83
CA LEU B 612 -36.37 8.17 -11.14
C LEU B 612 -36.97 9.17 -12.12
N GLY B 613 -36.13 9.62 -13.06
CA GLY B 613 -36.61 10.41 -14.17
C GLY B 613 -37.16 11.76 -13.73
N PHE B 614 -38.02 12.31 -14.56
CA PHE B 614 -38.66 13.60 -14.30
C PHE B 614 -40.16 13.41 -14.33
N PHE B 615 -40.83 13.73 -13.22
CA PHE B 615 -42.27 13.63 -13.10
C PHE B 615 -42.88 15.02 -13.09
N TYR B 616 -43.96 15.20 -13.84
CA TYR B 616 -44.61 16.50 -13.94
C TYR B 616 -46.11 16.29 -14.06
N ASN B 617 -46.86 17.21 -13.46
CA ASN B 617 -48.33 17.19 -13.50
C ASN B 617 -48.81 18.57 -13.87
N ARG B 618 -49.42 18.70 -15.05
CA ARG B 618 -49.83 20.02 -15.53
C ARG B 618 -50.99 20.58 -14.72
N GLU B 619 -52.02 19.77 -14.49
CA GLU B 619 -53.24 20.29 -13.86
C GLU B 619 -52.93 20.92 -12.51
N GLN B 620 -52.24 20.19 -11.64
CA GLN B 620 -51.94 20.66 -10.30
C GLN B 620 -50.56 21.29 -10.18
N GLY B 621 -49.76 21.26 -11.24
CA GLY B 621 -48.51 21.99 -11.26
C GLY B 621 -47.47 21.55 -10.25
N MET B 622 -47.35 20.25 -10.00
CA MET B 622 -46.25 19.73 -9.20
C MET B 622 -45.33 18.89 -10.08
N TYR B 623 -44.05 18.88 -9.72
CA TYR B 623 -43.07 18.09 -10.47
C TYR B 623 -41.92 17.75 -9.54
N PHE B 624 -41.15 16.73 -9.93
CA PHE B 624 -39.94 16.37 -9.21
C PHE B 624 -39.01 15.63 -10.16
N ALA B 625 -37.73 15.60 -9.80
CA ALA B 625 -36.71 14.96 -10.62
C ALA B 625 -35.92 13.98 -9.77
N GLY B 626 -35.51 12.88 -10.39
CA GLY B 626 -34.75 11.86 -9.70
C GLY B 626 -33.51 11.45 -10.46
N GLY B 627 -33.22 10.15 -10.47
CA GLY B 627 -32.05 9.64 -11.15
C GLY B 627 -32.35 9.20 -12.57
N LYS B 628 -31.34 8.59 -13.18
CA LYS B 628 -31.42 8.10 -14.55
C LYS B 628 -31.04 6.63 -14.58
N GLY B 629 -31.73 5.87 -15.43
CA GLY B 629 -31.46 4.46 -15.53
C GLY B 629 -32.06 3.68 -14.37
N SER B 630 -31.43 2.57 -14.03
CA SER B 630 -31.91 1.74 -12.93
C SER B 630 -31.58 2.39 -11.59
N PRO B 631 -32.42 2.22 -10.59
CA PRO B 631 -32.10 2.77 -9.26
C PRO B 631 -30.89 2.07 -8.66
N GLN B 632 -29.96 2.88 -8.17
CA GLN B 632 -28.85 2.32 -7.40
C GLN B 632 -29.38 1.70 -6.11
N SER B 633 -28.75 0.62 -5.67
CA SER B 633 -29.25 -0.12 -4.53
C SER B 633 -29.28 0.71 -3.26
N LYS B 634 -28.47 1.77 -3.17
CA LYS B 634 -28.39 2.60 -1.99
C LYS B 634 -28.63 4.05 -2.41
N ILE B 635 -29.82 4.57 -2.11
CA ILE B 635 -30.22 5.92 -2.47
C ILE B 635 -30.13 6.77 -1.21
N GLU B 636 -29.36 7.86 -1.30
CA GLU B 636 -29.02 8.64 -0.11
C GLU B 636 -29.96 9.82 0.12
N THR B 637 -30.90 10.09 -0.77
CA THR B 637 -31.73 11.27 -0.63
C THR B 637 -33.10 11.04 -1.26
N PHE B 638 -34.06 11.83 -0.81
CA PHE B 638 -35.40 11.86 -1.40
C PHE B 638 -35.53 13.04 -2.34
N SER B 639 -36.06 12.79 -3.54
CA SER B 639 -36.37 13.88 -4.45
C SER B 639 -37.53 14.69 -3.89
N HIS B 640 -37.34 16.00 -3.82
CA HIS B 640 -38.37 16.88 -3.29
C HIS B 640 -39.45 17.14 -4.35
N LEU B 641 -40.66 17.35 -3.88
CA LEU B 641 -41.77 17.74 -4.76
C LEU B 641 -41.78 19.25 -4.91
N TYR B 642 -41.70 19.72 -6.15
CA TYR B 642 -41.70 21.15 -6.45
C TYR B 642 -43.08 21.56 -6.91
N LEU B 643 -43.51 22.76 -6.49
CA LEU B 643 -44.83 23.29 -6.80
C LEU B 643 -44.67 24.53 -7.68
N ILE B 644 -45.25 24.48 -8.87
CA ILE B 644 -45.28 25.65 -9.74
C ILE B 644 -46.50 26.47 -9.38
N LYS B 645 -46.29 27.65 -8.81
CA LYS B 645 -47.36 28.55 -8.45
C LYS B 645 -47.53 29.59 -9.56
N HIS B 646 -48.74 29.67 -10.11
CA HIS B 646 -48.99 30.46 -11.30
C HIS B 646 -50.41 31.03 -11.23
N SER B 647 -50.70 31.92 -12.17
CA SER B 647 -52.02 32.53 -12.27
C SER B 647 -52.84 32.00 -13.45
N PHE B 648 -52.26 31.15 -14.29
CA PHE B 648 -52.99 30.61 -15.42
C PHE B 648 -54.15 29.73 -14.96
N ASP B 649 -55.23 29.73 -15.75
CA ASP B 649 -56.25 28.71 -15.57
C ASP B 649 -55.68 27.33 -15.86
N ALA B 650 -54.85 27.22 -16.89
CA ALA B 650 -54.10 26.01 -17.18
C ALA B 650 -52.70 26.42 -17.62
N LEU B 651 -51.70 25.78 -17.03
CA LEU B 651 -50.33 26.18 -17.28
C LEU B 651 -49.98 25.96 -18.75
N PRO B 652 -49.22 26.86 -19.37
CA PRO B 652 -48.79 26.64 -20.76
C PRO B 652 -47.97 25.35 -20.89
N GLU B 653 -48.16 24.66 -22.00
CA GLU B 653 -47.47 23.39 -22.20
C GLU B 653 -45.97 23.62 -22.32
N GLU B 654 -45.56 24.74 -22.89
CA GLU B 654 -44.14 24.98 -23.12
C GLU B 654 -43.34 25.00 -21.83
N VAL B 655 -43.99 25.22 -20.69
CA VAL B 655 -43.27 25.25 -19.42
C VAL B 655 -42.60 23.91 -19.15
N GLU B 656 -43.25 22.80 -19.52
CA GLU B 656 -42.64 21.50 -19.37
C GLU B 656 -41.31 21.41 -20.11
N ASN B 657 -41.22 22.06 -21.27
CA ASN B 657 -40.01 21.96 -22.08
C ASN B 657 -38.80 22.52 -21.35
N LEU B 658 -39.01 23.44 -20.41
CA LEU B 658 -37.89 24.09 -19.74
C LEU B 658 -37.06 23.12 -18.91
N PHE B 659 -37.58 21.93 -18.60
CA PHE B 659 -36.87 20.97 -17.75
C PHE B 659 -36.19 19.85 -18.53
N ASP B 660 -36.40 19.76 -19.84
CA ASP B 660 -35.77 18.70 -20.62
C ASP B 660 -34.32 19.07 -20.93
N VAL B 661 -33.54 19.33 -19.89
CA VAL B 661 -32.15 19.76 -20.04
C VAL B 661 -31.30 18.97 -19.06
N TYR B 662 -30.38 18.16 -19.59
CA TYR B 662 -29.59 17.24 -18.77
C TYR B 662 -28.17 17.75 -18.52
N HIS B 663 -27.92 19.05 -18.61
CA HIS B 663 -26.62 19.60 -18.26
C HIS B 663 -26.72 20.75 -17.27
N LEU B 664 -27.92 21.23 -16.95
CA LEU B 664 -28.07 22.14 -15.83
C LEU B 664 -27.70 21.43 -14.53
N ARG B 665 -28.29 20.27 -14.29
CA ARG B 665 -27.87 19.35 -13.24
C ARG B 665 -27.05 18.25 -13.89
N HIS B 666 -25.78 18.15 -13.50
CA HIS B 666 -24.81 17.39 -14.28
C HIS B 666 -25.32 15.97 -14.54
N ARG B 667 -25.61 15.66 -15.80
CA ARG B 667 -25.97 14.32 -16.23
C ARG B 667 -27.17 13.77 -15.47
N LEU B 668 -28.10 14.65 -15.09
CA LEU B 668 -29.30 14.25 -14.38
C LEU B 668 -30.41 15.23 -14.69
N PRO B 669 -31.67 14.78 -14.62
CA PRO B 669 -32.78 15.71 -14.82
C PRO B 669 -32.77 16.81 -13.77
N THR B 670 -33.21 18.00 -14.18
CA THR B 670 -33.14 19.16 -13.33
C THR B 670 -34.53 19.55 -12.81
N VAL B 671 -34.54 20.30 -11.71
CA VAL B 671 -35.75 20.88 -11.15
C VAL B 671 -35.81 22.38 -11.37
N THR B 672 -34.83 22.96 -12.08
CA THR B 672 -34.77 24.39 -12.34
C THR B 672 -34.87 24.65 -13.84
N PRO B 673 -35.76 25.53 -14.30
CA PRO B 673 -35.78 25.87 -15.72
C PRO B 673 -34.44 26.41 -16.19
N TYR B 674 -34.05 26.03 -17.40
CA TYR B 674 -32.76 26.47 -17.93
C TYR B 674 -32.68 27.97 -18.15
N PRO B 675 -33.75 28.69 -18.48
CA PRO B 675 -33.63 30.15 -18.55
C PRO B 675 -33.14 30.74 -17.25
N PHE B 676 -33.59 30.18 -16.12
CA PHE B 676 -33.11 30.66 -14.83
C PHE B 676 -31.63 30.36 -14.63
N LYS B 677 -31.16 29.20 -15.10
CA LYS B 677 -29.73 28.92 -15.02
C LYS B 677 -28.93 29.94 -15.81
N HIS B 678 -29.37 30.24 -17.03
CA HIS B 678 -28.66 31.23 -17.85
C HIS B 678 -28.69 32.61 -17.19
N LEU B 679 -29.85 32.99 -16.65
CA LEU B 679 -29.99 34.30 -16.02
C LEU B 679 -29.10 34.39 -14.77
N ARG B 680 -29.03 33.30 -14.00
CA ARG B 680 -28.15 33.27 -12.83
C ARG B 680 -26.70 33.44 -13.24
N GLU B 681 -26.30 32.75 -14.31
CA GLU B 681 -24.93 32.91 -14.80
C GLU B 681 -24.67 34.35 -15.22
N TYR B 682 -25.62 34.96 -15.93
CA TYR B 682 -25.47 36.35 -16.33
C TYR B 682 -25.32 37.27 -15.12
N VAL B 683 -26.17 37.07 -14.11
CA VAL B 683 -26.10 37.90 -12.91
C VAL B 683 -24.74 37.72 -12.23
N GLU B 684 -24.24 36.49 -12.19
CA GLU B 684 -22.93 36.26 -11.62
C GLU B 684 -21.84 36.98 -12.39
N MET B 685 -21.94 37.00 -13.73
CA MET B 685 -20.92 37.69 -14.52
C MET B 685 -20.89 39.18 -14.22
N GLN B 686 -22.06 39.79 -14.02
CA GLN B 686 -22.14 41.24 -13.82
C GLN B 686 -21.59 41.68 -12.47
N ARG B 687 -21.23 40.75 -11.59
CA ARG B 687 -20.80 41.14 -10.24
C ARG B 687 -19.59 42.06 -10.29
N PHE B 688 -18.59 41.72 -11.12
CA PHE B 688 -17.36 42.49 -11.18
C PHE B 688 -17.48 43.74 -12.04
N ARG B 689 -18.57 43.90 -12.79
CA ARG B 689 -18.79 45.12 -13.55
C ARG B 689 -19.47 46.21 -12.74
N SER B 690 -19.93 45.90 -11.53
CA SER B 690 -20.59 46.88 -10.68
C SER B 690 -19.61 47.97 -10.26
#